data_6YAF
#
_entry.id   6YAF
#
loop_
_entity.id
_entity.type
_entity.pdbx_description
1 polymer 'AP-2 complex subunit alpha-2'
2 polymer 'AP-2 complex subunit beta'
3 polymer 'AP-2 complex subunit mu'
4 polymer 'Tyrosine type cargo signal derived from TGN38'
5 polymer 'AP-2 complex subunit sigma'
#
loop_
_entity_poly.entity_id
_entity_poly.type
_entity_poly.pdbx_seq_one_letter_code
_entity_poly.pdbx_strand_id
1 'polypeptide(L)'
;MPAVSKGDGMRGLAVFISDIRNCKSKEAEIKRINKELANIRSKFKGDKALDGYSKKKYVCKLLFIFLLGHDIDFGHMEAV
NLLSSNRYTEKQIGYLFISVLVNSNSELIRLINNAIKNDLASRNPTFMGLALHCIANVGSREMAEAFAGEIPKILVAGDT
MDSVKQSAALCLLRLYRTSPDLVPMGDWTSRVVHLLNDQHLGVVTAATSLITTLAQKNPEEFKTSVSLAVSRLSRIVTSA
STDLQDYTYYFVPAPWLSVKLLRLLQCYPPPEDPAVRGRLTECLETILNKAQEPPKSKKVQHSNAKNAVLFEAISLIIHH
DSEPNLLVRACNQLGQFLQHRETNLRYLALESMCTLASSEFSHEAVKTHIETVINALKTERDVSVRQRAVDLLYAMCDRS
NAQQIVAEMLSYLETADYSIREEIVLKVAILAEKYAVDYTWYVDTILNLIRIAGDYVSEEVWYRVIQIVINRDDVQGYAA
KTVFEALQAPACHENLVKVGGYILGEFGNLIAGDPRSSPLIQFNLLHSKFHLCSVPTRALLLSTYIKFVNLFPEVKATIQ
DVLRSDSQLKNADVELQQRAVEYLRLSTVASTDILATVLEEMPPFPERESSILAKLKKKKGGSGLVPR
;
A
2 'polypeptide(L)'
;MHHHHHHMTDSKYFTTNKKGEIFELKAELNNEKKEKRKEAVKKVIAAMTVGKDVSSLFPDVVNCMQTDNLELKKLVYLYL
MNYAKSQPDMAIMAVNSFVKDCEDPNPLIRALAVRTMGCIRVDKITEYLCEPLRKCLKDEDPYVRKTAAVCVAKLHDINA
QMVEDQGFLDSLRDLIADSNPMVVANAVAALSEISESHPNSNLLDLNPQNINKLLTALNECTEWGQIFILDCLSNYNPKD
DREAQSICERVTPRLSHANSAVVLSAVKVLMKFLELLPKDSDYYNMLLKKLAPPLVTLLSGEPEVQYVALRNINLIVQKR
PEILKQEIKVFFVKYNDPIYVKLEKLDIMIRLASQANIAQVLAELKEYATEVDVDFVRKAVRAIGRCAIKVEQSAERCVS
TLLDLIQTKVNYVVQEAIVVIRDIFRKYPNKYESIIATLCENLDSLDEPDARAAMIWIVGEYAERIDNADELLESFLEGF
HDESTQVQLTLLTAIVKLFLKKPSETQELVQQVLSLATQDSDNPDLRDRGYIYWRLLSTDPVTAKEVVLSEKPLISEETD
LIEPTLLDELICHIGSLASVYHKPPNAFVEGSHGIHRKHLPIHHGSTDAGDSPVGTTTATNLEQPQVIPSQGDLLGDLLN
LDLGPPVNVPQVSSMQMGAVDLLGGGLDSLVGQSFIPSSVPATFAPSPTPAVVSSGLNDLFELSTGIGMAPGGYVAPKAV
WLPAVKAKGLEISGTFTHRQGHIYMEMNFTNKALQHMTDFAIQFNKNSFGVIPSTPLAIHTPLMPNQSIDVSLPLNTLGP
VMKMEPLNNLQVAVKNNIDVFYFSCLIPLNVLFVEDGKMERQVFLATWKDIPNENELQFQIKECHLNADTVSSKLQNNNV
YTIAKRNVEGQDMLYQSLKLTNGIWILAELRIQPGNPNYTLSLKCRAPEVSQYIYQVYDSILKN
;
B
3 'polypeptide(L)'
;MIGGLFIYNHKGEVLISRVYRDDIGRNAVDAFRVNVIHARQQVRSPVTNIARTSFFHVKRSNIWLAAVTKQNVNAAMVFE
FLYKMCDVMAAYFGKISEENIKNNFVLIYELLDEILDFGYPQNSETGALKTFITQQGIKSQHQTKEEQSQITSQVTGQIG
WRREGIKYRRNELFLDVLESVNLLMSPQGQVLSAHVSGRVVMKSYLSGMPECKFGMNDKIVIEKQGKGTADETSKSMEQK
LISEEDLGKQSIAIDDCTFHQCVRLSKFDSERSISFIPPDGEFELMRYRTTKDIILPFRVIPLVREVGRTKLEVKVVIKS
NFKPSLLAQKIEVRIPTPLNTSGVQVICMKGKAKYKASENAIVWKIKRMAGMKESQISAEIELLPTNDKKKWARPPISMN
FEVPFAPSGLKVRYLKVFEPKLNYSDHDVIKWVRYIGRSGIYETRC
;
M
4 'polypeptide(L)' CKVTRRPKASDYQRLN P
5 'polypeptide(L)'
;MIRFILIQNRAGKTRLAKWYMQFDDDEKQKLIEEVHAVVTVRDAKHTNFVEFRNFKIIYRRYAGLYFCICVDVNDNNLAY
LEAIHNFVEVLNEYFHNVCELDLVFNFYKVYTVVDEMFLAGEIRETSQTKVLKQLLMLQSLE
;
S
#
# COMPACT_ATOMS: atom_id res chain seq x y z
N GLY A 9 14.73 -19.89 -46.62
CA GLY A 9 13.84 -20.38 -47.66
C GLY A 9 12.62 -19.49 -47.84
N MET A 10 12.63 -18.36 -47.14
CA MET A 10 11.53 -17.41 -47.17
C MET A 10 11.99 -16.06 -46.65
N ARG A 11 11.83 -15.02 -47.46
CA ARG A 11 12.47 -13.74 -47.16
C ARG A 11 11.79 -13.03 -46.00
N GLY A 12 10.51 -12.71 -46.15
CA GLY A 12 9.76 -11.92 -45.17
C GLY A 12 10.07 -12.23 -43.73
N LEU A 13 10.03 -13.51 -43.37
CA LEU A 13 10.29 -13.93 -42.00
C LEU A 13 11.67 -13.48 -41.53
N ALA A 14 12.72 -13.89 -42.25
CA ALA A 14 14.08 -13.62 -41.81
C ALA A 14 14.40 -12.13 -41.86
N VAL A 15 14.01 -11.48 -42.96
CA VAL A 15 14.29 -10.05 -43.10
C VAL A 15 13.54 -9.27 -42.03
N PHE A 16 12.37 -9.76 -41.63
CA PHE A 16 11.58 -9.12 -40.60
C PHE A 16 12.23 -9.28 -39.24
N ILE A 17 12.70 -10.48 -38.94
CA ILE A 17 13.46 -10.68 -37.71
C ILE A 17 14.65 -9.72 -37.68
N SER A 18 15.40 -9.67 -38.79
CA SER A 18 16.51 -8.76 -38.92
C SER A 18 16.11 -7.33 -38.58
N ASP A 19 15.16 -6.79 -39.33
CA ASP A 19 14.86 -5.36 -39.21
C ASP A 19 14.25 -5.03 -37.85
N ILE A 20 13.16 -5.73 -37.48
CA ILE A 20 12.47 -5.37 -36.26
C ILE A 20 13.37 -5.62 -35.05
N ARG A 21 14.32 -6.53 -35.17
CA ARG A 21 15.34 -6.65 -34.15
C ARG A 21 16.16 -5.37 -34.04
N ASN A 22 16.40 -4.71 -35.17
CA ASN A 22 17.14 -3.48 -35.20
C ASN A 22 16.26 -2.26 -34.94
N CYS A 23 14.95 -2.38 -35.12
CA CYS A 23 14.04 -1.33 -34.71
C CYS A 23 14.04 -1.25 -33.19
N LYS A 24 14.14 -0.03 -32.66
CA LYS A 24 14.15 0.19 -31.22
C LYS A 24 13.10 1.17 -30.73
N SER A 25 12.82 2.26 -31.42
CA SER A 25 11.76 3.19 -31.05
C SER A 25 10.43 2.51 -31.34
N LYS A 26 9.72 2.13 -30.27
CA LYS A 26 8.54 1.27 -30.35
C LYS A 26 7.60 1.66 -31.48
N GLU A 27 7.58 2.95 -31.84
CA GLU A 27 6.82 3.34 -33.01
C GLU A 27 7.37 2.69 -34.28
N ALA A 28 8.70 2.58 -34.38
CA ALA A 28 9.28 1.89 -35.54
C ALA A 28 8.93 0.42 -35.53
N GLU A 29 8.97 -0.20 -34.34
CA GLU A 29 8.43 -1.55 -34.20
C GLU A 29 7.02 -1.63 -34.74
N ILE A 30 6.17 -0.69 -34.34
CA ILE A 30 4.79 -0.67 -34.79
C ILE A 30 4.72 -0.56 -36.30
N LYS A 31 5.55 0.30 -36.87
CA LYS A 31 5.56 0.49 -38.32
C LYS A 31 5.91 -0.80 -39.03
N ARG A 32 6.97 -1.47 -38.56
CA ARG A 32 7.37 -2.74 -39.16
C ARG A 32 6.27 -3.77 -38.97
N ILE A 33 5.60 -3.75 -37.83
CA ILE A 33 4.49 -4.65 -37.57
C ILE A 33 3.38 -4.43 -38.58
N ASN A 34 3.02 -3.17 -38.80
CA ASN A 34 1.96 -2.86 -39.76
C ASN A 34 2.35 -3.19 -41.18
N LYS A 35 3.65 -3.07 -41.49
CA LYS A 35 4.11 -3.49 -42.81
C LYS A 35 3.92 -4.99 -42.99
N GLU A 36 4.38 -5.77 -42.01
CA GLU A 36 4.11 -7.20 -42.05
C GLU A 36 2.62 -7.48 -42.02
N LEU A 37 1.83 -6.59 -41.42
CA LEU A 37 0.39 -6.78 -41.34
C LEU A 37 -0.23 -6.66 -42.71
N ALA A 38 0.00 -5.54 -43.39
CA ALA A 38 -0.36 -5.43 -44.80
C ALA A 38 0.08 -6.69 -45.55
N ASN A 39 1.38 -6.99 -45.49
CA ASN A 39 1.92 -8.15 -46.19
C ASN A 39 1.08 -9.40 -45.95
N ILE A 40 1.00 -9.85 -44.71
CA ILE A 40 0.44 -11.16 -44.41
C ILE A 40 -1.08 -11.16 -44.52
N ARG A 41 -1.74 -10.17 -43.92
CA ARG A 41 -3.19 -10.06 -44.04
C ARG A 41 -3.60 -10.03 -45.52
N SER A 42 -3.18 -9.00 -46.25
CA SER A 42 -3.51 -8.93 -47.66
C SER A 42 -3.12 -10.19 -48.43
N LYS A 43 -2.00 -10.82 -48.06
CA LYS A 43 -1.62 -12.08 -48.68
C LYS A 43 -2.62 -13.16 -48.36
N PHE A 44 -3.36 -13.00 -47.27
CA PHE A 44 -4.37 -13.98 -46.92
C PHE A 44 -5.74 -13.37 -47.17
N LYS A 45 -5.87 -12.09 -46.85
CA LYS A 45 -7.05 -11.31 -47.27
C LYS A 45 -6.82 -10.85 -48.70
N GLY A 46 -7.03 -11.78 -49.62
CA GLY A 46 -6.66 -11.56 -51.00
C GLY A 46 -5.30 -12.19 -51.25
N ASP A 47 -4.75 -11.97 -52.44
CA ASP A 47 -3.39 -12.38 -52.77
C ASP A 47 -3.10 -13.80 -52.32
N LYS A 48 -3.87 -14.77 -52.82
CA LYS A 48 -3.99 -16.10 -52.25
C LYS A 48 -2.66 -16.70 -51.80
N ALA A 49 -2.69 -17.44 -50.69
CA ALA A 49 -1.48 -17.88 -50.00
C ALA A 49 -0.81 -19.00 -50.77
N LEU A 50 0.52 -19.00 -50.75
CA LEU A 50 1.32 -20.02 -51.42
C LEU A 50 1.83 -21.01 -50.38
N ASP A 51 2.27 -22.17 -50.86
CA ASP A 51 2.28 -23.35 -50.01
C ASP A 51 3.46 -23.46 -49.04
N GLY A 52 4.67 -23.58 -49.54
CA GLY A 52 5.75 -23.89 -48.62
C GLY A 52 6.35 -22.70 -47.90
N TYR A 53 7.05 -21.87 -48.65
CA TYR A 53 7.86 -20.79 -48.11
C TYR A 53 6.98 -19.71 -47.50
N SER A 54 5.96 -19.28 -48.24
CA SER A 54 5.13 -18.17 -47.79
C SER A 54 4.35 -18.58 -46.55
N LYS A 55 3.69 -19.75 -46.62
CA LYS A 55 2.96 -20.22 -45.45
C LYS A 55 3.87 -20.36 -44.24
N LYS A 56 5.00 -21.05 -44.40
CA LYS A 56 5.88 -21.25 -43.26
C LYS A 56 6.36 -19.93 -42.67
N LYS A 57 6.91 -19.06 -43.52
CA LYS A 57 7.36 -17.74 -43.10
C LYS A 57 6.28 -17.00 -42.34
N TYR A 58 5.14 -16.80 -42.98
CA TYR A 58 4.09 -15.96 -42.40
C TYR A 58 3.52 -16.59 -41.15
N VAL A 59 3.44 -17.92 -41.09
CA VAL A 59 2.79 -18.57 -39.96
C VAL A 59 3.72 -18.60 -38.76
N CYS A 60 5.01 -18.83 -38.99
CA CYS A 60 5.97 -18.67 -37.90
C CYS A 60 5.96 -17.24 -37.39
N LYS A 61 5.89 -16.27 -38.31
CA LYS A 61 5.72 -14.89 -37.88
C LYS A 61 4.47 -14.71 -37.04
N LEU A 62 3.35 -15.26 -37.50
CA LEU A 62 2.08 -15.10 -36.81
C LEU A 62 2.16 -15.70 -35.41
N LEU A 63 2.71 -16.91 -35.31
CA LEU A 63 2.86 -17.58 -34.03
C LEU A 63 3.72 -16.74 -33.09
N PHE A 64 4.90 -16.33 -33.55
CA PHE A 64 5.81 -15.63 -32.65
C PHE A 64 5.28 -14.25 -32.31
N ILE A 65 4.45 -13.67 -33.18
CA ILE A 65 3.84 -12.37 -32.88
C ILE A 65 2.75 -12.53 -31.84
N PHE A 66 1.87 -13.51 -32.07
CA PHE A 66 0.95 -13.97 -31.03
C PHE A 66 1.66 -14.08 -29.69
N LEU A 67 2.86 -14.64 -29.70
CA LEU A 67 3.70 -14.68 -28.51
C LEU A 67 4.22 -13.31 -28.12
N LEU A 68 4.45 -12.44 -29.10
CA LEU A 68 4.99 -11.10 -28.86
C LEU A 68 3.96 -10.17 -28.25
N GLY A 69 2.72 -10.64 -28.10
CA GLY A 69 1.73 -9.83 -27.42
C GLY A 69 0.53 -9.59 -28.30
N HIS A 70 0.29 -10.54 -29.21
CA HIS A 70 -0.74 -10.37 -30.23
C HIS A 70 -1.49 -11.68 -30.37
N ASP A 71 -2.28 -11.80 -31.42
CA ASP A 71 -3.07 -13.01 -31.64
C ASP A 71 -3.41 -13.10 -33.12
N ILE A 72 -3.70 -14.31 -33.56
CA ILE A 72 -4.09 -14.57 -34.94
C ILE A 72 -5.54 -15.02 -34.95
N ASP A 73 -6.36 -14.28 -35.70
CA ASP A 73 -7.77 -14.63 -35.81
C ASP A 73 -8.12 -15.24 -37.16
N PHE A 74 -7.20 -16.01 -37.76
CA PHE A 74 -7.40 -16.55 -39.10
C PHE A 74 -6.33 -17.60 -39.34
N GLY A 75 -6.28 -18.10 -40.56
CA GLY A 75 -5.24 -19.02 -40.94
C GLY A 75 -5.21 -20.31 -40.16
N HIS A 76 -6.23 -20.56 -39.33
CA HIS A 76 -6.28 -21.77 -38.53
C HIS A 76 -6.90 -22.95 -39.27
N MET A 77 -7.97 -22.73 -40.02
CA MET A 77 -8.35 -23.69 -41.05
C MET A 77 -7.20 -23.84 -42.03
N GLU A 78 -6.48 -22.74 -42.26
CA GLU A 78 -5.30 -22.76 -43.11
C GLU A 78 -4.13 -23.31 -42.33
N ALA A 79 -4.26 -23.37 -41.00
CA ALA A 79 -3.26 -24.08 -40.21
C ALA A 79 -3.54 -25.57 -40.33
N VAL A 80 -4.82 -25.93 -40.45
CA VAL A 80 -5.12 -27.29 -40.87
C VAL A 80 -4.53 -27.53 -42.25
N ASN A 81 -4.57 -26.52 -43.11
CA ASN A 81 -3.91 -26.58 -44.41
C ASN A 81 -2.41 -26.76 -44.23
N LEU A 82 -1.85 -26.22 -43.15
CA LEU A 82 -0.45 -26.51 -42.84
C LEU A 82 -0.26 -27.96 -42.45
N LEU A 83 -1.10 -28.47 -41.55
CA LEU A 83 -1.12 -29.89 -41.27
C LEU A 83 -1.35 -30.70 -42.53
N SER A 84 -2.22 -30.22 -43.40
CA SER A 84 -2.34 -30.80 -44.74
C SER A 84 -1.44 -30.09 -45.74
N SER A 85 -0.16 -29.94 -45.38
CA SER A 85 0.80 -29.30 -46.27
C SER A 85 2.09 -30.10 -46.23
N ASN A 86 2.73 -30.22 -47.41
CA ASN A 86 3.84 -31.14 -47.65
C ASN A 86 4.95 -31.07 -46.61
N ARG A 87 5.60 -29.92 -46.49
CA ARG A 87 6.76 -29.82 -45.61
C ARG A 87 6.38 -30.18 -44.19
N TYR A 88 7.17 -31.05 -43.57
CA TYR A 88 6.96 -31.38 -42.17
C TYR A 88 6.97 -30.12 -41.33
N THR A 89 7.74 -29.12 -41.73
CA THR A 89 7.77 -27.86 -41.00
C THR A 89 6.42 -27.17 -41.02
N GLU A 90 5.67 -27.29 -42.11
CA GLU A 90 4.34 -26.71 -42.16
C GLU A 90 3.41 -27.43 -41.20
N LYS A 91 3.38 -28.76 -41.27
CA LYS A 91 2.56 -29.54 -40.36
C LYS A 91 2.98 -29.28 -38.93
N GLN A 92 4.27 -29.04 -38.71
CA GLN A 92 4.80 -28.87 -37.36
C GLN A 92 4.44 -27.50 -36.81
N ILE A 93 4.53 -26.48 -37.65
CA ILE A 93 4.14 -25.15 -37.20
C ILE A 93 2.64 -25.09 -36.98
N GLY A 94 1.88 -25.89 -37.74
CA GLY A 94 0.47 -26.02 -37.42
C GLY A 94 0.25 -26.71 -36.08
N TYR A 95 0.91 -27.85 -35.88
CA TYR A 95 0.94 -28.53 -34.59
C TYR A 95 1.15 -27.54 -33.46
N LEU A 96 2.23 -26.75 -33.56
CA LEU A 96 2.58 -25.82 -32.49
C LEU A 96 1.54 -24.72 -32.36
N PHE A 97 1.25 -24.04 -33.46
CA PHE A 97 0.25 -22.97 -33.48
C PHE A 97 -1.03 -23.38 -32.77
N ILE A 98 -1.67 -24.45 -33.24
CA ILE A 98 -2.89 -24.91 -32.58
C ILE A 98 -2.60 -25.34 -31.16
N SER A 99 -1.40 -25.86 -30.91
CA SER A 99 -1.01 -26.21 -29.56
C SER A 99 -0.73 -24.96 -28.75
N VAL A 100 -0.17 -23.94 -29.40
CA VAL A 100 0.08 -22.67 -28.72
C VAL A 100 -1.17 -21.82 -28.68
N LEU A 101 -1.83 -21.61 -29.81
CA LEU A 101 -3.07 -20.84 -29.86
C LEU A 101 -4.22 -21.80 -29.56
N VAL A 102 -4.81 -21.68 -28.37
CA VAL A 102 -5.99 -22.44 -28.02
C VAL A 102 -7.08 -22.09 -29.03
N ASN A 103 -7.85 -23.09 -29.43
CA ASN A 103 -8.69 -22.99 -30.61
C ASN A 103 -10.14 -22.69 -30.22
N SER A 104 -10.92 -22.42 -31.25
CA SER A 104 -12.36 -22.30 -31.15
C SER A 104 -12.96 -22.92 -32.40
N ASN A 105 -14.24 -22.65 -32.64
CA ASN A 105 -14.88 -23.03 -33.89
C ASN A 105 -14.78 -24.53 -34.12
N SER A 106 -15.50 -25.32 -33.33
CA SER A 106 -15.33 -26.77 -33.22
C SER A 106 -15.14 -27.48 -34.53
N GLU A 107 -15.62 -26.92 -35.64
CA GLU A 107 -15.30 -27.50 -36.94
C GLU A 107 -13.80 -27.46 -37.18
N LEU A 108 -13.16 -26.36 -36.78
CA LEU A 108 -11.70 -26.36 -36.69
C LEU A 108 -11.27 -27.54 -35.86
N ILE A 109 -11.82 -27.66 -34.65
CA ILE A 109 -11.44 -28.73 -33.74
C ILE A 109 -11.79 -30.08 -34.34
N ARG A 110 -12.89 -30.14 -35.09
CA ARG A 110 -13.25 -31.37 -35.77
C ARG A 110 -12.17 -31.80 -36.75
N LEU A 111 -11.83 -30.91 -37.69
CA LEU A 111 -10.74 -31.21 -38.62
C LEU A 111 -9.46 -31.55 -37.86
N ILE A 112 -9.23 -30.89 -36.74
CA ILE A 112 -8.04 -31.14 -35.95
C ILE A 112 -8.03 -32.58 -35.46
N ASN A 113 -9.10 -33.02 -34.81
CA ASN A 113 -9.13 -34.37 -34.27
C ASN A 113 -9.10 -35.40 -35.38
N ASN A 114 -9.72 -35.09 -36.52
CA ASN A 114 -9.66 -35.98 -37.67
C ASN A 114 -8.22 -36.15 -38.15
N ALA A 115 -7.53 -35.02 -38.34
CA ALA A 115 -6.12 -35.06 -38.73
C ALA A 115 -5.30 -35.78 -37.69
N ILE A 116 -5.66 -35.65 -36.41
CA ILE A 116 -4.94 -36.35 -35.35
C ILE A 116 -5.10 -37.85 -35.53
N LYS A 117 -6.34 -38.30 -35.74
CA LYS A 117 -6.55 -39.73 -35.97
C LYS A 117 -5.82 -40.19 -37.22
N ASN A 118 -5.65 -39.30 -38.19
CA ASN A 118 -4.86 -39.64 -39.35
C ASN A 118 -3.38 -39.78 -39.02
N ASP A 119 -2.84 -38.84 -38.25
CA ASP A 119 -1.44 -38.89 -37.81
C ASP A 119 -1.19 -40.08 -36.90
N LEU A 120 -2.26 -40.62 -36.30
CA LEU A 120 -2.15 -41.91 -35.64
C LEU A 120 -2.14 -43.03 -36.68
N ALA A 121 -3.11 -43.01 -37.59
CA ALA A 121 -3.11 -43.94 -38.71
C ALA A 121 -1.78 -43.89 -39.44
N SER A 122 -1.22 -42.71 -39.60
CA SER A 122 0.17 -42.60 -40.04
C SER A 122 1.03 -43.03 -38.87
N ARG A 123 1.37 -44.31 -38.82
CA ARG A 123 1.98 -44.89 -37.63
C ARG A 123 3.46 -44.59 -37.55
N ASN A 124 3.91 -43.56 -38.25
CA ASN A 124 5.25 -43.03 -38.13
C ASN A 124 5.39 -42.32 -36.80
N PRO A 125 6.60 -42.24 -36.26
CA PRO A 125 6.80 -41.65 -34.94
C PRO A 125 6.33 -40.20 -34.84
N THR A 126 6.90 -39.34 -35.68
CA THR A 126 6.73 -37.90 -35.54
C THR A 126 5.27 -37.47 -35.52
N PHE A 127 4.45 -37.97 -36.43
CA PHE A 127 3.05 -37.58 -36.51
C PHE A 127 2.37 -37.86 -35.19
N MET A 128 2.44 -39.11 -34.73
CA MET A 128 1.78 -39.54 -33.51
C MET A 128 2.31 -38.76 -32.31
N GLY A 129 3.62 -38.55 -32.25
CA GLY A 129 4.21 -37.81 -31.15
C GLY A 129 3.67 -36.40 -31.05
N LEU A 130 3.82 -35.64 -32.13
CA LEU A 130 3.32 -34.27 -32.14
C LEU A 130 1.82 -34.23 -31.90
N ALA A 131 1.10 -35.24 -32.39
CA ALA A 131 -0.33 -35.31 -32.16
C ALA A 131 -0.62 -35.43 -30.67
N LEU A 132 0.07 -36.36 -29.99
CA LEU A 132 -0.10 -36.50 -28.55
C LEU A 132 0.27 -35.22 -27.83
N HIS A 133 1.29 -34.51 -28.35
CA HIS A 133 1.70 -33.28 -27.72
C HIS A 133 0.59 -32.24 -27.78
N CYS A 134 -0.05 -32.12 -28.95
CA CYS A 134 -1.17 -31.19 -29.07
C CYS A 134 -2.39 -31.68 -28.28
N ILE A 135 -2.55 -32.99 -28.16
CA ILE A 135 -3.66 -33.54 -27.39
C ILE A 135 -3.51 -33.16 -25.93
N ALA A 136 -2.31 -33.32 -25.40
CA ALA A 136 -2.07 -32.98 -24.00
C ALA A 136 -2.28 -31.50 -23.74
N ASN A 137 -1.71 -30.62 -24.56
CA ASN A 137 -1.74 -29.20 -24.23
C ASN A 137 -3.08 -28.57 -24.60
N VAL A 138 -3.55 -28.80 -25.83
CA VAL A 138 -4.89 -28.33 -26.19
C VAL A 138 -5.93 -28.98 -25.29
N GLY A 139 -5.77 -30.27 -25.02
CA GLY A 139 -6.57 -30.95 -24.02
C GLY A 139 -8.07 -30.81 -24.15
N SER A 140 -8.60 -30.92 -25.35
CA SER A 140 -10.03 -30.92 -25.55
C SER A 140 -10.59 -32.26 -25.09
N ARG A 141 -11.74 -32.22 -24.43
CA ARG A 141 -12.33 -33.43 -23.88
C ARG A 141 -12.58 -34.45 -24.98
N GLU A 142 -12.82 -33.97 -26.21
CA GLU A 142 -13.12 -34.87 -27.32
C GLU A 142 -11.96 -35.79 -27.62
N MET A 143 -10.74 -35.37 -27.30
CA MET A 143 -9.60 -36.27 -27.44
C MET A 143 -9.80 -37.50 -26.57
N ALA A 144 -9.81 -37.33 -25.26
CA ALA A 144 -10.02 -38.46 -24.36
C ALA A 144 -11.38 -39.12 -24.58
N GLU A 145 -12.29 -38.46 -25.28
CA GLU A 145 -13.52 -39.12 -25.70
C GLU A 145 -13.24 -40.14 -26.77
N ALA A 146 -12.73 -39.69 -27.92
CA ALA A 146 -12.34 -40.58 -29.00
C ALA A 146 -11.15 -41.45 -28.65
N PHE A 147 -10.39 -41.09 -27.62
CA PHE A 147 -9.17 -41.80 -27.28
C PHE A 147 -9.16 -42.24 -25.83
N ALA A 148 -10.34 -42.55 -25.29
CA ALA A 148 -10.41 -43.15 -23.97
C ALA A 148 -9.60 -44.43 -23.91
N GLY A 149 -9.92 -45.39 -24.77
CA GLY A 149 -9.13 -46.59 -24.93
C GLY A 149 -8.19 -46.56 -26.11
N GLU A 150 -8.27 -45.53 -26.95
CA GLU A 150 -7.43 -45.47 -28.14
C GLU A 150 -5.98 -45.15 -27.78
N ILE A 151 -5.75 -44.18 -26.90
CA ILE A 151 -4.39 -43.93 -26.42
C ILE A 151 -3.83 -45.15 -25.69
N PRO A 152 -4.61 -45.91 -24.92
CA PRO A 152 -4.14 -47.24 -24.53
C PRO A 152 -3.69 -48.08 -25.72
N LYS A 153 -4.53 -48.18 -26.74
CA LYS A 153 -4.15 -48.91 -27.95
C LYS A 153 -2.89 -48.33 -28.59
N ILE A 154 -2.53 -47.11 -28.20
CA ILE A 154 -1.27 -46.53 -28.67
C ILE A 154 -0.12 -47.03 -27.79
N LEU A 155 -0.18 -46.74 -26.50
CA LEU A 155 0.88 -47.07 -25.56
C LEU A 155 1.02 -48.57 -25.34
N VAL A 156 -0.06 -49.32 -25.44
CA VAL A 156 -0.02 -50.78 -25.41
C VAL A 156 -0.79 -51.28 -26.62
N ALA A 157 -0.99 -52.60 -26.68
CA ALA A 157 -1.54 -53.24 -27.87
C ALA A 157 -0.66 -52.85 -29.05
N GLY A 158 0.59 -53.27 -29.02
CA GLY A 158 1.62 -52.74 -29.89
C GLY A 158 2.63 -52.01 -29.04
N ASP A 159 3.83 -52.57 -28.92
CA ASP A 159 4.81 -52.09 -27.98
C ASP A 159 6.17 -52.11 -28.68
N THR A 160 6.58 -50.95 -29.20
CA THR A 160 7.70 -50.92 -30.12
C THR A 160 8.91 -50.18 -29.58
N MET A 161 8.73 -48.91 -29.20
CA MET A 161 9.87 -48.06 -28.90
C MET A 161 9.56 -47.21 -27.68
N ASP A 162 10.56 -46.45 -27.24
CA ASP A 162 10.39 -45.66 -26.03
C ASP A 162 9.80 -44.28 -26.31
N SER A 163 10.53 -43.46 -27.08
CA SER A 163 10.27 -42.02 -27.10
C SER A 163 8.80 -41.71 -27.32
N VAL A 164 8.23 -42.19 -28.42
CA VAL A 164 6.82 -41.89 -28.72
C VAL A 164 5.93 -42.52 -27.68
N LYS A 165 6.39 -43.58 -27.03
CA LYS A 165 5.53 -44.26 -26.07
C LYS A 165 5.43 -43.48 -24.78
N GLN A 166 6.55 -42.93 -24.28
CA GLN A 166 6.45 -42.05 -23.13
C GLN A 166 5.80 -40.73 -23.53
N SER A 167 5.88 -40.38 -24.82
CA SER A 167 5.07 -39.27 -25.30
C SER A 167 3.59 -39.53 -25.06
N ALA A 168 3.10 -40.67 -25.53
CA ALA A 168 1.72 -41.06 -25.29
C ALA A 168 1.45 -41.22 -23.81
N ALA A 169 2.45 -41.65 -23.05
CA ALA A 169 2.29 -41.85 -21.62
C ALA A 169 2.03 -40.53 -20.92
N LEU A 170 2.83 -39.51 -21.24
CA LEU A 170 2.63 -38.20 -20.65
C LEU A 170 1.34 -37.57 -21.15
N CYS A 171 1.02 -37.77 -22.43
CA CYS A 171 -0.26 -37.31 -22.95
C CYS A 171 -1.42 -37.89 -22.16
N LEU A 172 -1.46 -39.22 -22.06
CA LEU A 172 -2.56 -39.90 -21.37
C LEU A 172 -2.54 -39.59 -19.88
N LEU A 173 -1.36 -39.35 -19.31
CA LEU A 173 -1.29 -38.97 -17.92
C LEU A 173 -1.88 -37.59 -17.71
N ARG A 174 -1.66 -36.69 -18.66
CA ARG A 174 -2.37 -35.42 -18.63
C ARG A 174 -3.87 -35.63 -18.71
N LEU A 175 -4.30 -36.40 -19.71
CA LEU A 175 -5.73 -36.61 -19.91
C LEU A 175 -6.37 -37.35 -18.74
N TYR A 176 -5.56 -38.05 -17.95
CA TYR A 176 -6.05 -38.78 -16.78
C TYR A 176 -6.06 -37.93 -15.53
N ARG A 177 -4.98 -37.20 -15.28
CA ARG A 177 -4.96 -36.25 -14.18
C ARG A 177 -5.99 -35.16 -14.39
N THR A 178 -6.40 -34.95 -15.65
CA THR A 178 -7.42 -33.99 -15.98
C THR A 178 -8.79 -34.60 -16.20
N SER A 179 -8.87 -35.79 -16.79
CA SER A 179 -10.14 -36.44 -17.10
C SER A 179 -10.01 -37.94 -16.93
N PRO A 180 -9.92 -38.40 -15.69
CA PRO A 180 -9.89 -39.85 -15.47
C PRO A 180 -11.27 -40.45 -15.72
N ASP A 181 -12.28 -39.58 -15.67
CA ASP A 181 -13.64 -39.98 -16.01
C ASP A 181 -13.70 -40.60 -17.40
N LEU A 182 -12.93 -40.07 -18.34
CA LEU A 182 -12.84 -40.63 -19.68
C LEU A 182 -11.83 -41.75 -19.74
N VAL A 183 -11.53 -42.35 -18.61
CA VAL A 183 -10.61 -43.48 -18.55
C VAL A 183 -11.32 -44.66 -17.88
N PRO A 184 -11.76 -45.65 -18.64
CA PRO A 184 -12.15 -46.92 -18.04
C PRO A 184 -10.95 -47.86 -17.97
N MET A 185 -10.75 -48.52 -16.84
CA MET A 185 -9.51 -49.26 -16.63
C MET A 185 -9.67 -50.75 -16.84
N GLY A 186 -10.60 -51.35 -16.15
CA GLY A 186 -10.60 -52.81 -16.09
C GLY A 186 -9.32 -53.25 -15.40
N ASP A 187 -8.40 -53.81 -16.17
CA ASP A 187 -7.10 -54.19 -15.63
C ASP A 187 -6.07 -54.26 -16.75
N TRP A 188 -5.00 -53.51 -16.55
CA TRP A 188 -3.83 -53.59 -17.42
C TRP A 188 -2.54 -53.78 -16.64
N THR A 189 -2.61 -54.38 -15.45
CA THR A 189 -1.47 -54.39 -14.53
C THR A 189 -0.24 -55.03 -15.15
N SER A 190 -0.38 -56.24 -15.70
CA SER A 190 0.76 -57.01 -16.16
C SER A 190 1.65 -56.23 -17.11
N ARG A 191 1.06 -55.51 -18.08
CA ARG A 191 1.87 -54.83 -19.08
C ARG A 191 2.77 -53.79 -18.45
N VAL A 192 2.21 -52.92 -17.61
CA VAL A 192 2.99 -51.82 -17.07
C VAL A 192 4.01 -52.33 -16.04
N VAL A 193 3.67 -53.42 -15.34
CA VAL A 193 4.62 -53.93 -14.35
C VAL A 193 5.76 -54.67 -15.05
N HIS A 194 5.48 -55.24 -16.22
CA HIS A 194 6.58 -55.75 -17.03
C HIS A 194 7.42 -54.63 -17.59
N LEU A 195 6.77 -53.50 -17.91
CA LEU A 195 7.54 -52.29 -18.23
C LEU A 195 8.44 -51.90 -17.08
N LEU A 196 7.97 -52.08 -15.85
CA LEU A 196 8.80 -51.87 -14.68
C LEU A 196 9.97 -52.84 -14.68
N ASN A 197 9.82 -53.95 -15.39
CA ASN A 197 10.91 -54.90 -15.56
C ASN A 197 11.67 -54.64 -16.85
N ASP A 198 11.22 -53.66 -17.64
CA ASP A 198 11.89 -53.27 -18.86
C ASP A 198 13.15 -52.47 -18.52
N GLN A 199 14.27 -52.87 -19.10
CA GLN A 199 15.54 -52.17 -18.92
C GLN A 199 15.66 -50.96 -19.82
N HIS A 200 14.74 -50.80 -20.77
CA HIS A 200 14.68 -49.62 -21.62
C HIS A 200 13.94 -48.55 -20.84
N LEU A 201 14.67 -47.88 -19.95
CA LEU A 201 14.04 -46.98 -18.98
C LEU A 201 13.40 -45.76 -19.62
N GLY A 202 13.59 -45.57 -20.93
CA GLY A 202 12.94 -44.46 -21.60
C GLY A 202 11.44 -44.44 -21.37
N VAL A 203 10.79 -45.58 -21.58
CA VAL A 203 9.38 -45.70 -21.19
C VAL A 203 9.27 -45.75 -19.68
N VAL A 204 10.10 -46.58 -19.04
CA VAL A 204 9.84 -47.01 -17.66
C VAL A 204 9.69 -45.82 -16.71
N THR A 205 10.35 -44.71 -17.01
CA THR A 205 10.22 -43.52 -16.18
C THR A 205 8.80 -42.97 -16.18
N ALA A 206 8.33 -42.53 -17.36
CA ALA A 206 6.98 -42.00 -17.48
C ALA A 206 5.95 -43.06 -17.13
N ALA A 207 6.30 -44.32 -17.41
CA ALA A 207 5.46 -45.43 -16.98
C ALA A 207 5.25 -45.35 -15.49
N THR A 208 6.33 -45.52 -14.73
CA THR A 208 6.27 -45.46 -13.27
C THR A 208 5.55 -44.21 -12.79
N SER A 209 5.68 -43.11 -13.52
CA SER A 209 4.94 -41.90 -13.16
C SER A 209 3.44 -42.13 -13.22
N LEU A 210 2.95 -42.54 -14.40
CA LEU A 210 1.52 -42.75 -14.57
C LEU A 210 1.02 -43.89 -13.70
N ILE A 211 1.84 -44.91 -13.53
CA ILE A 211 1.53 -46.02 -12.65
C ILE A 211 1.42 -45.53 -11.22
N THR A 212 2.26 -44.58 -10.84
CA THR A 212 2.18 -43.99 -9.52
C THR A 212 0.88 -43.23 -9.37
N THR A 213 0.46 -42.55 -10.44
CA THR A 213 -0.86 -41.93 -10.47
C THR A 213 -1.94 -42.96 -10.17
N LEU A 214 -1.99 -44.02 -10.97
CA LEU A 214 -3.02 -45.04 -10.82
C LEU A 214 -2.96 -45.70 -9.44
N ALA A 215 -1.75 -45.79 -8.88
CA ALA A 215 -1.59 -46.36 -7.54
C ALA A 215 -2.05 -45.40 -6.47
N GLN A 216 -1.91 -44.08 -6.70
CA GLN A 216 -2.63 -43.14 -5.87
C GLN A 216 -4.12 -43.41 -5.94
N LYS A 217 -4.59 -43.82 -7.12
CA LYS A 217 -5.96 -44.26 -7.26
C LYS A 217 -6.17 -45.68 -6.76
N ASN A 218 -5.17 -46.55 -6.89
CA ASN A 218 -5.31 -47.97 -6.56
C ASN A 218 -3.96 -48.56 -6.18
N PRO A 219 -3.57 -48.42 -4.91
CA PRO A 219 -2.35 -49.10 -4.46
C PRO A 219 -2.56 -50.60 -4.43
N GLU A 220 -3.69 -51.01 -3.86
CA GLU A 220 -4.07 -52.40 -3.74
C GLU A 220 -4.01 -53.11 -5.08
N GLU A 221 -4.27 -52.37 -6.16
CA GLU A 221 -4.23 -52.96 -7.49
C GLU A 221 -2.88 -53.54 -7.81
N PHE A 222 -1.84 -53.08 -7.12
CA PHE A 222 -0.47 -53.44 -7.48
C PHE A 222 0.28 -53.88 -6.24
N LYS A 223 0.13 -55.16 -5.89
CA LYS A 223 1.06 -55.83 -5.00
C LYS A 223 2.01 -56.71 -5.78
N THR A 224 1.56 -57.25 -6.92
CA THR A 224 2.45 -57.92 -7.86
C THR A 224 3.61 -57.01 -8.23
N SER A 225 3.34 -55.71 -8.33
CA SER A 225 4.38 -54.72 -8.54
C SER A 225 5.52 -54.92 -7.54
N VAL A 226 5.17 -54.91 -6.26
CA VAL A 226 6.10 -54.79 -5.15
C VAL A 226 7.35 -55.65 -5.32
N SER A 227 7.17 -56.95 -5.56
CA SER A 227 8.31 -57.86 -5.61
C SER A 227 9.23 -57.54 -6.77
N LEU A 228 8.67 -57.49 -7.98
CA LEU A 228 9.49 -57.20 -9.15
C LEU A 228 10.13 -55.83 -9.04
N ALA A 229 9.39 -54.87 -8.49
CA ALA A 229 9.89 -53.51 -8.36
C ALA A 229 11.06 -53.45 -7.39
N VAL A 230 10.95 -54.13 -6.25
CA VAL A 230 12.01 -54.07 -5.25
C VAL A 230 13.23 -54.82 -5.76
N SER A 231 13.02 -55.92 -6.49
CA SER A 231 14.15 -56.59 -7.11
C SER A 231 14.87 -55.65 -8.08
N ARG A 232 14.12 -55.10 -9.03
CA ARG A 232 14.71 -54.23 -10.05
C ARG A 232 15.36 -53.02 -9.41
N LEU A 233 14.80 -52.54 -8.29
CA LEU A 233 15.32 -51.32 -7.68
C LEU A 233 16.58 -51.61 -6.87
N SER A 234 16.59 -52.73 -6.15
CA SER A 234 17.83 -53.22 -5.56
C SER A 234 18.90 -53.36 -6.63
N ARG A 235 18.51 -53.80 -7.82
CA ARG A 235 19.44 -53.86 -8.93
C ARG A 235 19.95 -52.47 -9.28
N ILE A 236 19.03 -51.53 -9.51
CA ILE A 236 19.40 -50.16 -9.86
C ILE A 236 20.41 -49.61 -8.87
N VAL A 237 20.13 -49.75 -7.58
CA VAL A 237 21.10 -49.34 -6.57
C VAL A 237 22.42 -50.06 -6.76
N THR A 238 22.38 -51.37 -6.95
CA THR A 238 23.60 -52.14 -7.07
C THR A 238 24.22 -52.02 -8.45
N SER A 239 23.41 -51.89 -9.50
CA SER A 239 23.92 -51.65 -10.84
C SER A 239 23.83 -50.17 -11.13
N ALA A 240 24.93 -49.45 -10.89
CA ALA A 240 24.84 -48.00 -10.92
C ALA A 240 24.89 -47.41 -12.31
N SER A 241 26.05 -47.48 -12.98
CA SER A 241 26.18 -46.73 -14.22
C SER A 241 27.06 -47.37 -15.29
N THR A 242 27.59 -48.57 -15.03
CA THR A 242 28.58 -49.14 -15.92
C THR A 242 28.09 -49.31 -17.35
N ASP A 243 26.78 -49.48 -17.54
CA ASP A 243 26.25 -49.61 -18.88
C ASP A 243 24.94 -48.83 -18.96
N LEU A 244 24.31 -48.89 -20.13
CA LEU A 244 23.21 -47.98 -20.46
C LEU A 244 23.70 -46.54 -20.25
N GLN A 245 24.82 -46.22 -20.88
CA GLN A 245 25.61 -45.04 -20.56
C GLN A 245 24.91 -43.73 -20.88
N ASP A 246 23.90 -43.75 -21.76
CA ASP A 246 23.10 -42.55 -21.94
C ASP A 246 21.80 -42.61 -21.16
N TYR A 247 21.46 -43.77 -20.61
CA TYR A 247 20.63 -43.81 -19.41
C TYR A 247 21.40 -43.34 -18.18
N THR A 248 22.69 -43.06 -18.37
CA THR A 248 23.60 -42.70 -17.30
C THR A 248 23.99 -41.24 -17.42
N TYR A 249 23.74 -40.46 -16.37
CA TYR A 249 24.09 -39.05 -16.31
C TYR A 249 24.98 -38.81 -15.10
N TYR A 250 26.23 -38.44 -15.35
CA TYR A 250 27.20 -38.21 -14.28
C TYR A 250 27.29 -39.45 -13.40
N PHE A 251 27.30 -40.62 -14.04
CA PHE A 251 27.34 -41.94 -13.43
C PHE A 251 26.41 -42.11 -12.23
N VAL A 252 25.19 -41.58 -12.29
CA VAL A 252 24.20 -41.88 -11.27
C VAL A 252 23.27 -42.97 -11.79
N PRO A 253 22.81 -43.88 -10.93
CA PRO A 253 21.86 -44.92 -11.36
C PRO A 253 20.42 -44.41 -11.34
N ALA A 254 19.87 -44.16 -12.53
CA ALA A 254 18.46 -43.86 -12.78
C ALA A 254 17.83 -43.04 -11.68
N PRO A 255 18.29 -41.81 -11.45
CA PRO A 255 17.82 -41.06 -10.28
C PRO A 255 16.33 -40.82 -10.29
N TRP A 256 15.83 -40.29 -11.41
CA TRP A 256 14.41 -39.98 -11.51
C TRP A 256 13.56 -41.22 -11.39
N LEU A 257 13.91 -42.29 -12.12
CA LEU A 257 13.10 -43.50 -12.08
C LEU A 257 13.18 -44.17 -10.72
N SER A 258 14.37 -44.19 -10.12
CA SER A 258 14.51 -44.76 -8.79
C SER A 258 13.67 -44.00 -7.78
N VAL A 259 13.69 -42.67 -7.86
CA VAL A 259 12.90 -41.87 -6.94
C VAL A 259 11.41 -42.11 -7.16
N LYS A 260 11.00 -42.17 -8.44
CA LYS A 260 9.64 -42.58 -8.76
C LYS A 260 9.25 -43.86 -8.05
N LEU A 261 10.07 -44.90 -8.20
CA LEU A 261 9.77 -46.20 -7.61
C LEU A 261 9.68 -46.11 -6.10
N LEU A 262 10.64 -45.45 -5.47
CA LEU A 262 10.68 -45.37 -4.02
C LEU A 262 9.48 -44.62 -3.47
N ARG A 263 9.14 -43.47 -4.08
CA ARG A 263 7.99 -42.71 -3.62
C ARG A 263 6.69 -43.44 -3.91
N LEU A 264 6.63 -44.17 -5.02
CA LEU A 264 5.49 -45.04 -5.26
C LEU A 264 5.32 -46.04 -4.14
N LEU A 265 6.34 -46.86 -3.89
CA LEU A 265 6.31 -47.82 -2.81
C LEU A 265 6.01 -47.15 -1.47
N GLN A 266 6.36 -45.88 -1.33
CA GLN A 266 6.07 -45.16 -0.10
C GLN A 266 4.58 -45.05 0.16
N CYS A 267 3.74 -45.07 -0.87
CA CYS A 267 2.30 -45.16 -0.62
C CYS A 267 1.99 -46.46 0.11
N TYR A 268 2.65 -47.53 -0.30
CA TYR A 268 2.44 -48.81 0.35
C TYR A 268 2.94 -48.75 1.80
N PRO A 269 2.46 -49.65 2.65
CA PRO A 269 2.68 -49.51 4.11
C PRO A 269 4.15 -49.62 4.49
N PRO A 270 4.46 -49.41 5.77
CA PRO A 270 5.82 -49.62 6.28
C PRO A 270 6.34 -51.01 5.98
N PRO A 271 7.60 -51.27 6.27
CA PRO A 271 8.12 -52.63 6.18
C PRO A 271 7.38 -53.59 7.10
N GLU A 272 6.94 -54.70 6.52
CA GLU A 272 6.34 -55.81 7.26
C GLU A 272 6.96 -57.15 6.86
N ASP A 273 7.46 -57.24 5.64
CA ASP A 273 7.96 -58.51 5.14
C ASP A 273 9.32 -58.84 5.73
N PRO A 274 9.61 -60.11 6.00
CA PRO A 274 10.96 -60.50 6.44
C PRO A 274 12.00 -60.50 5.33
N ALA A 275 11.67 -61.05 4.15
CA ALA A 275 12.72 -61.34 3.19
C ALA A 275 12.75 -60.33 2.05
N VAL A 276 11.62 -60.17 1.35
CA VAL A 276 11.49 -59.11 0.37
C VAL A 276 11.90 -57.78 0.98
N ARG A 277 11.26 -57.43 2.10
CA ARG A 277 11.67 -56.23 2.80
C ARG A 277 12.97 -56.44 3.56
N GLY A 278 13.42 -57.68 3.68
CA GLY A 278 14.80 -57.91 4.07
C GLY A 278 15.72 -57.40 2.99
N ARG A 279 15.41 -57.72 1.73
CA ARG A 279 16.20 -57.17 0.64
C ARG A 279 16.08 -55.65 0.63
N LEU A 280 14.91 -55.14 1.02
CA LEU A 280 14.75 -53.70 1.22
C LEU A 280 15.77 -53.17 2.22
N THR A 281 15.87 -53.83 3.36
CA THR A 281 16.83 -53.47 4.40
C THR A 281 18.24 -53.44 3.81
N GLU A 282 18.54 -54.44 3.00
CA GLU A 282 19.82 -54.49 2.32
C GLU A 282 20.03 -53.22 1.51
N CYS A 283 19.01 -52.81 0.73
CA CYS A 283 19.12 -51.59 -0.05
C CYS A 283 19.31 -50.38 0.85
N LEU A 284 18.67 -50.37 2.02
CA LEU A 284 18.81 -49.25 2.94
C LEU A 284 20.26 -49.11 3.38
N GLU A 285 20.83 -50.23 3.82
CA GLU A 285 22.23 -50.25 4.21
C GLU A 285 23.09 -49.80 3.05
N THR A 286 22.79 -50.30 1.85
CA THR A 286 23.51 -49.93 0.65
C THR A 286 23.52 -48.41 0.48
N ILE A 287 22.33 -47.84 0.47
CA ILE A 287 22.12 -46.40 0.24
C ILE A 287 22.93 -45.60 1.24
N LEU A 288 22.70 -45.87 2.53
CA LEU A 288 23.36 -45.06 3.56
C LEU A 288 24.86 -45.26 3.54
N ASN A 289 25.30 -46.52 3.44
CA ASN A 289 26.72 -46.82 3.44
C ASN A 289 27.41 -46.31 2.19
N LYS A 290 26.65 -45.96 1.16
CA LYS A 290 27.26 -45.40 -0.04
C LYS A 290 27.25 -43.88 0.00
N ALA A 291 26.20 -43.30 0.60
CA ALA A 291 26.14 -41.84 0.68
C ALA A 291 27.22 -41.30 1.59
N GLN A 292 27.66 -42.10 2.56
CA GLN A 292 28.60 -41.63 3.58
C GLN A 292 29.95 -41.25 2.98
N GLU A 293 30.33 -41.88 1.88
CA GLU A 293 31.65 -41.68 1.34
C GLU A 293 31.81 -40.27 0.80
N PRO A 294 33.00 -39.68 0.96
CA PRO A 294 33.32 -38.44 0.26
C PRO A 294 33.43 -38.69 -1.23
N PRO A 295 33.30 -37.67 -2.06
CA PRO A 295 33.23 -37.90 -3.50
C PRO A 295 34.61 -38.01 -4.13
N LYS A 296 34.86 -39.15 -4.78
CA LYS A 296 35.99 -39.24 -5.68
C LYS A 296 35.80 -38.27 -6.84
N SER A 297 34.56 -38.09 -7.29
CA SER A 297 34.25 -37.02 -8.20
C SER A 297 34.40 -35.68 -7.49
N LYS A 298 34.38 -34.61 -8.28
CA LYS A 298 34.51 -33.27 -7.70
C LYS A 298 33.47 -32.31 -8.26
N LYS A 299 32.26 -32.79 -8.56
CA LYS A 299 31.22 -31.95 -9.14
C LYS A 299 29.96 -32.08 -8.31
N VAL A 300 29.36 -30.94 -7.97
CA VAL A 300 28.23 -30.90 -7.03
C VAL A 300 27.04 -31.67 -7.56
N GLN A 301 26.90 -31.75 -8.88
CA GLN A 301 25.77 -32.46 -9.48
C GLN A 301 25.67 -33.88 -8.97
N HIS A 302 26.81 -34.57 -8.86
CA HIS A 302 26.81 -35.90 -8.26
C HIS A 302 26.26 -35.85 -6.84
N SER A 303 26.77 -34.91 -6.04
CA SER A 303 26.24 -34.68 -4.71
C SER A 303 24.74 -34.39 -4.76
N ASN A 304 24.33 -33.58 -5.74
CA ASN A 304 22.92 -33.23 -5.85
C ASN A 304 22.06 -34.48 -6.04
N ALA A 305 22.41 -35.31 -7.01
CA ALA A 305 21.65 -36.51 -7.29
C ALA A 305 21.66 -37.47 -6.10
N LYS A 306 22.84 -37.67 -5.50
CA LYS A 306 22.96 -38.59 -4.39
C LYS A 306 22.09 -38.13 -3.22
N ASN A 307 22.15 -36.83 -2.90
CA ASN A 307 21.36 -36.33 -1.79
C ASN A 307 19.88 -36.35 -2.12
N ALA A 308 19.53 -36.15 -3.40
CA ALA A 308 18.13 -36.21 -3.80
C ALA A 308 17.56 -37.60 -3.56
N VAL A 309 18.23 -38.62 -4.10
CA VAL A 309 17.75 -39.99 -3.89
C VAL A 309 17.88 -40.37 -2.43
N LEU A 310 18.80 -39.71 -1.71
CA LEU A 310 18.91 -39.91 -0.28
C LEU A 310 17.65 -39.46 0.42
N PHE A 311 17.21 -38.23 0.13
CA PHE A 311 15.95 -37.73 0.65
C PHE A 311 14.83 -38.70 0.32
N GLU A 312 14.78 -39.15 -0.93
CA GLU A 312 13.72 -40.05 -1.33
C GLU A 312 13.72 -41.34 -0.51
N ALA A 313 14.87 -41.99 -0.38
CA ALA A 313 14.95 -43.24 0.35
C ALA A 313 14.61 -43.03 1.82
N ILE A 314 15.16 -41.99 2.43
CA ILE A 314 14.94 -41.72 3.84
C ILE A 314 13.46 -41.48 4.07
N SER A 315 12.87 -40.57 3.28
CA SER A 315 11.43 -40.33 3.36
C SER A 315 10.66 -41.63 3.27
N LEU A 316 11.04 -42.50 2.32
CA LEU A 316 10.44 -43.83 2.26
C LEU A 316 10.56 -44.53 3.61
N ILE A 317 11.70 -44.36 4.28
CA ILE A 317 11.90 -44.94 5.61
C ILE A 317 11.22 -44.08 6.66
N ILE A 318 11.13 -42.77 6.40
CA ILE A 318 10.44 -41.88 7.34
C ILE A 318 9.00 -42.35 7.53
N HIS A 319 8.44 -41.98 8.70
CA HIS A 319 7.06 -42.25 9.10
C HIS A 319 6.90 -43.70 9.54
N HIS A 320 7.93 -44.52 9.39
CA HIS A 320 7.85 -45.87 9.91
C HIS A 320 8.49 -45.94 11.29
N ASP A 321 9.77 -45.57 11.36
CA ASP A 321 10.49 -45.41 12.62
C ASP A 321 10.48 -46.67 13.45
N SER A 322 10.07 -47.78 12.86
CA SER A 322 10.25 -49.08 13.48
C SER A 322 11.67 -49.61 13.30
N GLU A 323 12.57 -48.74 12.84
CA GLU A 323 13.92 -49.13 12.44
C GLU A 323 14.91 -48.38 13.33
N PRO A 324 15.08 -48.77 14.59
CA PRO A 324 15.85 -47.96 15.53
C PRO A 324 17.26 -47.68 15.06
N ASN A 325 17.97 -48.72 14.63
CA ASN A 325 19.33 -48.56 14.12
C ASN A 325 19.36 -47.61 12.93
N LEU A 326 18.46 -47.80 11.98
CA LEU A 326 18.39 -46.92 10.82
C LEU A 326 18.06 -45.50 11.25
N LEU A 327 17.18 -45.37 12.26
CA LEU A 327 16.87 -44.04 12.79
C LEU A 327 18.12 -43.40 13.37
N VAL A 328 18.97 -44.20 14.01
CA VAL A 328 20.23 -43.68 14.53
C VAL A 328 21.11 -43.20 13.40
N ARG A 329 21.28 -44.03 12.37
CA ARG A 329 22.04 -43.61 11.20
C ARG A 329 21.52 -42.29 10.65
N ALA A 330 20.20 -42.17 10.54
CA ALA A 330 19.60 -40.95 10.01
C ALA A 330 19.89 -39.76 10.92
N CYS A 331 19.83 -39.96 12.23
CA CYS A 331 20.11 -38.89 13.16
C CYS A 331 21.55 -38.43 13.02
N ASN A 332 22.48 -39.37 12.93
CA ASN A 332 23.88 -39.02 12.74
C ASN A 332 24.06 -38.22 11.46
N GLN A 333 23.52 -38.75 10.35
CA GLN A 333 23.62 -38.08 9.08
C GLN A 333 23.10 -36.65 9.17
N LEU A 334 21.88 -36.48 9.69
CA LEU A 334 21.32 -35.15 9.86
C LEU A 334 22.20 -34.26 10.73
N GLY A 335 22.78 -34.82 11.78
CA GLY A 335 23.67 -34.06 12.64
C GLY A 335 24.80 -33.48 11.83
N GLN A 336 25.37 -34.29 10.95
CA GLN A 336 26.41 -33.77 10.08
C GLN A 336 25.82 -32.76 9.10
N PHE A 337 24.55 -32.95 8.75
CA PHE A 337 23.98 -32.21 7.63
C PHE A 337 23.74 -30.74 7.96
N LEU A 338 23.57 -30.40 9.23
CA LEU A 338 23.36 -29.00 9.61
C LEU A 338 24.70 -28.31 9.84
N GLN A 339 25.60 -28.55 8.89
CA GLN A 339 26.90 -27.88 8.87
C GLN A 339 27.34 -27.52 7.47
N HIS A 340 26.53 -27.77 6.45
CA HIS A 340 26.95 -27.70 5.06
C HIS A 340 26.75 -26.27 4.56
N ARG A 341 27.86 -25.64 4.19
CA ARG A 341 28.01 -24.19 4.13
C ARG A 341 26.94 -23.51 3.30
N GLU A 342 26.42 -24.17 2.27
CA GLU A 342 25.31 -23.62 1.51
C GLU A 342 24.05 -23.73 2.34
N THR A 343 23.40 -22.58 2.54
CA THR A 343 22.16 -22.51 3.31
C THR A 343 21.14 -23.52 2.82
N ASN A 344 21.09 -23.77 1.51
CA ASN A 344 20.09 -24.67 0.97
C ASN A 344 20.30 -26.09 1.47
N LEU A 345 21.57 -26.50 1.63
CA LEU A 345 21.86 -27.85 2.10
C LEU A 345 21.26 -28.08 3.48
N ARG A 346 21.73 -27.31 4.47
CA ARG A 346 21.22 -27.46 5.83
C ARG A 346 19.74 -27.13 5.89
N TYR A 347 19.26 -26.31 4.96
CA TYR A 347 17.84 -25.97 4.91
C TYR A 347 17.00 -27.20 4.63
N LEU A 348 17.24 -27.83 3.48
CA LEU A 348 16.51 -29.04 3.13
C LEU A 348 16.76 -30.11 4.17
N ALA A 349 17.94 -30.10 4.77
CA ALA A 349 18.20 -30.98 5.91
C ALA A 349 17.23 -30.68 7.03
N LEU A 350 16.92 -29.40 7.25
CA LEU A 350 15.99 -29.00 8.28
C LEU A 350 14.57 -29.48 7.96
N GLU A 351 14.17 -29.35 6.70
CA GLU A 351 12.90 -29.94 6.27
C GLU A 351 12.84 -31.43 6.57
N SER A 352 13.84 -32.17 6.09
CA SER A 352 13.85 -33.62 6.30
C SER A 352 13.81 -33.95 7.79
N MET A 353 14.50 -33.16 8.60
CA MET A 353 14.56 -33.43 10.02
C MET A 353 13.24 -33.13 10.71
N CYS A 354 12.67 -31.95 10.47
CA CYS A 354 11.39 -31.60 11.07
C CYS A 354 10.30 -32.57 10.59
N THR A 355 10.50 -33.13 9.40
CA THR A 355 9.68 -34.23 8.92
C THR A 355 9.84 -35.41 9.86
N LEU A 356 11.09 -35.81 10.08
CA LEU A 356 11.36 -36.96 10.94
C LEU A 356 11.17 -36.60 12.41
N ALA A 357 11.11 -35.31 12.70
CA ALA A 357 11.17 -34.78 14.06
C ALA A 357 10.28 -35.49 15.07
N SER A 358 9.16 -36.06 14.62
CA SER A 358 8.16 -36.63 15.51
C SER A 358 8.51 -38.04 15.96
N SER A 359 9.75 -38.46 15.77
CA SER A 359 10.16 -39.82 16.07
C SER A 359 10.23 -40.04 17.57
N GLU A 360 9.17 -40.64 18.12
CA GLU A 360 9.20 -41.10 19.50
C GLU A 360 10.46 -41.92 19.77
N PHE A 361 10.92 -42.66 18.77
CA PHE A 361 12.18 -43.39 18.87
C PHE A 361 13.34 -42.43 19.08
N SER A 362 13.52 -41.50 18.16
CA SER A 362 14.70 -40.65 18.12
C SER A 362 14.40 -39.21 18.56
N HIS A 363 13.29 -39.01 19.26
CA HIS A 363 12.98 -37.69 19.78
C HIS A 363 14.15 -37.12 20.56
N GLU A 364 14.62 -37.87 21.55
CA GLU A 364 15.74 -37.45 22.38
C GLU A 364 17.00 -37.22 21.55
N ALA A 365 17.24 -38.09 20.57
CA ALA A 365 18.45 -38.01 19.76
C ALA A 365 18.45 -36.70 18.97
N VAL A 366 17.28 -36.28 18.52
CA VAL A 366 17.16 -34.98 17.85
C VAL A 366 17.32 -33.87 18.87
N LYS A 367 16.64 -34.00 20.01
CA LYS A 367 16.65 -33.00 21.05
C LYS A 367 18.08 -32.69 21.50
N THR A 368 18.96 -33.67 21.34
CA THR A 368 20.38 -33.45 21.56
C THR A 368 20.89 -32.24 20.80
N HIS A 369 20.38 -32.01 19.60
CA HIS A 369 20.84 -30.94 18.73
C HIS A 369 20.15 -29.62 19.01
N ILE A 370 19.56 -29.47 20.19
CA ILE A 370 18.73 -28.31 20.49
C ILE A 370 19.55 -27.03 20.40
N GLU A 371 20.75 -27.03 20.99
CA GLU A 371 21.56 -25.81 20.98
C GLU A 371 22.14 -25.55 19.61
N THR A 372 22.47 -26.62 18.88
CA THR A 372 22.80 -26.47 17.47
C THR A 372 21.74 -25.62 16.80
N VAL A 373 20.49 -26.07 16.91
CA VAL A 373 19.35 -25.32 16.37
C VAL A 373 19.34 -23.90 16.89
N ILE A 374 19.52 -23.75 18.20
CA ILE A 374 19.39 -22.45 18.84
C ILE A 374 20.37 -21.45 18.25
N ASN A 375 21.66 -21.72 18.36
CA ASN A 375 22.64 -20.79 17.84
C ASN A 375 22.51 -20.62 16.34
N ALA A 376 22.17 -21.70 15.62
CA ALA A 376 22.00 -21.59 14.18
C ALA A 376 20.94 -20.57 13.85
N LEU A 377 19.74 -20.71 14.42
CA LEU A 377 18.66 -19.79 14.11
C LEU A 377 18.99 -18.39 14.61
N LYS A 378 19.67 -18.29 15.75
CA LYS A 378 20.14 -16.99 16.19
C LYS A 378 21.15 -16.41 15.23
N THR A 379 22.12 -17.21 14.79
CA THR A 379 23.09 -16.80 13.80
C THR A 379 22.64 -17.25 12.42
N GLU A 380 21.44 -16.81 12.02
CA GLU A 380 20.85 -17.34 10.80
C GLU A 380 20.63 -16.29 9.72
N ARG A 381 19.91 -15.22 10.08
CA ARG A 381 19.58 -14.14 9.15
C ARG A 381 18.65 -14.64 8.06
N ASP A 382 17.95 -15.74 8.33
CA ASP A 382 16.89 -16.22 7.46
C ASP A 382 15.80 -16.82 8.35
N VAL A 383 14.62 -17.05 7.76
CA VAL A 383 13.46 -17.48 8.51
C VAL A 383 13.01 -18.87 8.08
N SER A 384 13.06 -19.14 6.77
CA SER A 384 12.62 -20.43 6.23
C SER A 384 13.21 -21.56 7.05
N VAL A 385 14.53 -21.64 7.05
CA VAL A 385 15.29 -22.55 7.92
C VAL A 385 14.74 -22.47 9.34
N ARG A 386 14.45 -21.27 9.80
CA ARG A 386 14.03 -21.10 11.19
C ARG A 386 12.67 -21.73 11.44
N GLN A 387 11.75 -21.62 10.48
CA GLN A 387 10.46 -22.28 10.66
C GLN A 387 10.60 -23.79 10.58
N ARG A 388 11.47 -24.28 9.69
CA ARG A 388 11.75 -25.71 9.69
C ARG A 388 12.23 -26.16 11.06
N ALA A 389 13.14 -25.39 11.65
CA ALA A 389 13.66 -25.73 12.97
C ALA A 389 12.58 -25.62 14.03
N VAL A 390 11.70 -24.63 13.91
CA VAL A 390 10.59 -24.50 14.84
C VAL A 390 9.72 -25.74 14.80
N ASP A 391 9.38 -26.19 13.60
CA ASP A 391 8.59 -27.41 13.46
C ASP A 391 9.34 -28.61 14.02
N LEU A 392 10.64 -28.66 13.77
CA LEU A 392 11.48 -29.73 14.29
C LEU A 392 11.39 -29.81 15.80
N LEU A 393 11.80 -28.74 16.49
CA LEU A 393 11.72 -28.71 17.94
C LEU A 393 10.29 -28.91 18.42
N TYR A 394 9.32 -28.46 17.62
CA TYR A 394 7.93 -28.55 17.97
C TYR A 394 7.50 -30.00 18.12
N ALA A 395 7.76 -30.79 17.10
CA ALA A 395 7.41 -32.21 17.13
C ALA A 395 8.05 -32.90 18.32
N MET A 396 9.22 -32.44 18.74
CA MET A 396 9.99 -33.10 19.78
C MET A 396 9.93 -32.38 21.13
N CYS A 397 9.20 -31.28 21.24
CA CYS A 397 9.27 -30.48 22.46
C CYS A 397 8.69 -31.22 23.65
N ASP A 398 9.06 -30.74 24.84
CA ASP A 398 8.58 -31.28 26.10
C ASP A 398 8.80 -30.24 27.19
N ARG A 399 8.19 -30.47 28.35
CA ARG A 399 8.27 -29.58 29.50
C ARG A 399 9.68 -29.07 29.75
N SER A 400 10.61 -30.00 29.97
CA SER A 400 11.98 -29.69 30.33
C SER A 400 12.59 -28.66 29.40
N ASN A 401 12.68 -29.01 28.12
CA ASN A 401 13.18 -28.06 27.14
C ASN A 401 12.29 -26.82 27.11
N ALA A 402 10.98 -27.01 27.15
CA ALA A 402 10.04 -25.91 27.00
C ALA A 402 10.34 -24.77 27.95
N GLN A 403 10.78 -25.11 29.17
CA GLN A 403 11.14 -24.09 30.15
C GLN A 403 12.02 -23.02 29.53
N GLN A 404 13.13 -23.42 28.92
CA GLN A 404 14.02 -22.47 28.30
C GLN A 404 13.50 -22.04 26.94
N ILE A 405 12.93 -22.99 26.19
CA ILE A 405 12.37 -22.75 24.87
C ILE A 405 11.53 -21.49 24.88
N VAL A 406 10.72 -21.32 25.92
CA VAL A 406 9.96 -20.07 26.06
C VAL A 406 10.90 -18.88 25.93
N ALA A 407 11.94 -18.84 26.77
CA ALA A 407 12.83 -17.69 26.80
C ALA A 407 13.47 -17.45 25.45
N GLU A 408 14.09 -18.47 24.88
CA GLU A 408 14.81 -18.25 23.63
C GLU A 408 13.87 -17.93 22.47
N MET A 409 12.75 -18.65 22.37
CA MET A 409 11.78 -18.36 21.33
C MET A 409 11.30 -16.93 21.43
N LEU A 410 10.94 -16.49 22.65
CA LEU A 410 10.45 -15.12 22.81
C LEU A 410 11.53 -14.11 22.47
N SER A 411 12.75 -14.35 22.93
CA SER A 411 13.84 -13.44 22.61
C SER A 411 14.04 -13.33 21.10
N TYR A 412 13.70 -14.39 20.38
CA TYR A 412 13.76 -14.29 18.92
C TYR A 412 12.53 -13.57 18.36
N LEU A 413 11.35 -13.83 18.93
CA LEU A 413 10.11 -13.40 18.30
C LEU A 413 9.95 -11.90 18.36
N GLU A 414 10.42 -11.28 19.45
CA GLU A 414 10.33 -9.84 19.63
C GLU A 414 10.85 -9.10 18.41
N THR A 415 11.75 -9.72 17.66
CA THR A 415 12.16 -9.26 16.35
C THR A 415 11.77 -10.31 15.31
N ALA A 416 10.67 -10.07 14.61
CA ALA A 416 10.20 -10.99 13.58
C ALA A 416 9.15 -10.31 12.73
N ASP A 417 8.62 -11.06 11.76
CA ASP A 417 7.50 -10.57 10.98
C ASP A 417 6.23 -10.74 11.82
N TYR A 418 5.06 -10.57 11.23
CA TYR A 418 3.90 -10.17 12.01
C TYR A 418 2.83 -11.25 12.03
N SER A 419 2.41 -11.70 10.85
CA SER A 419 1.54 -12.85 10.77
C SER A 419 2.20 -14.07 11.42
N ILE A 420 3.39 -14.42 10.92
CA ILE A 420 4.19 -15.52 11.43
C ILE A 420 4.36 -15.34 12.94
N ARG A 421 4.48 -14.09 13.39
CA ARG A 421 4.51 -13.86 14.83
C ARG A 421 3.27 -14.45 15.48
N GLU A 422 2.10 -14.17 14.93
CA GLU A 422 0.87 -14.71 15.49
C GLU A 422 0.88 -16.23 15.45
N GLU A 423 1.18 -16.82 14.29
CA GLU A 423 1.15 -18.28 14.22
C GLU A 423 2.12 -18.90 15.21
N ILE A 424 3.31 -18.31 15.37
CA ILE A 424 4.31 -18.90 16.24
C ILE A 424 3.92 -18.75 17.70
N VAL A 425 3.44 -17.57 18.10
CA VAL A 425 3.06 -17.41 19.49
C VAL A 425 1.89 -18.32 19.81
N LEU A 426 0.98 -18.51 18.85
CA LEU A 426 -0.15 -19.42 19.07
C LEU A 426 0.32 -20.86 19.19
N LYS A 427 1.22 -21.28 18.31
CA LYS A 427 1.67 -22.68 18.35
C LYS A 427 2.49 -22.96 19.59
N VAL A 428 3.27 -21.97 20.05
CA VAL A 428 4.08 -22.19 21.23
C VAL A 428 3.18 -22.15 22.47
N ALA A 429 2.10 -21.35 22.41
CA ALA A 429 1.17 -21.34 23.53
C ALA A 429 0.44 -22.68 23.63
N ILE A 430 0.07 -23.25 22.49
CA ILE A 430 -0.59 -24.55 22.56
C ILE A 430 0.40 -25.64 22.90
N LEU A 431 1.67 -25.46 22.55
CA LEU A 431 2.70 -26.32 23.11
C LEU A 431 2.70 -26.23 24.64
N ALA A 432 2.76 -25.00 25.15
CA ALA A 432 2.72 -24.78 26.59
C ALA A 432 1.57 -25.53 27.23
N GLU A 433 0.36 -25.38 26.68
CA GLU A 433 -0.77 -26.08 27.27
C GLU A 433 -0.62 -27.59 27.13
N LYS A 434 0.06 -28.04 26.06
CA LYS A 434 0.39 -29.46 25.98
C LYS A 434 1.31 -29.87 27.13
N TYR A 435 2.01 -28.92 27.71
CA TYR A 435 2.92 -29.20 28.81
C TYR A 435 2.58 -28.41 30.06
N ALA A 436 1.52 -27.60 30.05
CA ALA A 436 1.19 -26.76 31.18
C ALA A 436 0.81 -27.61 32.38
N VAL A 437 1.72 -27.65 33.35
CA VAL A 437 1.44 -28.25 34.65
C VAL A 437 1.84 -27.22 35.70
N ASP A 438 2.74 -26.33 35.31
CA ASP A 438 3.19 -25.25 36.19
C ASP A 438 2.29 -24.05 35.89
N TYR A 439 1.00 -24.23 36.16
CA TYR A 439 -0.04 -23.28 35.76
C TYR A 439 0.19 -21.88 36.27
N THR A 440 0.74 -21.70 37.47
CA THR A 440 1.10 -20.36 37.89
C THR A 440 2.21 -19.79 37.01
N TRP A 441 3.28 -20.57 36.81
CA TRP A 441 4.36 -20.14 35.92
C TRP A 441 3.89 -20.01 34.49
N TYR A 442 2.96 -20.86 34.07
CA TYR A 442 2.41 -20.73 32.72
C TYR A 442 1.62 -19.44 32.58
N VAL A 443 0.88 -19.07 33.62
CA VAL A 443 0.16 -17.81 33.65
C VAL A 443 1.16 -16.68 33.52
N ASP A 444 2.25 -16.78 34.27
CA ASP A 444 3.31 -15.77 34.14
C ASP A 444 3.83 -15.70 32.72
N THR A 445 4.03 -16.85 32.10
CA THR A 445 4.46 -16.88 30.70
C THR A 445 3.48 -16.13 29.83
N ILE A 446 2.19 -16.37 30.02
CA ILE A 446 1.16 -15.69 29.23
C ILE A 446 1.22 -14.20 29.47
N LEU A 447 1.45 -13.81 30.73
CA LEU A 447 1.62 -12.40 31.05
C LEU A 447 2.75 -11.80 30.26
N ASN A 448 3.87 -12.51 30.18
CA ASN A 448 5.00 -12.03 29.38
C ASN A 448 4.60 -11.91 27.91
N LEU A 449 3.92 -12.92 27.38
CA LEU A 449 3.47 -12.88 25.99
C LEU A 449 2.66 -11.62 25.72
N ILE A 450 1.64 -11.39 26.55
CA ILE A 450 0.78 -10.22 26.38
C ILE A 450 1.61 -8.95 26.52
N ARG A 451 2.53 -8.96 27.46
CA ARG A 451 3.38 -7.79 27.69
C ARG A 451 4.21 -7.47 26.45
N ILE A 452 4.59 -8.50 25.70
CA ILE A 452 5.27 -8.27 24.43
C ILE A 452 4.40 -7.42 23.51
N ALA A 453 3.25 -7.94 23.11
CA ALA A 453 2.35 -7.19 22.25
C ALA A 453 0.97 -7.03 22.88
N GLY A 454 0.36 -8.17 23.24
CA GLY A 454 -0.98 -8.21 23.78
C GLY A 454 -1.99 -7.33 23.09
N ASP A 455 -1.77 -7.06 21.82
CA ASP A 455 -2.66 -6.18 21.09
C ASP A 455 -2.89 -6.69 19.68
N TYR A 456 -2.31 -7.85 19.37
CA TYR A 456 -2.50 -8.50 18.08
C TYR A 456 -3.07 -9.90 18.20
N VAL A 457 -3.02 -10.50 19.39
CA VAL A 457 -3.53 -11.85 19.60
C VAL A 457 -5.02 -11.90 19.26
N SER A 458 -5.43 -12.99 18.63
CA SER A 458 -6.81 -13.22 18.25
C SER A 458 -7.62 -13.64 19.48
N GLU A 459 -8.93 -13.77 19.29
CA GLU A 459 -9.87 -13.99 20.37
C GLU A 459 -9.78 -15.35 21.02
N GLU A 460 -9.81 -16.43 20.24
CA GLU A 460 -9.87 -17.77 20.80
C GLU A 460 -8.65 -18.09 21.65
N VAL A 461 -7.56 -17.35 21.46
CA VAL A 461 -6.35 -17.63 22.22
C VAL A 461 -6.54 -17.21 23.67
N TRP A 462 -6.82 -15.92 23.89
CA TRP A 462 -7.09 -15.49 25.24
C TRP A 462 -8.40 -16.08 25.76
N TYR A 463 -9.35 -16.35 24.86
CA TYR A 463 -10.50 -17.14 25.24
C TYR A 463 -10.08 -18.43 25.90
N ARG A 464 -9.20 -19.18 25.23
CA ARG A 464 -8.72 -20.45 25.74
C ARG A 464 -8.02 -20.29 27.07
N VAL A 465 -7.16 -19.27 27.20
CA VAL A 465 -6.43 -19.15 28.45
C VAL A 465 -7.38 -18.78 29.59
N ILE A 466 -8.41 -17.98 29.30
CA ILE A 466 -9.41 -17.67 30.31
C ILE A 466 -10.15 -18.93 30.73
N GLN A 467 -10.54 -19.74 29.75
CA GLN A 467 -11.17 -21.03 30.05
C GLN A 467 -10.26 -21.86 30.94
N ILE A 468 -9.00 -22.00 30.54
CA ILE A 468 -8.01 -22.68 31.35
C ILE A 468 -8.07 -22.18 32.78
N VAL A 469 -7.98 -20.87 32.96
CA VAL A 469 -8.02 -20.23 34.27
C VAL A 469 -9.24 -20.71 35.04
N ILE A 470 -10.42 -20.49 34.49
CA ILE A 470 -11.65 -20.87 35.18
C ILE A 470 -11.71 -22.38 35.31
N ASN A 471 -11.01 -23.09 34.43
CA ASN A 471 -10.89 -24.54 34.58
C ASN A 471 -9.72 -24.93 35.46
N ARG A 472 -8.78 -24.03 35.73
CA ARG A 472 -7.60 -24.37 36.50
C ARG A 472 -7.86 -24.53 37.98
N ASP A 473 -8.51 -23.56 38.62
CA ASP A 473 -9.03 -23.70 39.98
C ASP A 473 -7.90 -23.83 41.00
N ASP A 474 -6.70 -23.40 40.61
CA ASP A 474 -5.56 -23.54 41.49
C ASP A 474 -4.85 -22.23 41.76
N VAL A 475 -4.68 -21.41 40.72
CA VAL A 475 -3.89 -20.19 40.85
C VAL A 475 -4.75 -18.96 40.79
N GLN A 476 -6.07 -19.12 40.89
CA GLN A 476 -7.01 -18.05 40.60
C GLN A 476 -6.79 -16.86 41.53
N GLY A 477 -6.41 -17.11 42.77
CA GLY A 477 -5.99 -16.02 43.63
C GLY A 477 -4.70 -15.39 43.16
N TYR A 478 -3.66 -16.21 42.97
CA TYR A 478 -2.43 -15.80 42.32
C TYR A 478 -2.72 -15.08 41.01
N ALA A 479 -3.56 -15.71 40.19
CA ALA A 479 -3.88 -15.17 38.87
C ALA A 479 -4.47 -13.78 39.00
N ALA A 480 -5.45 -13.62 39.88
CA ALA A 480 -6.09 -12.34 40.10
C ALA A 480 -5.10 -11.29 40.57
N LYS A 481 -4.26 -11.67 41.53
CA LYS A 481 -3.25 -10.76 42.06
C LYS A 481 -2.30 -10.29 40.97
N THR A 482 -1.82 -11.23 40.17
CA THR A 482 -0.91 -10.90 39.08
C THR A 482 -1.59 -10.08 38.00
N VAL A 483 -2.88 -10.34 37.79
CA VAL A 483 -3.68 -9.57 36.85
C VAL A 483 -3.72 -8.14 37.33
N PHE A 484 -4.00 -7.96 38.63
CA PHE A 484 -3.94 -6.63 39.22
C PHE A 484 -2.59 -5.98 38.95
N GLU A 485 -1.51 -6.72 39.19
CA GLU A 485 -0.18 -6.21 38.89
C GLU A 485 -0.12 -5.66 37.47
N ALA A 486 -0.51 -6.48 36.51
CA ALA A 486 -0.53 -6.05 35.11
C ALA A 486 -1.45 -4.86 34.92
N LEU A 487 -2.43 -4.69 35.80
CA LEU A 487 -3.36 -3.58 35.64
C LEU A 487 -2.74 -2.27 36.10
N GLN A 488 -1.99 -2.27 37.20
CA GLN A 488 -1.32 -1.02 37.54
C GLN A 488 -0.16 -0.70 36.60
N ALA A 489 0.16 -1.59 35.67
CA ALA A 489 1.06 -1.21 34.60
C ALA A 489 0.44 -0.05 33.83
N PRO A 490 1.15 1.06 33.70
CA PRO A 490 0.55 2.26 33.11
C PRO A 490 0.08 2.08 31.67
N ALA A 491 0.79 1.27 30.90
CA ALA A 491 0.47 1.10 29.49
C ALA A 491 -0.84 0.34 29.33
N CYS A 492 -1.24 0.10 28.08
CA CYS A 492 -2.51 -0.57 27.82
C CYS A 492 -2.36 -1.55 26.67
N HIS A 493 -2.92 -2.74 26.85
CA HIS A 493 -3.10 -3.71 25.80
C HIS A 493 -4.50 -4.26 25.91
N GLU A 494 -5.34 -3.93 24.93
CA GLU A 494 -6.78 -4.15 25.05
C GLU A 494 -7.11 -5.60 25.36
N ASN A 495 -6.33 -6.55 24.82
CA ASN A 495 -6.52 -7.95 25.17
C ASN A 495 -6.27 -8.19 26.65
N LEU A 496 -5.13 -7.73 27.15
CA LEU A 496 -4.91 -7.71 28.60
C LEU A 496 -6.07 -7.06 29.32
N VAL A 497 -6.51 -5.89 28.83
CA VAL A 497 -7.63 -5.22 29.46
C VAL A 497 -8.81 -6.15 29.58
N LYS A 498 -9.32 -6.65 28.45
CA LYS A 498 -10.46 -7.57 28.47
C LYS A 498 -10.26 -8.70 29.46
N VAL A 499 -9.21 -9.49 29.23
CA VAL A 499 -9.01 -10.72 29.98
C VAL A 499 -8.88 -10.42 31.46
N GLY A 500 -7.86 -9.64 31.84
CA GLY A 500 -7.61 -9.41 33.25
C GLY A 500 -8.72 -8.65 33.94
N GLY A 501 -9.39 -7.75 33.22
CA GLY A 501 -10.51 -7.05 33.77
C GLY A 501 -11.58 -8.03 34.17
N TYR A 502 -12.01 -8.88 33.23
CA TYR A 502 -13.00 -9.89 33.56
C TYR A 502 -12.55 -10.76 34.72
N ILE A 503 -11.28 -11.18 34.69
CA ILE A 503 -10.74 -12.05 35.73
C ILE A 503 -10.91 -11.41 37.10
N LEU A 504 -10.39 -10.20 37.27
CA LEU A 504 -10.56 -9.51 38.54
C LEU A 504 -12.03 -9.27 38.85
N GLY A 505 -12.87 -9.08 37.83
CA GLY A 505 -14.28 -8.93 38.05
C GLY A 505 -14.84 -10.15 38.72
N GLU A 506 -14.29 -11.31 38.37
CA GLU A 506 -14.68 -12.56 39.01
C GLU A 506 -13.69 -13.02 40.07
N PHE A 507 -12.44 -12.55 40.03
CA PHE A 507 -11.44 -13.04 40.96
C PHE A 507 -10.80 -11.94 41.79
N GLY A 508 -11.17 -10.68 41.61
CA GLY A 508 -10.61 -9.62 42.44
C GLY A 508 -10.78 -9.82 43.92
N ASN A 509 -11.85 -10.51 44.32
CA ASN A 509 -12.00 -10.88 45.72
C ASN A 509 -10.84 -11.76 46.18
N LEU A 510 -10.29 -12.56 45.27
CA LEU A 510 -9.21 -13.47 45.62
C LEU A 510 -7.93 -12.69 45.86
N ILE A 511 -7.91 -11.42 45.45
CA ILE A 511 -6.85 -10.52 45.85
C ILE A 511 -7.48 -9.27 46.44
N ALA A 512 -7.76 -9.30 47.73
CA ALA A 512 -8.54 -8.23 48.34
C ALA A 512 -7.98 -7.70 49.65
N GLY A 513 -7.19 -8.48 50.39
CA GLY A 513 -6.68 -8.02 51.66
C GLY A 513 -5.47 -7.12 51.50
N ASP A 514 -5.42 -6.39 50.39
CA ASP A 514 -4.30 -5.55 50.06
C ASP A 514 -4.76 -4.12 49.79
N PRO A 515 -3.93 -3.14 50.14
CA PRO A 515 -4.32 -1.74 49.89
C PRO A 515 -4.60 -1.46 48.43
N ARG A 516 -3.77 -1.97 47.53
CA ARG A 516 -4.07 -1.79 46.10
C ARG A 516 -5.44 -2.36 45.76
N SER A 517 -5.82 -3.48 46.37
CA SER A 517 -7.19 -3.93 46.23
C SER A 517 -8.11 -2.89 46.83
N SER A 518 -8.78 -2.18 45.97
CA SER A 518 -9.57 -1.00 46.29
C SER A 518 -10.48 -0.75 45.11
N PRO A 519 -11.57 -1.51 44.99
CA PRO A 519 -12.39 -1.44 43.77
C PRO A 519 -12.81 -0.04 43.41
N LEU A 520 -12.80 0.88 44.36
CA LEU A 520 -13.03 2.29 44.06
C LEU A 520 -11.98 2.77 43.07
N ILE A 521 -10.71 2.61 43.44
CA ILE A 521 -9.62 3.16 42.65
C ILE A 521 -9.54 2.46 41.30
N GLN A 522 -9.47 1.13 41.32
CA GLN A 522 -9.35 0.40 40.06
C GLN A 522 -10.61 0.56 39.23
N PHE A 523 -11.74 0.79 39.90
CA PHE A 523 -13.00 1.03 39.20
C PHE A 523 -12.95 2.31 38.40
N ASN A 524 -12.58 3.41 39.05
CA ASN A 524 -12.48 4.69 38.36
C ASN A 524 -11.38 4.63 37.32
N LEU A 525 -10.36 3.81 37.59
CA LEU A 525 -9.27 3.60 36.66
C LEU A 525 -9.78 2.98 35.37
N LEU A 526 -10.45 1.84 35.48
CA LEU A 526 -11.06 1.18 34.35
C LEU A 526 -12.01 2.13 33.66
N HIS A 527 -12.68 2.98 34.43
CA HIS A 527 -13.53 4.00 33.86
C HIS A 527 -12.75 4.95 32.97
N SER A 528 -11.57 5.37 33.41
CA SER A 528 -10.70 6.16 32.55
C SER A 528 -10.37 5.38 31.28
N LYS A 529 -10.35 4.05 31.38
CA LYS A 529 -10.11 3.23 30.19
C LYS A 529 -11.42 2.81 29.55
N PHE A 530 -12.54 3.00 30.25
CA PHE A 530 -13.82 2.41 29.87
C PHE A 530 -14.23 2.76 28.45
N HIS A 531 -14.07 4.02 28.06
CA HIS A 531 -14.67 4.48 26.84
C HIS A 531 -13.61 4.74 25.77
N LEU A 532 -12.45 4.10 25.93
CA LEU A 532 -11.41 4.20 24.92
C LEU A 532 -10.98 2.77 24.59
N CYS A 533 -11.76 2.14 23.70
CA CYS A 533 -11.57 0.74 23.36
C CYS A 533 -12.46 0.38 22.18
N SER A 534 -12.55 -0.91 21.87
CA SER A 534 -13.54 -1.38 20.92
C SER A 534 -14.82 -1.75 21.65
N VAL A 535 -15.90 -1.90 20.89
CA VAL A 535 -17.23 -2.14 21.42
C VAL A 535 -17.32 -3.40 22.26
N PRO A 536 -16.84 -4.58 21.79
CA PRO A 536 -17.04 -5.81 22.57
C PRO A 536 -16.36 -5.72 23.93
N THR A 537 -15.22 -5.04 23.95
CA THR A 537 -14.55 -4.75 25.21
C THR A 537 -15.48 -4.04 26.17
N ARG A 538 -16.31 -3.13 25.64
CA ARG A 538 -17.24 -2.40 26.51
C ARG A 538 -18.27 -3.33 27.10
N ALA A 539 -18.77 -4.30 26.33
CA ALA A 539 -19.71 -5.28 26.86
C ALA A 539 -19.04 -6.12 27.96
N LEU A 540 -17.80 -6.54 27.70
CA LEU A 540 -17.03 -7.26 28.71
C LEU A 540 -16.93 -6.45 29.99
N LEU A 541 -16.55 -5.18 29.84
CA LEU A 541 -16.37 -4.33 31.02
C LEU A 541 -17.69 -4.04 31.70
N LEU A 542 -18.79 -4.09 30.95
CA LEU A 542 -20.10 -3.93 31.57
C LEU A 542 -20.42 -5.13 32.45
N SER A 543 -20.18 -6.34 31.93
CA SER A 543 -20.27 -7.53 32.76
C SER A 543 -19.36 -7.44 33.97
N THR A 544 -18.14 -6.94 33.78
CA THR A 544 -17.20 -6.83 34.88
C THR A 544 -17.70 -5.85 35.92
N TYR A 545 -18.21 -4.71 35.48
CA TYR A 545 -18.71 -3.68 36.37
C TYR A 545 -19.91 -4.17 37.15
N ILE A 546 -20.79 -4.94 36.51
CA ILE A 546 -21.93 -5.47 37.24
C ILE A 546 -21.48 -6.57 38.19
N LYS A 547 -20.38 -7.25 37.88
CA LYS A 547 -19.79 -8.17 38.85
C LYS A 547 -19.30 -7.42 40.07
N PHE A 548 -18.67 -6.27 39.85
CA PHE A 548 -18.01 -5.48 40.89
C PHE A 548 -18.87 -5.32 42.13
N VAL A 549 -20.04 -4.68 41.97
CA VAL A 549 -20.92 -4.41 43.11
C VAL A 549 -21.20 -5.69 43.89
N ASN A 550 -21.83 -6.65 43.24
CA ASN A 550 -22.28 -7.84 43.93
C ASN A 550 -21.10 -8.64 44.49
N LEU A 551 -19.88 -8.32 44.06
CA LEU A 551 -18.71 -8.88 44.71
C LEU A 551 -17.97 -7.86 45.55
N PHE A 552 -18.27 -6.58 45.40
CA PHE A 552 -17.61 -5.54 46.17
C PHE A 552 -18.61 -4.42 46.43
N PRO A 553 -19.42 -4.56 47.47
CA PRO A 553 -20.51 -3.61 47.70
C PRO A 553 -20.04 -2.19 48.00
N GLU A 554 -18.89 -2.07 48.66
CA GLU A 554 -18.37 -0.78 49.10
C GLU A 554 -18.39 0.26 47.98
N VAL A 555 -18.15 -0.18 46.75
CA VAL A 555 -18.03 0.74 45.63
C VAL A 555 -19.40 1.01 45.00
N LYS A 556 -20.42 0.27 45.43
CA LYS A 556 -21.73 0.28 44.78
C LYS A 556 -22.29 1.67 44.51
N ALA A 557 -22.49 2.45 45.58
CA ALA A 557 -23.12 3.76 45.46
C ALA A 557 -22.45 4.58 44.37
N THR A 558 -21.12 4.60 44.39
CA THR A 558 -20.37 5.28 43.33
C THR A 558 -20.67 4.67 41.98
N ILE A 559 -20.60 3.34 41.88
CA ILE A 559 -20.94 2.65 40.63
C ILE A 559 -22.34 3.05 40.20
N GLN A 560 -23.27 3.08 41.16
CA GLN A 560 -24.62 3.53 40.86
C GLN A 560 -24.60 4.89 40.20
N ASP A 561 -24.05 5.88 40.89
CA ASP A 561 -23.96 7.23 40.35
C ASP A 561 -23.42 7.24 38.94
N VAL A 562 -22.36 6.47 38.69
CA VAL A 562 -21.63 6.61 37.44
C VAL A 562 -22.35 5.93 36.28
N LEU A 563 -23.03 4.80 36.54
CA LEU A 563 -23.59 4.11 35.38
C LEU A 563 -24.82 4.85 34.86
N ARG A 564 -25.15 5.97 35.48
CA ARG A 564 -26.27 6.79 35.03
C ARG A 564 -25.85 7.92 34.11
N SER A 565 -24.58 7.96 33.70
CA SER A 565 -24.13 9.09 32.91
C SER A 565 -24.72 9.04 31.51
N ASP A 566 -25.01 10.22 30.97
CA ASP A 566 -25.62 10.36 29.65
C ASP A 566 -24.97 9.48 28.60
N SER A 567 -23.66 9.30 28.70
CA SER A 567 -22.89 8.50 27.75
C SER A 567 -23.56 7.16 27.47
N GLN A 568 -23.66 6.32 28.50
CA GLN A 568 -24.36 5.05 28.36
C GLN A 568 -25.84 5.22 28.08
N LEU A 569 -26.41 6.36 28.46
CA LEU A 569 -27.78 6.68 28.08
C LEU A 569 -27.89 7.10 26.63
N LYS A 570 -26.82 7.64 26.04
CA LYS A 570 -26.84 8.10 24.66
C LYS A 570 -25.95 7.28 23.75
N ASN A 571 -25.38 6.18 24.24
CA ASN A 571 -24.56 5.34 23.37
C ASN A 571 -25.33 4.92 22.14
N ALA A 572 -24.79 5.29 20.97
CA ALA A 572 -25.55 5.30 19.73
C ALA A 572 -26.14 3.93 19.42
N ASP A 573 -25.37 2.87 19.64
CA ASP A 573 -25.79 1.54 19.25
C ASP A 573 -27.06 1.12 19.97
N VAL A 574 -27.70 0.08 19.45
CA VAL A 574 -28.82 -0.52 20.14
C VAL A 574 -28.33 -1.36 21.31
N GLU A 575 -27.31 -2.18 21.06
CA GLU A 575 -26.93 -3.20 22.04
C GLU A 575 -26.48 -2.54 23.33
N LEU A 576 -25.38 -1.80 23.31
CA LEU A 576 -24.88 -1.20 24.52
C LEU A 576 -25.95 -0.36 25.23
N GLN A 577 -26.83 0.29 24.46
CA GLN A 577 -28.03 0.88 25.05
C GLN A 577 -28.68 -0.15 25.96
N GLN A 578 -29.09 -1.29 25.39
CA GLN A 578 -29.83 -2.28 26.15
C GLN A 578 -29.01 -2.92 27.27
N ARG A 579 -27.71 -3.12 27.02
CA ARG A 579 -26.85 -3.70 28.03
C ARG A 579 -26.78 -2.81 29.26
N ALA A 580 -26.40 -1.55 29.05
CA ALA A 580 -26.44 -0.56 30.12
C ALA A 580 -27.83 -0.46 30.72
N VAL A 581 -28.86 -0.72 29.92
CA VAL A 581 -30.23 -0.63 30.41
C VAL A 581 -30.53 -1.74 31.41
N GLU A 582 -30.26 -2.97 31.01
CA GLU A 582 -30.54 -4.10 31.91
C GLU A 582 -29.63 -4.04 33.11
N TYR A 583 -28.48 -3.39 32.98
CA TYR A 583 -27.62 -3.21 34.16
C TYR A 583 -28.16 -2.12 35.08
N LEU A 584 -28.56 -0.98 34.52
CA LEU A 584 -28.99 0.16 35.33
C LEU A 584 -30.32 -0.12 35.98
N ARG A 585 -31.33 -0.47 35.18
CA ARG A 585 -32.65 -0.74 35.73
C ARG A 585 -32.62 -1.82 36.79
N LEU A 586 -31.51 -2.56 36.89
CA LEU A 586 -31.32 -3.50 37.97
C LEU A 586 -30.41 -2.97 39.07
N SER A 587 -29.62 -1.94 38.79
CA SER A 587 -28.76 -1.36 39.82
C SER A 587 -29.45 -0.21 40.52
N THR A 588 -29.80 0.83 39.77
CA THR A 588 -30.66 1.92 40.22
C THR A 588 -31.90 1.35 40.88
N VAL A 589 -32.68 0.62 40.11
CA VAL A 589 -33.81 -0.12 40.66
C VAL A 589 -33.35 -1.52 40.97
N ALA A 590 -33.24 -1.85 42.25
CA ALA A 590 -32.56 -3.08 42.61
C ALA A 590 -33.39 -3.84 43.64
N SER A 591 -33.82 -5.04 43.26
CA SER A 591 -34.34 -5.99 44.24
C SER A 591 -33.27 -6.44 45.21
N THR A 592 -32.00 -6.31 44.84
CA THR A 592 -30.84 -6.52 45.69
C THR A 592 -30.65 -8.00 46.01
N ASP A 593 -31.62 -8.82 45.62
CA ASP A 593 -31.46 -10.26 45.73
C ASP A 593 -31.20 -10.89 44.38
N ILE A 594 -31.81 -10.35 43.33
CA ILE A 594 -31.59 -10.86 41.99
C ILE A 594 -30.14 -10.62 41.58
N LEU A 595 -29.47 -9.70 42.25
CA LEU A 595 -28.07 -9.42 41.96
C LEU A 595 -27.23 -10.67 42.23
N ALA A 596 -27.19 -11.09 43.49
CA ALA A 596 -26.46 -12.29 43.85
C ALA A 596 -27.06 -13.50 43.16
N THR A 597 -28.40 -13.54 43.11
CA THR A 597 -29.11 -14.63 42.44
C THR A 597 -28.54 -14.89 41.05
N VAL A 598 -28.48 -13.85 40.24
CA VAL A 598 -27.96 -13.94 38.89
C VAL A 598 -26.46 -14.19 38.94
N LEU A 599 -25.74 -13.38 39.70
CA LEU A 599 -24.29 -13.53 39.76
C LEU A 599 -23.91 -14.95 40.15
N GLU A 600 -22.91 -15.46 39.46
CA GLU A 600 -22.50 -16.85 39.61
C GLU A 600 -21.05 -16.95 39.22
N GLU A 601 -20.32 -17.85 39.88
CA GLU A 601 -18.88 -17.92 39.71
C GLU A 601 -18.45 -18.32 38.31
N MET A 602 -19.40 -18.49 37.38
CA MET A 602 -19.09 -18.86 36.01
C MET A 602 -18.25 -20.13 35.99
N PRO A 603 -18.88 -21.28 36.19
CA PRO A 603 -18.14 -22.51 36.51
C PRO A 603 -17.08 -22.82 35.47
N PRO A 604 -16.09 -23.63 35.81
CA PRO A 604 -15.13 -24.10 34.81
C PRO A 604 -15.84 -24.56 33.55
N PHE A 605 -15.32 -24.14 32.39
CA PHE A 605 -16.03 -24.42 31.15
C PHE A 605 -16.03 -25.91 30.87
N PRO A 606 -17.11 -26.40 30.25
CA PRO A 606 -17.16 -27.81 29.89
C PRO A 606 -16.04 -28.18 28.94
N GLU A 607 -15.79 -29.49 28.82
CA GLU A 607 -14.63 -29.97 28.08
C GLU A 607 -14.75 -29.64 26.60
N ARG A 608 -13.62 -29.34 25.98
CA ARG A 608 -13.53 -29.03 24.55
C ARG A 608 -12.26 -29.69 24.00
N GLU A 609 -11.85 -29.31 22.79
CA GLU A 609 -10.67 -29.94 22.21
C GLU A 609 -9.64 -28.91 21.74
N SER A 610 -9.83 -27.65 22.13
CA SER A 610 -8.89 -26.59 21.76
C SER A 610 -8.75 -26.49 20.25
N SER A 611 -9.85 -26.11 19.57
CA SER A 611 -9.86 -26.06 18.12
C SER A 611 -8.81 -25.11 17.57
N ILE A 612 -8.12 -24.39 18.46
CA ILE A 612 -6.97 -23.60 18.05
C ILE A 612 -6.02 -24.42 17.20
N LEU A 613 -5.86 -25.70 17.54
CA LEU A 613 -4.98 -26.57 16.76
C LEU A 613 -5.47 -26.71 15.32
N ALA A 614 -6.75 -27.04 15.14
CA ALA A 614 -7.26 -27.24 13.79
C ALA A 614 -7.28 -25.93 13.02
N LYS A 615 -7.49 -24.83 13.73
CA LYS A 615 -7.44 -23.51 13.11
C LYS A 615 -6.04 -23.21 12.59
N LEU A 616 -5.02 -23.43 13.43
CA LEU A 616 -3.65 -23.26 12.95
C LEU A 616 -3.37 -24.20 11.79
N LYS A 617 -3.96 -25.41 11.83
CA LYS A 617 -3.74 -26.38 10.75
C LYS A 617 -4.34 -25.89 9.44
N LYS A 618 -5.55 -25.35 9.48
CA LYS A 618 -6.11 -24.78 8.26
C LYS A 618 -5.29 -23.58 7.81
N LYS A 619 -4.78 -22.81 8.76
CA LYS A 619 -3.80 -21.79 8.41
C LYS A 619 -2.54 -22.42 7.83
N LYS A 620 -2.17 -23.58 8.36
CA LYS A 620 -1.05 -24.32 7.79
C LYS A 620 -1.37 -24.72 6.36
N GLY A 621 -0.48 -24.38 5.44
CA GLY A 621 -0.64 -24.73 4.05
C GLY A 621 0.18 -25.96 3.70
N SER B 11 28.49 14.71 -13.18
CA SER B 11 27.25 14.41 -12.47
C SER B 11 26.44 13.38 -13.22
N LYS B 12 26.66 13.30 -14.53
CA LYS B 12 25.91 12.42 -15.42
C LYS B 12 25.78 11.01 -14.86
N TYR B 13 24.66 10.34 -15.16
CA TYR B 13 24.32 9.03 -14.64
C TYR B 13 25.43 8.03 -14.91
N PHE B 14 25.63 7.11 -13.96
CA PHE B 14 26.49 5.97 -14.23
C PHE B 14 25.68 4.69 -14.09
N THR B 15 25.09 4.49 -12.93
CA THR B 15 24.10 3.43 -12.69
C THR B 15 24.58 2.07 -13.16
N THR B 16 25.84 1.74 -12.83
CA THR B 16 26.43 0.47 -13.21
C THR B 16 27.36 -0.03 -12.12
N ASN B 17 27.13 -1.27 -11.70
CA ASN B 17 28.06 -1.98 -10.81
C ASN B 17 27.73 -3.47 -10.87
N LYS B 18 28.65 -4.26 -11.44
CA LYS B 18 28.50 -5.71 -11.40
C LYS B 18 29.70 -6.38 -12.08
N LYS B 19 29.70 -7.70 -12.12
CA LYS B 19 30.36 -8.49 -13.16
C LYS B 19 31.80 -8.07 -13.40
N GLY B 20 32.63 -8.08 -12.37
CA GLY B 20 34.02 -7.78 -12.55
C GLY B 20 34.33 -6.33 -12.86
N GLU B 21 33.35 -5.55 -13.30
CA GLU B 21 33.53 -4.12 -13.45
C GLU B 21 33.88 -3.46 -12.12
N ILE B 22 33.80 -4.20 -11.01
CA ILE B 22 34.45 -3.76 -9.79
C ILE B 22 35.96 -3.73 -9.99
N PHE B 23 36.48 -4.64 -10.79
CA PHE B 23 37.92 -4.65 -11.04
C PHE B 23 38.29 -3.62 -12.10
N GLU B 24 37.34 -3.27 -12.97
CA GLU B 24 37.56 -2.10 -13.82
C GLU B 24 37.52 -0.83 -12.99
N LEU B 25 36.62 -0.79 -12.01
CA LEU B 25 36.62 0.28 -11.01
C LEU B 25 37.97 0.38 -10.34
N LYS B 26 38.57 -0.77 -10.03
CA LYS B 26 39.94 -0.78 -9.55
C LYS B 26 40.88 -0.17 -10.59
N ALA B 27 40.84 -0.69 -11.81
CA ALA B 27 41.73 -0.25 -12.89
C ALA B 27 41.74 1.26 -13.02
N GLU B 28 40.57 1.88 -13.06
CA GLU B 28 40.52 3.33 -13.06
C GLU B 28 40.97 3.92 -11.74
N LEU B 29 40.63 3.28 -10.62
CA LEU B 29 41.27 3.62 -9.35
C LEU B 29 42.75 3.32 -9.39
N ASN B 30 43.19 2.38 -10.22
CA ASN B 30 44.61 2.24 -10.53
C ASN B 30 44.99 3.27 -11.60
N ASN B 31 44.51 4.48 -11.35
CA ASN B 31 44.91 5.69 -12.03
C ASN B 31 44.57 6.84 -11.08
N GLU B 32 45.58 7.38 -10.41
CA GLU B 32 45.32 8.48 -9.48
C GLU B 32 44.77 9.69 -10.19
N LYS B 33 44.90 9.76 -11.52
CA LYS B 33 44.55 10.96 -12.25
C LYS B 33 43.06 11.25 -12.11
N LYS B 34 42.74 12.54 -12.11
CA LYS B 34 41.43 13.04 -11.69
C LYS B 34 40.27 12.41 -12.45
N GLU B 35 40.45 12.12 -13.74
CA GLU B 35 39.30 11.70 -14.54
C GLU B 35 38.83 10.31 -14.11
N LYS B 36 39.65 9.28 -14.31
CA LYS B 36 39.30 7.95 -13.87
C LYS B 36 38.82 7.94 -12.43
N ARG B 37 39.44 8.77 -11.59
CA ARG B 37 39.01 8.90 -10.20
C ARG B 37 37.56 9.36 -10.12
N LYS B 38 37.21 10.43 -10.83
CA LYS B 38 35.86 10.99 -10.72
C LYS B 38 34.82 10.05 -11.29
N GLU B 39 35.10 9.50 -12.47
CA GLU B 39 34.16 8.57 -13.07
C GLU B 39 34.00 7.31 -12.22
N ALA B 40 35.09 6.80 -11.67
CA ALA B 40 35.03 5.69 -10.74
C ALA B 40 34.15 6.06 -9.56
N VAL B 41 34.32 7.28 -9.05
CA VAL B 41 33.50 7.80 -7.96
C VAL B 41 32.03 7.78 -8.36
N LYS B 42 31.75 8.13 -9.61
CA LYS B 42 30.36 8.18 -10.05
C LYS B 42 29.78 6.78 -10.13
N LYS B 43 30.59 5.80 -10.51
CA LYS B 43 30.16 4.41 -10.42
C LYS B 43 29.94 4.00 -8.96
N VAL B 44 30.77 4.54 -8.06
CA VAL B 44 30.58 4.27 -6.63
C VAL B 44 29.25 4.82 -6.17
N ILE B 45 28.91 6.02 -6.63
CA ILE B 45 27.64 6.63 -6.28
C ILE B 45 26.50 5.81 -6.88
N ALA B 46 26.71 5.30 -8.09
CA ALA B 46 25.75 4.38 -8.69
C ALA B 46 25.51 3.19 -7.77
N ALA B 47 26.60 2.55 -7.33
CA ALA B 47 26.50 1.42 -6.41
C ALA B 47 25.77 1.78 -5.13
N MET B 48 26.06 2.96 -4.59
CA MET B 48 25.46 3.36 -3.34
C MET B 48 23.96 3.61 -3.52
N THR B 49 23.58 4.19 -4.66
CA THR B 49 22.17 4.39 -4.95
C THR B 49 21.45 3.06 -5.12
N VAL B 50 21.99 2.19 -5.97
CA VAL B 50 21.38 0.88 -6.17
C VAL B 50 21.56 0.00 -4.95
N GLY B 51 22.28 0.49 -3.95
CA GLY B 51 22.38 -0.20 -2.69
C GLY B 51 23.31 -1.40 -2.74
N LYS B 52 24.45 -1.26 -3.40
CA LYS B 52 25.46 -2.30 -3.44
C LYS B 52 26.71 -1.77 -2.76
N ASP B 53 27.14 -2.48 -1.71
CA ASP B 53 28.24 -2.02 -0.88
C ASP B 53 29.53 -1.91 -1.67
N VAL B 54 30.26 -0.83 -1.44
CA VAL B 54 31.59 -0.62 -2.02
C VAL B 54 32.55 -0.32 -0.89
N SER B 55 32.26 -0.87 0.30
CA SER B 55 33.14 -0.71 1.45
C SER B 55 34.55 -1.21 1.16
N SER B 56 34.68 -2.15 0.24
CA SER B 56 36.00 -2.68 -0.14
C SER B 56 36.91 -1.57 -0.63
N LEU B 57 36.32 -0.48 -1.10
CA LEU B 57 37.10 0.64 -1.60
C LEU B 57 37.60 1.56 -0.51
N PHE B 58 37.13 1.40 0.73
CA PHE B 58 37.57 2.25 1.83
C PHE B 58 39.08 2.36 1.90
N PRO B 59 39.85 1.31 1.62
CA PRO B 59 41.29 1.52 1.41
C PRO B 59 41.59 2.40 0.21
N ASP B 60 41.03 2.04 -0.95
CA ASP B 60 41.19 2.89 -2.12
C ASP B 60 40.63 4.28 -1.86
N VAL B 61 39.46 4.34 -1.23
CA VAL B 61 38.80 5.62 -0.96
C VAL B 61 39.67 6.48 -0.06
N VAL B 62 40.35 5.85 0.91
CA VAL B 62 41.11 6.63 1.87
C VAL B 62 42.44 7.07 1.27
N ASN B 63 43.04 6.23 0.43
CA ASN B 63 44.33 6.62 -0.12
C ASN B 63 44.17 7.68 -1.20
N CYS B 64 43.16 7.53 -2.07
CA CYS B 64 42.86 8.64 -2.98
C CYS B 64 42.28 9.81 -2.21
N MET B 65 41.75 9.55 -1.01
CA MET B 65 41.06 10.55 -0.24
C MET B 65 42.03 11.61 0.27
N GLN B 66 43.32 11.34 0.24
CA GLN B 66 44.28 12.40 0.49
C GLN B 66 44.20 13.36 -0.68
N THR B 67 43.53 14.49 -0.47
CA THR B 67 43.24 15.40 -1.57
C THR B 67 42.80 16.74 -0.99
N ASP B 68 42.32 17.63 -1.86
CA ASP B 68 41.75 18.89 -1.37
C ASP B 68 40.52 19.31 -2.17
N ASN B 69 39.89 18.43 -2.93
CA ASN B 69 38.77 18.79 -3.78
C ASN B 69 37.48 18.81 -2.97
N LEU B 70 36.71 19.89 -3.15
CA LEU B 70 35.48 20.05 -2.41
C LEU B 70 34.45 18.99 -2.77
N GLU B 71 34.20 18.81 -4.07
CA GLU B 71 33.25 17.78 -4.50
C GLU B 71 33.73 16.41 -4.05
N LEU B 72 35.02 16.17 -4.14
CA LEU B 72 35.60 14.93 -3.66
C LEU B 72 35.38 14.79 -2.17
N LYS B 73 35.59 15.89 -1.43
CA LYS B 73 35.34 15.89 0.00
C LYS B 73 33.89 15.51 0.31
N LYS B 74 32.96 16.05 -0.46
CA LYS B 74 31.54 15.84 -0.21
C LYS B 74 31.14 14.40 -0.50
N LEU B 75 31.54 13.90 -1.67
CA LEU B 75 31.20 12.53 -2.01
C LEU B 75 31.87 11.55 -1.05
N VAL B 76 33.08 11.86 -0.61
CA VAL B 76 33.75 11.03 0.38
C VAL B 76 32.99 11.08 1.70
N TYR B 77 32.54 12.28 2.09
CA TYR B 77 31.71 12.44 3.26
C TYR B 77 30.55 11.47 3.20
N LEU B 78 29.81 11.51 2.09
CA LEU B 78 28.62 10.69 1.97
C LEU B 78 28.95 9.20 2.00
N TYR B 79 29.82 8.77 1.11
CA TYR B 79 30.21 7.35 1.06
C TYR B 79 30.73 6.88 2.40
N LEU B 80 31.77 7.53 2.91
CA LEU B 80 32.35 7.21 4.20
C LEU B 80 31.29 7.08 5.27
N MET B 81 30.48 8.12 5.45
CA MET B 81 29.43 8.09 6.45
C MET B 81 28.53 6.87 6.28
N ASN B 82 27.84 6.79 5.13
CA ASN B 82 26.77 5.82 4.99
C ASN B 82 27.28 4.39 4.94
N TYR B 83 28.58 4.23 4.70
CA TYR B 83 29.12 2.88 4.62
C TYR B 83 29.84 2.45 5.89
N ALA B 84 30.46 3.40 6.60
CA ALA B 84 30.96 3.12 7.93
C ALA B 84 29.77 2.83 8.83
N LYS B 85 28.60 3.37 8.46
CA LYS B 85 27.36 2.87 9.03
C LYS B 85 27.31 1.35 8.96
N SER B 86 27.80 0.79 7.86
CA SER B 86 27.82 -0.65 7.66
C SER B 86 29.17 -1.25 8.08
N GLN B 87 30.10 -0.36 8.41
CA GLN B 87 31.41 -0.86 8.81
C GLN B 87 32.07 0.14 9.76
N PRO B 88 31.73 0.06 11.05
CA PRO B 88 32.29 1.04 12.01
C PRO B 88 33.79 0.94 12.16
N ASP B 89 34.38 -0.20 11.79
CA ASP B 89 35.81 -0.45 11.98
C ASP B 89 36.70 0.62 11.38
N MET B 90 36.63 0.82 10.06
CA MET B 90 37.60 1.68 9.39
C MET B 90 37.33 3.15 9.62
N ALA B 91 36.42 3.50 10.53
CA ALA B 91 36.10 4.89 10.81
C ALA B 91 37.32 5.62 11.37
N ILE B 92 38.33 4.87 11.78
CA ILE B 92 39.59 5.41 12.26
C ILE B 92 40.14 6.37 11.22
N MET B 93 40.04 5.97 9.95
CA MET B 93 40.45 6.83 8.85
C MET B 93 39.69 8.15 8.87
N ALA B 94 38.39 8.07 9.14
CA ALA B 94 37.52 9.22 9.00
C ALA B 94 37.88 10.33 9.98
N VAL B 95 37.97 9.98 11.27
CA VAL B 95 38.13 10.95 12.35
C VAL B 95 39.35 11.82 12.08
N ASN B 96 40.38 11.25 11.47
CA ASN B 96 41.57 12.02 11.15
C ASN B 96 41.24 13.16 10.20
N SER B 97 40.60 12.84 9.07
CA SER B 97 40.22 13.86 8.12
C SER B 97 39.25 14.86 8.74
N PHE B 98 38.27 14.35 9.49
CA PHE B 98 37.29 15.24 10.13
C PHE B 98 38.00 16.25 11.03
N VAL B 99 39.02 15.79 11.76
CA VAL B 99 39.87 16.71 12.51
C VAL B 99 40.52 17.70 11.56
N LYS B 100 41.19 17.20 10.53
CA LYS B 100 41.84 18.09 9.57
C LYS B 100 40.87 19.15 9.06
N ASP B 101 39.62 18.77 8.83
CA ASP B 101 38.65 19.77 8.37
C ASP B 101 38.27 20.71 9.49
N CYS B 102 38.17 20.23 10.74
CA CYS B 102 37.84 21.13 11.83
C CYS B 102 39.00 22.09 12.03
N GLU B 103 40.12 21.81 11.39
CA GLU B 103 41.18 22.80 11.24
C GLU B 103 41.27 23.28 9.80
N ASP B 104 40.13 23.43 9.14
CA ASP B 104 40.08 24.00 7.80
C ASP B 104 39.27 25.28 7.86
N PRO B 105 39.94 26.44 7.79
CA PRO B 105 39.30 27.72 8.09
C PRO B 105 38.00 28.01 7.35
N ASN B 106 37.65 27.23 6.33
CA ASN B 106 36.37 27.40 5.67
C ASN B 106 35.26 26.99 6.64
N PRO B 107 34.45 27.93 7.12
CA PRO B 107 33.37 27.55 8.05
C PRO B 107 32.30 26.72 7.39
N LEU B 108 32.08 26.89 6.09
CA LEU B 108 31.07 26.08 5.40
C LEU B 108 31.56 24.65 5.25
N ILE B 109 32.79 24.48 4.77
CA ILE B 109 33.39 23.15 4.71
C ILE B 109 33.47 22.54 6.10
N ARG B 110 33.76 23.38 7.10
CA ARG B 110 33.78 22.90 8.48
C ARG B 110 32.41 22.41 8.90
N ALA B 111 31.35 23.15 8.56
CA ALA B 111 30.02 22.72 8.91
C ALA B 111 29.64 21.45 8.18
N LEU B 112 30.14 21.28 6.96
CA LEU B 112 29.88 20.04 6.24
C LEU B 112 30.57 18.86 6.92
N ALA B 113 31.82 19.07 7.36
CA ALA B 113 32.50 18.07 8.17
C ALA B 113 31.69 17.77 9.42
N VAL B 114 31.17 18.80 10.07
CA VAL B 114 30.46 18.61 11.33
C VAL B 114 29.20 17.79 11.10
N ARG B 115 28.48 18.09 10.03
CA ARG B 115 27.23 17.35 9.79
C ARG B 115 27.50 15.93 9.35
N THR B 116 28.49 15.72 8.49
CA THR B 116 28.86 14.35 8.14
C THR B 116 29.30 13.56 9.36
N MET B 117 30.14 14.17 10.19
CA MET B 117 30.63 13.54 11.40
C MET B 117 29.48 13.24 12.36
N GLY B 118 28.83 14.27 12.88
CA GLY B 118 27.69 14.12 13.74
C GLY B 118 26.55 13.35 13.14
N CYS B 119 26.62 12.99 11.85
CA CYS B 119 25.70 12.03 11.26
C CYS B 119 26.03 10.62 11.70
N ILE B 120 27.17 10.44 12.37
CA ILE B 120 27.51 9.16 12.98
C ILE B 120 27.87 9.44 14.43
N ARG B 121 27.41 8.57 15.32
CA ARG B 121 27.70 8.67 16.75
C ARG B 121 27.93 7.28 17.28
N VAL B 122 29.11 7.01 17.82
CA VAL B 122 29.21 5.78 18.60
C VAL B 122 29.68 6.04 20.03
N ASP B 123 30.98 6.29 20.24
CA ASP B 123 31.44 6.91 21.47
C ASP B 123 32.72 7.70 21.27
N LYS B 124 33.46 7.40 20.20
CA LYS B 124 34.83 7.90 20.06
C LYS B 124 34.92 9.22 19.34
N ILE B 125 34.35 9.32 18.13
CA ILE B 125 34.29 10.60 17.47
C ILE B 125 33.67 11.64 18.39
N THR B 126 32.81 11.19 19.30
CA THR B 126 32.23 12.05 20.32
C THR B 126 33.30 12.88 21.00
N GLU B 127 34.24 12.22 21.68
CA GLU B 127 35.27 12.97 22.40
C GLU B 127 36.20 13.68 21.44
N TYR B 128 36.36 13.14 20.23
CA TYR B 128 37.22 13.80 19.26
C TYR B 128 36.66 15.16 18.89
N LEU B 129 35.34 15.30 18.92
CA LEU B 129 34.72 16.56 18.52
C LEU B 129 34.29 17.41 19.71
N CYS B 130 34.14 16.82 20.89
CA CYS B 130 33.50 17.50 22.01
C CYS B 130 33.94 18.94 22.19
N GLU B 131 35.20 19.16 22.51
CA GLU B 131 35.61 20.55 22.68
C GLU B 131 35.60 21.26 21.33
N PRO B 132 36.05 20.64 20.23
CA PRO B 132 35.79 21.24 18.92
C PRO B 132 34.32 21.53 18.71
N LEU B 133 33.45 20.61 19.13
CA LEU B 133 32.02 20.87 19.06
C LEU B 133 31.64 22.07 19.92
N ARG B 134 32.24 22.17 21.11
CA ARG B 134 31.93 23.30 21.97
C ARG B 134 32.38 24.61 21.34
N LYS B 135 33.46 24.56 20.56
CA LYS B 135 33.94 25.71 19.82
C LYS B 135 33.10 26.01 18.60
N CYS B 136 32.41 25.01 18.08
CA CYS B 136 31.31 25.26 17.15
C CYS B 136 30.12 25.86 17.87
N LEU B 137 29.96 25.59 19.17
CA LEU B 137 29.04 26.36 19.99
C LEU B 137 29.66 27.70 20.37
N LYS B 138 30.94 27.69 20.73
CA LYS B 138 31.69 28.92 20.88
C LYS B 138 32.19 29.40 19.52
N ASP B 139 31.27 29.43 18.56
CA ASP B 139 31.54 29.85 17.21
C ASP B 139 30.69 31.07 16.89
N GLU B 140 30.99 31.71 15.78
CA GLU B 140 30.31 32.93 15.39
C GLU B 140 29.75 32.83 13.98
N ASP B 141 29.91 31.67 13.35
CA ASP B 141 29.41 31.44 12.01
C ASP B 141 28.05 30.78 12.11
N PRO B 142 27.02 31.30 11.44
CA PRO B 142 25.70 30.67 11.51
C PRO B 142 25.71 29.23 11.07
N TYR B 143 26.55 28.87 10.11
CA TYR B 143 26.54 27.49 9.62
C TYR B 143 27.29 26.57 10.57
N VAL B 144 28.40 27.03 11.13
CA VAL B 144 29.15 26.18 12.05
C VAL B 144 28.33 25.93 13.30
N ARG B 145 27.84 27.00 13.93
CA ARG B 145 27.00 26.81 15.11
C ARG B 145 25.71 26.09 14.76
N LYS B 146 25.16 26.38 13.58
CA LYS B 146 23.94 25.74 13.13
C LYS B 146 24.11 24.24 13.07
N THR B 147 25.10 23.81 12.30
CA THR B 147 25.42 22.38 12.20
C THR B 147 25.79 21.82 13.54
N ALA B 148 26.40 22.63 14.41
CA ALA B 148 26.70 22.18 15.75
C ALA B 148 25.44 21.79 16.49
N ALA B 149 24.42 22.66 16.43
CA ALA B 149 23.15 22.34 17.08
C ALA B 149 22.51 21.13 16.44
N VAL B 150 22.59 21.03 15.11
CA VAL B 150 21.98 19.91 14.41
C VAL B 150 22.65 18.61 14.82
N CYS B 151 23.97 18.62 14.97
CA CYS B 151 24.69 17.40 15.32
C CYS B 151 24.63 17.15 16.82
N VAL B 152 24.26 18.16 17.60
CA VAL B 152 23.94 17.93 19.00
C VAL B 152 22.63 17.17 19.11
N ALA B 153 21.64 17.61 18.34
CA ALA B 153 20.41 16.85 18.20
C ALA B 153 20.71 15.43 17.73
N LYS B 154 21.48 15.31 16.65
CA LYS B 154 21.86 14.00 16.13
C LYS B 154 22.60 13.18 17.18
N LEU B 155 23.37 13.85 18.02
CA LEU B 155 24.04 13.16 19.11
C LEU B 155 23.02 12.57 20.07
N HIS B 156 21.86 13.21 20.21
CA HIS B 156 20.85 12.69 21.09
C HIS B 156 20.21 11.41 20.55
N ASP B 157 20.58 11.01 19.34
CA ASP B 157 20.14 9.70 18.83
C ASP B 157 20.40 8.59 19.82
N ILE B 158 21.50 8.69 20.57
CA ILE B 158 21.94 7.63 21.46
C ILE B 158 22.97 8.21 22.40
N ASN B 159 23.10 7.59 23.58
CA ASN B 159 24.08 7.98 24.57
C ASN B 159 23.76 9.35 25.14
N ALA B 160 22.59 9.87 24.84
CA ALA B 160 22.19 11.22 25.24
C ALA B 160 21.85 11.21 26.72
N GLN B 161 22.82 10.81 27.55
CA GLN B 161 22.64 10.77 28.99
C GLN B 161 23.93 11.13 29.71
N MET B 162 24.88 11.74 29.01
CA MET B 162 26.22 11.88 29.56
C MET B 162 26.47 13.31 30.05
N VAL B 163 27.30 13.42 31.08
CA VAL B 163 27.59 14.74 31.63
C VAL B 163 28.22 15.63 30.56
N GLU B 164 28.94 15.02 29.62
CA GLU B 164 29.47 15.78 28.50
C GLU B 164 28.33 16.32 27.64
N ASP B 165 27.43 15.43 27.21
CA ASP B 165 26.31 15.89 26.40
C ASP B 165 25.43 16.82 27.21
N GLN B 166 25.44 16.67 28.53
CA GLN B 166 24.65 17.56 29.38
C GLN B 166 25.26 18.96 29.41
N GLY B 167 26.58 19.06 29.46
CA GLY B 167 27.21 20.36 29.37
C GLY B 167 26.99 21.00 28.02
N PHE B 168 27.04 20.18 26.97
CA PHE B 168 26.63 20.66 25.66
C PHE B 168 25.19 21.16 25.68
N LEU B 169 24.33 20.45 26.41
CA LEU B 169 22.94 20.82 26.52
C LEU B 169 22.82 22.16 27.23
N ASP B 170 23.65 22.38 28.24
CA ASP B 170 23.66 23.67 28.93
C ASP B 170 24.08 24.78 27.98
N SER B 171 25.16 24.55 27.25
CA SER B 171 25.64 25.55 26.30
C SER B 171 24.58 25.88 25.27
N LEU B 172 24.01 24.87 24.62
CA LEU B 172 22.97 25.12 23.62
C LEU B 172 21.71 25.67 24.26
N ARG B 173 21.47 25.32 25.53
CA ARG B 173 20.30 25.77 26.25
C ARG B 173 20.38 27.27 26.52
N ASP B 174 21.61 27.76 26.71
CA ASP B 174 21.82 29.19 26.72
C ASP B 174 21.82 29.76 25.31
N LEU B 175 22.23 28.95 24.33
CA LEU B 175 22.15 29.36 22.94
C LEU B 175 20.71 29.48 22.48
N ILE B 176 19.78 28.99 23.30
CA ILE B 176 18.35 29.24 23.06
C ILE B 176 18.20 30.75 22.98
N ALA B 177 18.83 31.44 23.91
CA ALA B 177 19.07 32.88 23.74
C ALA B 177 20.16 33.05 22.70
N ASP B 178 19.77 33.38 21.47
CA ASP B 178 20.74 33.58 20.41
C ASP B 178 20.21 34.65 19.46
N SER B 179 21.12 35.47 18.96
CA SER B 179 20.75 36.48 17.98
C SER B 179 20.75 35.91 16.57
N ASN B 180 21.64 34.98 16.28
CA ASN B 180 21.77 34.48 14.92
C ASN B 180 20.50 33.76 14.51
N PRO B 181 19.80 34.23 13.49
CA PRO B 181 18.52 33.62 13.11
C PRO B 181 18.64 32.15 12.80
N MET B 182 19.68 31.78 12.05
CA MET B 182 19.91 30.38 11.69
C MET B 182 20.15 29.53 12.93
N VAL B 183 21.08 29.96 13.76
CA VAL B 183 21.51 29.19 14.92
C VAL B 183 20.38 29.14 15.93
N VAL B 184 19.73 30.28 16.20
CA VAL B 184 18.63 30.25 17.15
C VAL B 184 17.47 29.44 16.60
N ALA B 185 17.28 29.46 15.29
CA ALA B 185 16.15 28.77 14.68
C ALA B 185 16.32 27.26 14.76
N ASN B 186 17.49 26.76 14.36
CA ASN B 186 17.68 25.33 14.50
C ASN B 186 17.81 24.94 15.95
N ALA B 187 18.22 25.87 16.82
CA ALA B 187 18.19 25.59 18.25
C ALA B 187 16.77 25.33 18.71
N VAL B 188 15.83 26.18 18.30
CA VAL B 188 14.43 25.98 18.65
C VAL B 188 13.93 24.66 18.10
N ALA B 189 14.21 24.40 16.82
CA ALA B 189 13.80 23.13 16.22
C ALA B 189 14.34 21.94 16.99
N ALA B 190 15.65 21.98 17.28
CA ALA B 190 16.34 20.92 18.00
C ALA B 190 15.69 20.68 19.34
N LEU B 191 15.58 21.73 20.17
CA LEU B 191 15.02 21.57 21.51
C LEU B 191 13.59 21.07 21.46
N SER B 192 12.81 21.55 20.48
CA SER B 192 11.45 21.06 20.34
C SER B 192 11.44 19.57 20.05
N GLU B 193 12.38 19.10 19.22
CA GLU B 193 12.49 17.67 18.99
C GLU B 193 13.02 16.93 20.20
N ILE B 194 13.89 17.58 20.97
CA ILE B 194 14.49 16.95 22.13
C ILE B 194 13.45 16.78 23.23
N SER B 195 12.42 17.61 23.22
CA SER B 195 11.30 17.45 24.13
C SER B 195 10.71 16.06 24.00
N GLU B 196 10.88 15.43 22.83
CA GLU B 196 10.47 14.05 22.63
C GLU B 196 11.28 13.07 23.44
N SER B 197 12.53 13.39 23.76
CA SER B 197 13.18 12.73 24.88
C SER B 197 12.39 13.07 26.13
N HIS B 198 11.91 12.04 26.81
CA HIS B 198 10.87 12.20 27.82
C HIS B 198 11.35 11.84 29.22
N PRO B 199 12.24 12.65 29.80
CA PRO B 199 12.20 12.80 31.25
C PRO B 199 10.99 13.59 31.68
N ASN B 200 10.27 14.17 30.71
CA ASN B 200 9.05 14.93 30.95
C ASN B 200 9.36 16.14 31.83
N SER B 201 10.59 16.63 31.72
CA SER B 201 11.03 17.85 32.39
C SER B 201 11.89 18.62 31.42
N ASN B 202 11.65 18.44 30.13
CA ASN B 202 12.46 19.04 29.08
C ASN B 202 12.29 20.56 29.04
N LEU B 203 13.33 21.25 28.58
CA LEU B 203 13.22 22.64 28.14
C LEU B 203 12.69 23.59 29.19
N LEU B 204 13.45 23.82 30.26
CA LEU B 204 13.04 24.82 31.23
C LEU B 204 13.79 26.11 30.89
N ASP B 205 13.28 26.81 29.88
CA ASP B 205 13.81 28.11 29.50
C ASP B 205 12.66 29.06 29.17
N LEU B 206 11.44 28.56 29.35
CA LEU B 206 10.25 29.32 29.03
C LEU B 206 10.01 30.41 30.07
N ASN B 207 9.65 31.59 29.57
CA ASN B 207 9.35 32.74 30.41
C ASN B 207 8.81 33.88 29.56
N PRO B 208 8.04 34.81 30.15
CA PRO B 208 7.35 35.83 29.35
C PRO B 208 8.26 36.61 28.41
N GLN B 209 9.36 37.14 28.93
CA GLN B 209 10.27 37.89 28.08
C GLN B 209 10.81 37.02 26.96
N ASN B 210 11.13 35.77 27.27
CA ASN B 210 11.53 34.82 26.24
C ASN B 210 10.43 34.68 25.20
N ILE B 211 9.19 34.55 25.68
CA ILE B 211 8.05 34.46 24.78
C ILE B 211 8.02 35.65 23.83
N ASN B 212 8.20 36.85 24.38
CA ASN B 212 8.14 38.04 23.55
C ASN B 212 9.26 38.09 22.53
N LYS B 213 10.48 37.74 22.96
CA LYS B 213 11.61 37.83 22.05
C LYS B 213 11.49 36.80 20.94
N LEU B 214 11.05 35.58 21.28
CA LEU B 214 10.86 34.58 20.23
C LEU B 214 9.69 34.95 19.34
N LEU B 215 8.70 35.66 19.88
CA LEU B 215 7.61 36.15 19.04
C LEU B 215 8.14 37.14 18.02
N THR B 216 8.90 38.13 18.48
CA THR B 216 9.58 39.05 17.58
C THR B 216 10.39 38.29 16.53
N ALA B 217 11.16 37.30 16.97
CA ALA B 217 11.93 36.48 16.04
C ALA B 217 11.03 35.89 14.96
N LEU B 218 10.03 35.13 15.38
CA LEU B 218 9.01 34.61 14.47
C LEU B 218 8.58 35.67 13.47
N ASN B 219 8.31 36.88 13.95
CA ASN B 219 7.93 37.97 13.06
C ASN B 219 9.03 38.25 12.05
N GLU B 220 10.28 38.06 12.44
CA GLU B 220 11.38 38.40 11.54
C GLU B 220 12.17 37.19 11.05
N CYS B 221 11.94 36.02 11.63
CA CYS B 221 12.73 34.85 11.24
C CYS B 221 11.94 34.04 10.24
N THR B 222 12.63 33.10 9.60
CA THR B 222 12.03 32.30 8.53
C THR B 222 10.87 31.46 9.03
N GLU B 223 10.04 31.02 8.08
CA GLU B 223 8.92 30.13 8.34
C GLU B 223 9.33 28.91 9.17
N TRP B 224 10.56 28.42 8.99
CA TRP B 224 11.02 27.30 9.78
C TRP B 224 10.98 27.64 11.26
N GLY B 225 11.76 28.63 11.65
CA GLY B 225 11.79 29.10 13.02
C GLY B 225 10.42 29.52 13.50
N GLN B 226 9.61 30.07 12.60
CA GLN B 226 8.26 30.47 12.97
C GLN B 226 7.44 29.27 13.42
N ILE B 227 7.42 28.21 12.60
CA ILE B 227 6.68 27.01 12.95
C ILE B 227 7.25 26.37 14.19
N PHE B 228 8.57 26.41 14.34
CA PHE B 228 9.20 25.86 15.54
C PHE B 228 8.70 26.60 16.78
N ILE B 229 8.74 27.93 16.74
CA ILE B 229 8.18 28.76 17.78
C ILE B 229 6.72 28.42 18.03
N LEU B 230 5.97 28.15 16.96
CA LEU B 230 4.54 27.88 17.13
C LEU B 230 4.33 26.59 17.91
N ASP B 231 5.02 25.51 17.51
CA ASP B 231 4.86 24.27 18.25
C ASP B 231 5.41 24.38 19.67
N CYS B 232 6.46 25.15 19.88
CA CYS B 232 6.94 25.36 21.26
C CYS B 232 5.88 26.08 22.08
N LEU B 233 5.26 27.10 21.51
CA LEU B 233 4.15 27.76 22.17
C LEU B 233 3.01 26.79 22.42
N SER B 234 2.87 25.78 21.55
CA SER B 234 1.86 24.76 21.73
C SER B 234 2.20 23.91 22.94
N ASN B 235 3.37 24.13 23.52
CA ASN B 235 3.79 23.39 24.70
C ASN B 235 3.75 24.28 25.92
N TYR B 236 4.10 25.56 25.75
CA TYR B 236 4.01 26.51 26.83
C TYR B 236 2.55 26.75 27.16
N ASN B 237 2.25 26.86 28.45
CA ASN B 237 0.89 27.05 28.93
C ASN B 237 0.75 28.42 29.57
N PRO B 238 0.15 29.39 28.89
CA PRO B 238 -0.09 30.70 29.51
C PRO B 238 -0.95 30.55 30.76
N LYS B 239 -0.89 31.56 31.61
CA LYS B 239 -1.58 31.52 32.90
C LYS B 239 -2.90 32.26 32.87
N ASP B 240 -3.17 33.01 31.80
CA ASP B 240 -4.48 33.61 31.60
C ASP B 240 -4.64 34.06 30.14
N ASP B 241 -5.66 34.86 29.88
CA ASP B 241 -5.97 35.28 28.52
C ASP B 241 -5.30 36.57 28.11
N ARG B 242 -4.91 37.43 29.05
CA ARG B 242 -4.37 38.74 28.70
C ARG B 242 -3.08 38.62 27.91
N GLU B 243 -2.11 37.87 28.46
CA GLU B 243 -0.93 37.54 27.69
C GLU B 243 -1.34 36.81 26.41
N ALA B 244 -2.37 35.97 26.51
CA ALA B 244 -2.90 35.30 25.33
C ALA B 244 -3.55 36.29 24.38
N GLN B 245 -4.15 37.34 24.92
CA GLN B 245 -4.66 38.42 24.08
C GLN B 245 -3.53 38.96 23.24
N SER B 246 -2.49 39.48 23.90
CA SER B 246 -1.32 39.98 23.20
C SER B 246 -0.74 38.97 22.23
N ILE B 247 -0.78 37.68 22.58
CA ILE B 247 -0.24 36.66 21.69
C ILE B 247 -1.06 36.56 20.42
N CYS B 248 -2.39 36.50 20.55
CA CYS B 248 -3.23 36.49 19.37
C CYS B 248 -3.04 37.76 18.56
N GLU B 249 -2.67 38.85 19.22
CA GLU B 249 -2.29 40.05 18.46
C GLU B 249 -1.02 39.78 17.66
N ARG B 250 -0.06 39.09 18.26
CA ARG B 250 1.13 38.67 17.51
C ARG B 250 0.76 37.74 16.38
N VAL B 251 -0.35 37.01 16.52
CA VAL B 251 -0.78 36.08 15.48
C VAL B 251 -1.51 36.82 14.37
N THR B 252 -2.08 37.98 14.68
CA THR B 252 -2.80 38.79 13.72
C THR B 252 -2.04 38.93 12.40
N PRO B 253 -0.74 39.20 12.38
CA PRO B 253 -0.03 39.23 11.09
C PRO B 253 0.36 37.88 10.55
N ARG B 254 -0.02 36.79 11.21
CA ARG B 254 0.34 35.45 10.77
C ARG B 254 -0.59 34.94 9.68
N LEU B 255 -1.23 35.85 8.95
CA LEU B 255 -1.97 35.48 7.75
C LEU B 255 -0.98 35.21 6.62
N SER B 256 -1.49 35.25 5.39
CA SER B 256 -0.86 34.60 4.24
C SER B 256 0.67 34.63 4.26
N HIS B 257 1.26 33.44 4.16
CA HIS B 257 2.68 33.19 4.25
C HIS B 257 2.99 31.99 3.36
N ALA B 258 4.10 31.32 3.64
CA ALA B 258 4.18 29.90 3.27
C ALA B 258 3.22 29.11 4.12
N ASN B 259 1.93 29.32 3.87
CA ASN B 259 0.89 29.22 4.88
C ASN B 259 0.73 27.83 5.48
N SER B 260 0.34 26.86 4.65
CA SER B 260 -0.40 25.68 5.12
C SER B 260 0.04 25.19 6.49
N ALA B 261 1.33 24.88 6.62
CA ALA B 261 1.88 24.47 7.91
C ALA B 261 1.68 25.55 8.96
N VAL B 262 2.09 26.77 8.62
CA VAL B 262 2.03 27.87 9.58
C VAL B 262 0.60 28.11 10.01
N VAL B 263 -0.33 28.02 9.06
CA VAL B 263 -1.74 28.29 9.34
C VAL B 263 -2.31 27.21 10.26
N LEU B 264 -2.03 25.94 9.95
CA LEU B 264 -2.52 24.86 10.78
C LEU B 264 -1.97 24.97 12.21
N SER B 265 -0.66 25.19 12.31
CA SER B 265 -0.04 25.31 13.63
C SER B 265 -0.57 26.53 14.38
N ALA B 266 -0.81 27.63 13.67
CA ALA B 266 -1.33 28.83 14.28
C ALA B 266 -2.74 28.61 14.82
N VAL B 267 -3.58 27.96 14.01
CA VAL B 267 -4.92 27.62 14.45
C VAL B 267 -4.86 26.72 15.67
N LYS B 268 -3.90 25.79 15.67
CA LYS B 268 -3.67 24.96 16.84
C LYS B 268 -3.43 25.81 18.08
N VAL B 269 -2.41 26.68 18.01
CA VAL B 269 -2.03 27.47 19.17
C VAL B 269 -3.18 28.39 19.59
N LEU B 270 -3.95 28.86 18.62
CA LEU B 270 -5.06 29.76 18.92
C LEU B 270 -6.17 29.02 19.66
N MET B 271 -6.68 27.95 19.07
CA MET B 271 -7.68 27.13 19.74
C MET B 271 -7.19 26.68 21.11
N LYS B 272 -5.88 26.50 21.25
CA LYS B 272 -5.31 26.26 22.58
C LYS B 272 -5.66 27.39 23.53
N PHE B 273 -5.79 28.61 23.01
CA PHE B 273 -6.22 29.74 23.81
C PHE B 273 -7.63 30.19 23.48
N LEU B 274 -8.19 29.66 22.40
CA LEU B 274 -9.55 30.02 22.00
C LEU B 274 -10.54 29.12 22.71
N GLU B 275 -10.77 29.42 23.99
CA GLU B 275 -11.76 28.70 24.78
C GLU B 275 -12.63 29.70 25.54
N LEU B 276 -12.10 30.92 25.73
CA LEU B 276 -12.86 31.96 26.40
C LEU B 276 -13.98 32.46 25.50
N LEU B 277 -14.72 33.45 25.96
CA LEU B 277 -15.91 33.85 25.24
C LEU B 277 -15.63 34.98 24.27
N PRO B 278 -16.37 35.04 23.17
CA PRO B 278 -16.30 36.21 22.28
C PRO B 278 -16.90 37.47 22.87
N LYS B 279 -17.49 37.39 24.06
CA LYS B 279 -17.82 38.60 24.81
C LYS B 279 -16.63 39.05 25.63
N ASP B 280 -15.83 38.08 26.12
CA ASP B 280 -14.60 38.43 26.83
C ASP B 280 -13.72 39.30 25.96
N SER B 281 -13.65 38.99 24.68
CA SER B 281 -13.02 39.83 23.68
C SER B 281 -13.73 39.62 22.36
N ASP B 282 -13.79 40.67 21.54
CA ASP B 282 -14.48 40.55 20.28
C ASP B 282 -13.47 40.32 19.17
N TYR B 283 -12.20 40.64 19.45
CA TYR B 283 -11.10 40.13 18.65
C TYR B 283 -11.26 38.62 18.51
N TYR B 284 -11.77 37.98 19.57
CA TYR B 284 -12.23 36.59 19.50
C TYR B 284 -13.22 36.41 18.36
N ASN B 285 -14.37 37.09 18.43
CA ASN B 285 -15.38 36.92 17.40
C ASN B 285 -14.99 37.60 16.10
N MET B 286 -14.16 38.64 16.17
CA MET B 286 -13.54 39.16 14.96
C MET B 286 -12.80 38.07 14.22
N LEU B 287 -12.00 37.28 14.93
CA LEU B 287 -11.32 36.17 14.29
C LEU B 287 -12.30 35.11 13.82
N LEU B 288 -13.30 34.80 14.65
CA LEU B 288 -14.31 33.82 14.26
C LEU B 288 -14.92 34.15 12.91
N LYS B 289 -15.36 35.40 12.74
CA LYS B 289 -15.95 35.80 11.47
C LYS B 289 -14.90 35.86 10.38
N LYS B 290 -13.71 36.37 10.70
CA LYS B 290 -12.68 36.58 9.69
C LYS B 290 -12.14 35.26 9.18
N LEU B 291 -12.33 34.19 9.95
CA LEU B 291 -11.66 32.93 9.66
C LEU B 291 -12.17 32.24 8.40
N ALA B 292 -13.39 32.52 7.97
CA ALA B 292 -13.97 31.73 6.90
C ALA B 292 -13.22 31.86 5.58
N PRO B 293 -12.94 33.06 5.08
CA PRO B 293 -12.30 33.17 3.75
C PRO B 293 -10.93 32.51 3.70
N PRO B 294 -10.08 32.67 4.73
CA PRO B 294 -8.84 31.89 4.72
C PRO B 294 -9.10 30.39 4.73
N LEU B 295 -10.12 29.93 5.45
CA LEU B 295 -10.47 28.52 5.39
C LEU B 295 -10.84 28.10 3.98
N VAL B 296 -11.52 28.98 3.25
CA VAL B 296 -11.83 28.69 1.85
C VAL B 296 -10.55 28.56 1.04
N THR B 297 -9.63 29.50 1.24
CA THR B 297 -8.34 29.46 0.57
C THR B 297 -7.64 28.13 0.84
N LEU B 298 -7.71 27.68 2.09
CA LEU B 298 -7.21 26.36 2.43
C LEU B 298 -7.79 25.29 1.53
N LEU B 299 -9.10 25.36 1.26
CA LEU B 299 -9.75 24.48 0.30
C LEU B 299 -9.71 25.06 -1.10
N SER B 300 -9.07 26.22 -1.26
CA SER B 300 -8.89 26.81 -2.58
C SER B 300 -7.41 26.72 -2.94
N GLY B 301 -6.67 25.95 -2.15
CA GLY B 301 -5.26 25.76 -2.39
C GLY B 301 -5.01 24.63 -3.37
N GLU B 302 -4.24 23.64 -2.96
CA GLU B 302 -3.87 22.52 -3.79
C GLU B 302 -4.53 21.25 -3.28
N PRO B 303 -4.97 20.36 -4.19
CA PRO B 303 -5.75 19.17 -3.79
C PRO B 303 -5.26 18.44 -2.56
N GLU B 304 -3.96 18.28 -2.41
CA GLU B 304 -3.45 17.61 -1.22
C GLU B 304 -3.58 18.52 0.00
N VAL B 305 -3.25 19.81 -0.15
CA VAL B 305 -3.35 20.68 1.01
C VAL B 305 -4.80 21.06 1.27
N GLN B 306 -5.63 21.16 0.23
CA GLN B 306 -7.07 21.31 0.45
C GLN B 306 -7.64 20.06 1.08
N TYR B 307 -7.00 18.92 0.83
CA TYR B 307 -7.41 17.63 1.37
C TYR B 307 -7.15 17.58 2.88
N VAL B 308 -5.92 17.90 3.26
CA VAL B 308 -5.59 18.16 4.66
C VAL B 308 -6.56 19.16 5.26
N ALA B 309 -6.85 20.23 4.51
CA ALA B 309 -7.76 21.26 5.00
C ALA B 309 -9.13 20.68 5.27
N LEU B 310 -9.60 19.80 4.41
CA LEU B 310 -10.89 19.16 4.63
C LEU B 310 -10.88 18.34 5.90
N ARG B 311 -9.80 17.59 6.12
CA ARG B 311 -9.63 16.89 7.39
C ARG B 311 -9.77 17.86 8.55
N ASN B 312 -9.02 18.95 8.50
CA ASN B 312 -9.01 19.90 9.61
C ASN B 312 -10.36 20.58 9.76
N ILE B 313 -11.07 20.76 8.65
CA ILE B 313 -12.37 21.44 8.70
C ILE B 313 -13.41 20.53 9.35
N ASN B 314 -13.39 19.25 9.00
CA ASN B 314 -14.28 18.33 9.69
C ASN B 314 -13.97 18.37 11.18
N LEU B 315 -12.68 18.37 11.50
CA LEU B 315 -12.26 18.49 12.89
C LEU B 315 -12.85 19.74 13.54
N ILE B 316 -12.80 20.86 12.84
CA ILE B 316 -13.25 22.14 13.41
C ILE B 316 -14.76 22.11 13.64
N VAL B 317 -15.51 21.76 12.60
CA VAL B 317 -16.96 21.66 12.69
C VAL B 317 -17.32 20.79 13.88
N GLN B 318 -16.62 19.66 14.04
CA GLN B 318 -16.78 18.87 15.25
C GLN B 318 -16.55 19.73 16.48
N LYS B 319 -15.37 20.34 16.59
CA LYS B 319 -15.05 21.17 17.74
C LYS B 319 -15.90 22.44 17.75
N ARG B 320 -15.89 23.19 16.67
CA ARG B 320 -16.54 24.50 16.63
C ARG B 320 -17.64 24.52 15.59
N PRO B 321 -18.89 24.22 15.98
CA PRO B 321 -20.01 24.34 15.04
C PRO B 321 -20.55 25.77 14.95
N GLU B 322 -19.98 26.58 14.05
CA GLU B 322 -20.28 28.00 14.01
C GLU B 322 -20.25 28.56 12.60
N ILE B 323 -19.97 29.86 12.50
CA ILE B 323 -20.27 30.74 11.37
C ILE B 323 -20.02 30.09 10.01
N LEU B 324 -19.17 29.07 9.96
CA LEU B 324 -18.97 28.34 8.72
C LEU B 324 -20.27 27.69 8.24
N LYS B 325 -21.34 27.85 9.02
CA LYS B 325 -22.66 27.30 8.71
C LYS B 325 -23.29 28.03 7.53
N GLN B 326 -22.56 28.95 6.91
CA GLN B 326 -23.10 29.69 5.78
C GLN B 326 -22.11 29.64 4.61
N GLU B 327 -21.06 28.84 4.76
CA GLU B 327 -20.03 28.73 3.73
C GLU B 327 -20.00 27.33 3.15
N ILE B 328 -21.13 26.62 3.21
CA ILE B 328 -21.25 25.30 2.60
C ILE B 328 -20.92 25.36 1.12
N LYS B 329 -20.99 26.55 0.53
CA LYS B 329 -20.68 26.76 -0.88
C LYS B 329 -19.39 26.06 -1.30
N VAL B 330 -18.41 26.05 -0.41
CA VAL B 330 -17.11 25.43 -0.71
C VAL B 330 -17.30 23.94 -0.94
N PHE B 331 -18.32 23.35 -0.32
CA PHE B 331 -18.52 21.91 -0.42
C PHE B 331 -19.40 21.54 -1.60
N PHE B 332 -19.61 22.49 -2.50
CA PHE B 332 -20.53 22.29 -3.61
C PHE B 332 -19.84 21.47 -4.68
N VAL B 333 -20.18 20.18 -4.71
CA VAL B 333 -19.52 19.17 -5.53
C VAL B 333 -19.61 19.52 -7.02
N LYS B 334 -18.61 19.08 -7.79
CA LYS B 334 -18.63 19.22 -9.24
C LYS B 334 -18.09 17.94 -9.84
N TYR B 335 -18.30 17.78 -11.15
CA TYR B 335 -17.77 16.62 -11.86
C TYR B 335 -16.26 16.52 -11.68
N ASN B 336 -15.53 17.57 -12.06
CA ASN B 336 -14.08 17.54 -12.01
C ASN B 336 -13.55 17.20 -10.63
N ASP B 337 -14.33 17.45 -9.59
CA ASP B 337 -13.90 17.21 -8.23
C ASP B 337 -13.55 15.75 -8.07
N PRO B 338 -12.49 15.42 -7.34
CA PRO B 338 -12.12 14.01 -7.17
C PRO B 338 -12.99 13.31 -6.15
N ILE B 339 -13.24 12.03 -6.39
CA ILE B 339 -14.30 11.26 -5.73
C ILE B 339 -14.35 11.48 -4.23
N TYR B 340 -13.21 11.35 -3.54
CA TYR B 340 -13.23 11.47 -2.09
C TYR B 340 -13.44 12.91 -1.67
N VAL B 341 -12.85 13.86 -2.41
CA VAL B 341 -13.10 15.27 -2.15
C VAL B 341 -14.58 15.58 -2.27
N LYS B 342 -15.20 15.07 -3.34
CA LYS B 342 -16.65 15.14 -3.46
C LYS B 342 -17.33 14.53 -2.24
N LEU B 343 -16.79 13.42 -1.76
CA LEU B 343 -17.37 12.76 -0.60
C LEU B 343 -17.42 13.71 0.58
N GLU B 344 -16.26 14.17 1.04
CA GLU B 344 -16.22 15.05 2.21
C GLU B 344 -17.00 16.33 1.96
N LYS B 345 -17.00 16.80 0.71
CA LYS B 345 -17.83 17.94 0.34
C LYS B 345 -19.26 17.69 0.77
N LEU B 346 -19.85 16.64 0.22
CA LEU B 346 -21.22 16.25 0.53
C LEU B 346 -21.40 16.00 2.03
N ASP B 347 -20.39 15.41 2.66
CA ASP B 347 -20.50 15.03 4.05
C ASP B 347 -20.67 16.26 4.92
N ILE B 348 -19.78 17.23 4.78
CA ILE B 348 -19.90 18.43 5.58
C ILE B 348 -21.08 19.26 5.09
N MET B 349 -21.47 19.12 3.82
CA MET B 349 -22.70 19.71 3.33
C MET B 349 -23.84 19.27 4.23
N ILE B 350 -23.93 17.96 4.46
CA ILE B 350 -24.91 17.43 5.39
C ILE B 350 -24.67 17.99 6.78
N ARG B 351 -23.40 18.03 7.19
CA ARG B 351 -23.07 18.62 8.48
C ARG B 351 -23.39 20.09 8.53
N LEU B 352 -23.29 20.78 7.39
CA LEU B 352 -23.73 22.17 7.27
C LEU B 352 -25.14 22.15 6.71
N ALA B 353 -26.06 21.60 7.49
CA ALA B 353 -27.44 21.39 7.06
C ALA B 353 -28.10 22.73 6.78
N SER B 354 -28.36 23.01 5.51
CA SER B 354 -29.00 24.25 5.09
C SER B 354 -30.48 23.99 4.87
N GLN B 355 -31.25 24.11 5.94
CA GLN B 355 -32.70 23.91 5.93
C GLN B 355 -33.36 24.62 4.76
N ALA B 356 -32.76 25.72 4.31
CA ALA B 356 -33.24 26.37 3.09
C ALA B 356 -32.99 25.49 1.87
N ASN B 357 -31.75 25.01 1.73
CA ASN B 357 -31.35 24.32 0.51
C ASN B 357 -31.80 22.86 0.48
N ILE B 358 -32.27 22.33 1.61
CA ILE B 358 -32.47 20.88 1.72
C ILE B 358 -33.33 20.35 0.59
N ALA B 359 -34.23 21.17 0.06
CA ALA B 359 -35.01 20.75 -1.10
C ALA B 359 -34.09 20.52 -2.29
N GLN B 360 -33.44 21.59 -2.74
CA GLN B 360 -32.51 21.45 -3.85
C GLN B 360 -31.31 20.60 -3.48
N VAL B 361 -30.94 20.61 -2.20
CA VAL B 361 -29.87 19.72 -1.75
C VAL B 361 -30.24 18.28 -2.03
N LEU B 362 -31.44 17.87 -1.63
CA LEU B 362 -31.86 16.48 -1.84
C LEU B 362 -32.08 16.20 -3.32
N ALA B 363 -32.49 17.22 -4.07
CA ALA B 363 -32.55 17.08 -5.51
C ALA B 363 -31.18 16.65 -6.03
N GLU B 364 -30.16 17.43 -5.68
CA GLU B 364 -28.78 17.08 -5.98
C GLU B 364 -28.43 15.70 -5.45
N LEU B 365 -28.95 15.35 -4.28
CA LEU B 365 -28.59 14.10 -3.65
C LEU B 365 -29.06 12.93 -4.48
N LYS B 366 -30.33 12.95 -4.89
CA LYS B 366 -30.83 11.89 -5.76
C LYS B 366 -30.15 11.92 -7.12
N GLU B 367 -29.82 13.12 -7.61
CA GLU B 367 -28.92 13.23 -8.74
C GLU B 367 -27.70 12.37 -8.54
N TYR B 368 -27.03 12.53 -7.40
CA TYR B 368 -25.83 11.77 -7.11
C TYR B 368 -26.15 10.28 -7.08
N ALA B 369 -27.23 9.92 -6.38
CA ALA B 369 -27.74 8.56 -6.40
C ALA B 369 -27.83 8.04 -7.84
N THR B 370 -28.20 8.92 -8.76
CA THR B 370 -28.27 8.57 -10.17
C THR B 370 -26.91 8.65 -10.86
N GLU B 371 -25.83 8.84 -10.11
CA GLU B 371 -24.51 8.75 -10.73
C GLU B 371 -24.00 7.31 -10.63
N VAL B 372 -22.70 7.12 -10.87
CA VAL B 372 -22.20 5.82 -11.31
C VAL B 372 -21.15 5.22 -10.37
N ASP B 373 -21.21 5.52 -9.08
CA ASP B 373 -20.32 4.86 -8.13
C ASP B 373 -21.09 4.38 -6.91
N VAL B 374 -20.85 3.12 -6.54
CA VAL B 374 -21.52 2.52 -5.39
C VAL B 374 -21.19 3.29 -4.12
N ASP B 375 -19.92 3.67 -3.94
CA ASP B 375 -19.45 4.11 -2.62
C ASP B 375 -20.18 5.37 -2.19
N PHE B 376 -19.97 6.46 -2.92
CA PHE B 376 -20.57 7.73 -2.60
C PHE B 376 -22.08 7.60 -2.54
N VAL B 377 -22.65 6.68 -3.33
CA VAL B 377 -24.08 6.46 -3.29
C VAL B 377 -24.49 5.95 -1.92
N ARG B 378 -23.76 4.97 -1.40
CA ARG B 378 -24.07 4.44 -0.08
C ARG B 378 -23.91 5.53 0.98
N LYS B 379 -22.83 6.30 0.87
CA LYS B 379 -22.61 7.40 1.82
C LYS B 379 -23.77 8.37 1.77
N ALA B 380 -24.24 8.70 0.58
CA ALA B 380 -25.33 9.65 0.43
C ALA B 380 -26.63 9.08 0.98
N VAL B 381 -26.82 7.77 0.83
CA VAL B 381 -28.00 7.14 1.41
C VAL B 381 -27.97 7.29 2.93
N ARG B 382 -26.81 7.01 3.52
CA ARG B 382 -26.64 7.19 4.96
C ARG B 382 -26.91 8.64 5.35
N ALA B 383 -26.37 9.57 4.58
CA ALA B 383 -26.53 11.00 4.89
C ALA B 383 -27.99 11.41 4.81
N ILE B 384 -28.70 10.94 3.78
CA ILE B 384 -30.11 11.24 3.64
C ILE B 384 -30.90 10.67 4.81
N GLY B 385 -30.54 9.46 5.22
CA GLY B 385 -31.15 8.88 6.39
C GLY B 385 -30.93 9.75 7.61
N ARG B 386 -29.72 10.30 7.72
CA ARG B 386 -29.44 11.24 8.81
C ARG B 386 -30.33 12.47 8.70
N CYS B 387 -30.55 12.96 7.49
CA CYS B 387 -31.48 14.07 7.30
C CYS B 387 -32.89 13.68 7.73
N ALA B 388 -33.25 12.41 7.55
CA ALA B 388 -34.50 11.92 8.08
C ALA B 388 -34.46 11.93 9.60
N ILE B 389 -33.32 11.53 10.17
CA ILE B 389 -33.10 11.68 11.60
C ILE B 389 -33.07 13.16 11.96
N LYS B 390 -32.70 14.00 11.02
CA LYS B 390 -32.84 15.45 11.13
C LYS B 390 -34.29 15.81 10.86
N VAL B 391 -34.54 17.09 10.55
CA VAL B 391 -35.91 17.61 10.47
C VAL B 391 -36.85 16.65 9.76
N GLU B 392 -38.05 16.51 10.34
CA GLU B 392 -38.96 15.44 9.93
C GLU B 392 -39.44 15.61 8.50
N GLN B 393 -39.67 16.86 8.10
CA GLN B 393 -40.20 17.15 6.77
C GLN B 393 -39.42 16.36 5.73
N SER B 394 -38.09 16.54 5.75
CA SER B 394 -37.18 15.80 4.89
C SER B 394 -37.49 14.31 4.91
N ALA B 395 -37.75 13.78 6.11
CA ALA B 395 -37.88 12.33 6.28
C ALA B 395 -38.90 11.73 5.34
N GLU B 396 -39.88 12.52 4.90
CA GLU B 396 -40.87 11.97 3.97
C GLU B 396 -40.28 11.76 2.59
N ARG B 397 -39.58 12.77 2.07
CA ARG B 397 -38.90 12.58 0.80
C ARG B 397 -37.84 11.50 0.93
N CYS B 398 -37.23 11.40 2.11
CA CYS B 398 -36.34 10.27 2.39
C CYS B 398 -37.09 8.96 2.23
N VAL B 399 -38.29 8.87 2.80
CA VAL B 399 -39.12 7.68 2.70
C VAL B 399 -39.26 7.32 1.24
N SER B 400 -39.80 8.24 0.46
CA SER B 400 -40.09 7.98 -0.95
C SER B 400 -38.82 7.60 -1.71
N THR B 401 -37.77 8.39 -1.53
CA THR B 401 -36.54 8.18 -2.28
C THR B 401 -35.87 6.88 -1.91
N LEU B 402 -35.55 6.68 -0.64
CA LEU B 402 -34.93 5.44 -0.22
C LEU B 402 -35.81 4.24 -0.55
N LEU B 403 -37.12 4.44 -0.62
CA LEU B 403 -37.98 3.34 -1.05
C LEU B 403 -37.75 2.99 -2.52
N ASP B 404 -37.80 4.00 -3.39
CA ASP B 404 -37.55 3.74 -4.80
C ASP B 404 -36.13 3.24 -5.01
N LEU B 405 -35.24 3.56 -4.07
CA LEU B 405 -33.87 3.07 -4.12
C LEU B 405 -33.81 1.59 -3.76
N ILE B 406 -34.61 1.20 -2.75
CA ILE B 406 -34.87 -0.21 -2.55
C ILE B 406 -35.31 -0.84 -3.85
N GLN B 407 -36.26 -0.21 -4.51
CA GLN B 407 -36.79 -0.69 -5.78
C GLN B 407 -35.78 -0.64 -6.89
N THR B 408 -34.65 0.06 -6.73
CA THR B 408 -33.56 -0.12 -7.67
C THR B 408 -33.04 -1.54 -7.61
N LYS B 409 -33.26 -2.22 -6.48
CA LYS B 409 -32.93 -3.63 -6.31
C LYS B 409 -31.44 -3.87 -6.48
N VAL B 410 -30.63 -2.98 -5.89
CA VAL B 410 -29.21 -3.21 -5.73
C VAL B 410 -28.94 -3.34 -4.24
N ASN B 411 -28.62 -4.54 -3.80
CA ASN B 411 -28.64 -4.88 -2.38
C ASN B 411 -27.77 -3.93 -1.57
N TYR B 412 -26.51 -3.79 -1.96
CA TYR B 412 -25.53 -3.01 -1.20
C TYR B 412 -26.09 -1.66 -0.75
N VAL B 413 -26.68 -0.89 -1.66
CA VAL B 413 -27.40 0.31 -1.24
C VAL B 413 -28.40 -0.04 -0.15
N VAL B 414 -29.37 -0.88 -0.49
CA VAL B 414 -30.41 -1.33 0.41
C VAL B 414 -29.78 -1.95 1.63
N GLN B 415 -28.61 -2.57 1.46
CA GLN B 415 -27.95 -3.21 2.60
C GLN B 415 -27.71 -2.24 3.74
N GLU B 416 -26.89 -1.22 3.51
CA GLU B 416 -26.66 -0.22 4.54
C GLU B 416 -27.91 0.58 4.84
N ALA B 417 -28.79 0.73 3.83
CA ALA B 417 -30.04 1.44 4.04
C ALA B 417 -30.89 0.76 5.11
N ILE B 418 -30.75 -0.56 5.24
CA ILE B 418 -31.47 -1.29 6.27
C ILE B 418 -31.09 -0.76 7.65
N VAL B 419 -29.79 -0.62 7.89
CA VAL B 419 -29.32 -0.08 9.17
C VAL B 419 -29.74 1.37 9.31
N VAL B 420 -29.62 2.13 8.22
CA VAL B 420 -30.04 3.53 8.24
C VAL B 420 -31.46 3.64 8.74
N ILE B 421 -32.36 2.85 8.14
CA ILE B 421 -33.76 2.90 8.51
C ILE B 421 -33.96 2.32 9.91
N ARG B 422 -33.16 1.33 10.29
CA ARG B 422 -33.22 0.83 11.65
C ARG B 422 -33.03 1.97 12.63
N ASP B 423 -32.01 2.79 12.39
CA ASP B 423 -31.69 3.86 13.32
C ASP B 423 -32.74 4.96 13.25
N ILE B 424 -33.21 5.26 12.04
CA ILE B 424 -34.29 6.23 11.88
C ILE B 424 -35.49 5.81 12.71
N PHE B 425 -35.88 4.54 12.60
CA PHE B 425 -37.08 4.05 13.23
C PHE B 425 -36.82 3.93 14.73
N ARG B 426 -35.57 3.70 15.11
CA ARG B 426 -35.19 3.87 16.50
C ARG B 426 -35.52 5.26 16.99
N LYS B 427 -35.16 6.28 16.21
CA LYS B 427 -35.60 7.64 16.50
C LYS B 427 -37.10 7.81 16.25
N TYR B 428 -37.64 7.08 15.28
CA TYR B 428 -39.01 7.31 14.85
C TYR B 428 -39.76 5.99 14.68
N PRO B 429 -40.22 5.39 15.78
CA PRO B 429 -40.80 4.05 15.69
C PRO B 429 -42.30 4.07 15.48
N ASN B 430 -42.80 2.92 15.04
CA ASN B 430 -44.22 2.68 14.79
C ASN B 430 -44.82 3.78 13.91
N LYS B 431 -44.16 4.09 12.81
CA LYS B 431 -44.64 5.15 11.93
C LYS B 431 -44.87 4.63 10.52
N TYR B 432 -43.91 3.89 9.98
CA TYR B 432 -43.95 3.43 8.60
C TYR B 432 -43.63 1.94 8.53
N GLU B 433 -44.18 1.20 9.48
CA GLU B 433 -44.08 -0.25 9.54
C GLU B 433 -44.53 -0.91 8.24
N SER B 434 -45.32 -0.18 7.45
CA SER B 434 -45.76 -0.68 6.15
C SER B 434 -44.61 -1.26 5.32
N ILE B 435 -43.41 -0.69 5.43
CA ILE B 435 -42.27 -1.17 4.67
C ILE B 435 -41.73 -2.48 5.22
N ILE B 436 -41.98 -2.78 6.50
CA ILE B 436 -41.51 -4.04 7.08
C ILE B 436 -42.01 -5.22 6.26
N ALA B 437 -43.23 -5.11 5.74
CA ALA B 437 -43.75 -6.15 4.86
C ALA B 437 -42.80 -6.39 3.69
N THR B 438 -42.47 -5.33 2.95
CA THR B 438 -41.51 -5.41 1.87
C THR B 438 -40.20 -6.04 2.35
N LEU B 439 -39.76 -5.62 3.54
CA LEU B 439 -38.53 -6.16 4.10
C LEU B 439 -38.60 -7.66 4.23
N CYS B 440 -39.79 -8.18 4.58
CA CYS B 440 -39.93 -9.62 4.76
C CYS B 440 -39.41 -10.41 3.57
N GLU B 441 -39.75 -9.99 2.34
CA GLU B 441 -39.15 -10.61 1.17
C GLU B 441 -37.64 -10.46 1.19
N ASN B 442 -37.18 -9.31 1.67
CA ASN B 442 -35.76 -9.01 1.64
C ASN B 442 -35.06 -9.61 2.85
N LEU B 443 -34.96 -10.93 2.86
CA LEU B 443 -34.15 -11.64 3.84
C LEU B 443 -33.29 -12.64 3.11
N ASP B 444 -33.65 -12.89 1.85
CA ASP B 444 -32.95 -13.81 0.96
C ASP B 444 -31.69 -13.18 0.38
N SER B 445 -31.25 -12.06 0.94
CA SER B 445 -30.06 -11.37 0.44
C SER B 445 -29.23 -10.87 1.60
N LEU B 446 -29.58 -11.27 2.82
CA LEU B 446 -28.88 -10.85 4.03
C LEU B 446 -27.40 -11.17 3.94
N ASP B 447 -26.56 -10.14 3.89
CA ASP B 447 -25.13 -10.34 3.73
C ASP B 447 -24.34 -9.34 4.56
N GLU B 448 -25.02 -8.48 5.28
CA GLU B 448 -24.37 -7.46 6.09
C GLU B 448 -24.80 -7.63 7.53
N PRO B 449 -23.88 -8.01 8.43
CA PRO B 449 -24.24 -8.22 9.83
C PRO B 449 -24.94 -7.01 10.40
N ASP B 450 -24.59 -5.84 9.87
CA ASP B 450 -25.30 -4.63 10.20
C ASP B 450 -26.76 -4.71 9.76
N ALA B 451 -27.00 -4.99 8.48
CA ALA B 451 -28.36 -5.03 7.97
C ALA B 451 -29.13 -6.21 8.54
N ARG B 452 -28.46 -7.35 8.67
CA ARG B 452 -29.09 -8.52 9.28
C ARG B 452 -29.49 -8.21 10.72
N ALA B 453 -28.59 -7.54 11.45
CA ALA B 453 -28.90 -7.15 12.82
C ALA B 453 -30.03 -6.14 12.84
N ALA B 454 -30.11 -5.29 11.82
CA ALA B 454 -31.23 -4.36 11.73
C ALA B 454 -32.55 -5.11 11.57
N MET B 455 -32.55 -6.13 10.71
CA MET B 455 -33.76 -6.93 10.53
C MET B 455 -34.14 -7.65 11.81
N ILE B 456 -33.14 -8.22 12.51
CA ILE B 456 -33.43 -8.91 13.76
C ILE B 456 -33.88 -7.92 14.82
N TRP B 457 -33.37 -6.69 14.75
CA TRP B 457 -33.84 -5.64 15.63
C TRP B 457 -35.31 -5.35 15.38
N ILE B 458 -35.69 -5.21 14.10
CA ILE B 458 -37.10 -5.10 13.73
C ILE B 458 -37.90 -6.23 14.34
N VAL B 459 -37.36 -7.45 14.24
CA VAL B 459 -38.02 -8.62 14.80
C VAL B 459 -38.29 -8.42 16.28
N GLY B 460 -37.24 -8.12 17.04
CA GLY B 460 -37.37 -7.89 18.47
C GLY B 460 -38.34 -6.77 18.78
N GLU B 461 -38.36 -5.76 17.92
CA GLU B 461 -39.27 -4.63 18.08
C GLU B 461 -40.70 -5.10 18.01
N TYR B 462 -41.07 -5.72 16.91
CA TYR B 462 -42.48 -5.87 16.57
C TYR B 462 -42.90 -7.33 16.43
N ALA B 463 -42.15 -8.23 17.07
CA ALA B 463 -42.55 -9.63 17.11
C ALA B 463 -43.94 -9.82 17.71
N GLU B 464 -44.51 -8.79 18.32
CA GLU B 464 -45.91 -8.85 18.74
C GLU B 464 -46.83 -8.54 17.57
N ARG B 465 -46.46 -7.54 16.78
CA ARG B 465 -47.18 -7.29 15.54
C ARG B 465 -46.78 -8.30 14.47
N ILE B 466 -45.50 -8.62 14.40
CA ILE B 466 -45.04 -9.65 13.50
C ILE B 466 -45.49 -11.02 14.02
N ASP B 467 -46.40 -11.64 13.29
CA ASP B 467 -46.97 -12.91 13.69
C ASP B 467 -46.37 -14.01 12.82
N ASN B 468 -46.12 -13.67 11.57
CA ASN B 468 -45.34 -14.53 10.69
C ASN B 468 -43.91 -14.69 11.18
N ALA B 469 -43.56 -13.99 12.27
CA ALA B 469 -42.24 -14.13 12.87
C ALA B 469 -41.86 -15.59 13.10
N ASP B 470 -42.85 -16.43 13.38
CA ASP B 470 -42.58 -17.81 13.77
C ASP B 470 -41.77 -18.55 12.72
N GLU B 471 -42.35 -18.73 11.53
CA GLU B 471 -41.70 -19.55 10.51
C GLU B 471 -40.38 -18.95 10.08
N LEU B 472 -40.35 -17.63 9.86
CA LEU B 472 -39.11 -17.00 9.45
C LEU B 472 -38.03 -17.16 10.51
N LEU B 473 -38.42 -17.16 11.78
CA LEU B 473 -37.44 -17.30 12.84
C LEU B 473 -36.91 -18.72 12.93
N GLU B 474 -37.80 -19.71 12.84
CA GLU B 474 -37.31 -21.08 12.84
C GLU B 474 -36.45 -21.35 11.63
N SER B 475 -36.73 -20.69 10.52
CA SER B 475 -35.77 -20.68 9.42
C SER B 475 -34.44 -20.14 9.91
N PHE B 476 -34.41 -18.85 10.27
CA PHE B 476 -33.19 -18.15 10.66
C PHE B 476 -32.38 -18.96 11.65
N LEU B 477 -33.01 -19.87 12.38
CA LEU B 477 -32.30 -20.85 13.15
C LEU B 477 -31.30 -21.65 12.32
N GLU B 478 -31.30 -21.53 10.99
CA GLU B 478 -30.21 -22.12 10.23
C GLU B 478 -28.88 -21.51 10.66
N GLY B 479 -28.91 -20.23 11.03
CA GLY B 479 -27.71 -19.56 11.44
C GLY B 479 -27.55 -19.53 12.94
N PHE B 480 -26.73 -20.44 13.44
CA PHE B 480 -26.38 -20.43 14.85
C PHE B 480 -24.87 -20.32 14.98
N HIS B 481 -24.16 -21.00 14.10
CA HIS B 481 -22.71 -20.90 14.04
C HIS B 481 -22.32 -20.01 12.88
N ASP B 482 -21.01 -19.87 12.66
CA ASP B 482 -20.41 -19.17 11.52
C ASP B 482 -21.08 -17.81 11.29
N GLU B 483 -21.35 -17.11 12.38
CA GLU B 483 -21.86 -15.75 12.27
C GLU B 483 -21.39 -14.99 13.51
N SER B 484 -21.03 -13.73 13.30
CA SER B 484 -20.35 -12.96 14.32
C SER B 484 -21.27 -12.67 15.51
N THR B 485 -20.72 -12.92 16.70
CA THR B 485 -21.45 -13.00 17.97
C THR B 485 -22.56 -11.99 18.13
N GLN B 486 -22.33 -10.75 17.68
CA GLN B 486 -23.36 -9.72 17.81
C GLN B 486 -24.64 -10.16 17.11
N VAL B 487 -24.54 -10.92 16.03
CA VAL B 487 -25.70 -11.41 15.32
C VAL B 487 -26.44 -12.36 16.24
N GLN B 488 -25.70 -13.27 16.88
CA GLN B 488 -26.28 -14.17 17.86
C GLN B 488 -27.03 -13.37 18.90
N LEU B 489 -26.31 -12.51 19.62
CA LEU B 489 -26.87 -11.69 20.69
C LEU B 489 -28.12 -10.95 20.24
N THR B 490 -28.11 -10.43 19.02
CA THR B 490 -29.28 -9.75 18.48
C THR B 490 -30.44 -10.70 18.37
N LEU B 491 -30.21 -11.88 17.80
CA LEU B 491 -31.24 -12.90 17.76
C LEU B 491 -31.74 -13.24 19.16
N LEU B 492 -30.82 -13.36 20.11
CA LEU B 492 -31.17 -13.78 21.45
C LEU B 492 -32.07 -12.74 22.12
N THR B 493 -31.69 -11.48 22.04
CA THR B 493 -32.48 -10.43 22.67
C THR B 493 -33.81 -10.25 21.93
N ALA B 494 -33.81 -10.46 20.63
CA ALA B 494 -35.06 -10.40 19.89
C ALA B 494 -36.00 -11.49 20.35
N ILE B 495 -35.47 -12.70 20.54
CA ILE B 495 -36.26 -13.82 21.01
C ILE B 495 -36.72 -13.57 22.44
N VAL B 496 -35.88 -12.93 23.24
CA VAL B 496 -36.27 -12.57 24.60
C VAL B 496 -37.46 -11.62 24.58
N LYS B 497 -37.35 -10.55 23.80
CA LYS B 497 -38.44 -9.61 23.60
C LYS B 497 -39.69 -10.35 23.17
N LEU B 498 -39.54 -11.26 22.20
CA LEU B 498 -40.67 -12.02 21.68
C LEU B 498 -41.34 -12.84 22.77
N PHE B 499 -40.57 -13.66 23.46
CA PHE B 499 -41.12 -14.48 24.54
C PHE B 499 -41.79 -13.62 25.60
N LEU B 500 -41.26 -12.42 25.81
CA LEU B 500 -41.91 -11.49 26.72
C LEU B 500 -43.26 -11.06 26.18
N LYS B 501 -43.30 -10.69 24.90
CA LYS B 501 -44.53 -10.21 24.29
C LYS B 501 -45.38 -11.37 23.81
N LYS B 502 -44.76 -12.49 23.47
CA LYS B 502 -45.49 -13.67 23.03
C LYS B 502 -44.90 -14.89 23.69
N PRO B 503 -45.18 -15.11 24.97
CA PRO B 503 -44.67 -16.32 25.63
C PRO B 503 -45.30 -17.58 25.10
N SER B 504 -46.44 -17.45 24.42
CA SER B 504 -47.26 -18.59 24.02
C SER B 504 -46.50 -19.62 23.20
N GLU B 505 -45.54 -19.19 22.38
CA GLU B 505 -44.86 -20.17 21.54
C GLU B 505 -43.37 -19.92 21.40
N THR B 506 -42.73 -19.24 22.35
CA THR B 506 -41.29 -19.03 22.26
C THR B 506 -40.52 -19.98 23.18
N GLN B 507 -41.23 -20.77 23.98
CA GLN B 507 -40.63 -21.67 24.96
C GLN B 507 -39.66 -22.64 24.30
N GLU B 508 -40.14 -23.45 23.36
CA GLU B 508 -39.26 -24.33 22.63
C GLU B 508 -38.10 -23.58 22.02
N LEU B 509 -38.36 -22.41 21.45
CA LEU B 509 -37.32 -21.60 20.84
C LEU B 509 -36.27 -21.18 21.86
N VAL B 510 -36.73 -20.53 22.94
CA VAL B 510 -35.79 -20.03 23.93
C VAL B 510 -34.99 -21.19 24.53
N GLN B 511 -35.63 -22.33 24.75
CA GLN B 511 -34.94 -23.43 25.42
C GLN B 511 -33.86 -24.01 24.50
N GLN B 512 -34.21 -24.30 23.23
CA GLN B 512 -33.20 -24.85 22.35
C GLN B 512 -32.08 -23.86 22.13
N VAL B 513 -32.41 -22.58 21.95
CA VAL B 513 -31.37 -21.60 21.63
C VAL B 513 -30.48 -21.35 22.83
N LEU B 514 -31.06 -21.42 24.04
CA LEU B 514 -30.25 -21.26 25.24
C LEU B 514 -29.31 -22.43 25.40
N SER B 515 -29.84 -23.65 25.32
CA SER B 515 -28.99 -24.83 25.37
C SER B 515 -27.82 -24.71 24.40
N LEU B 516 -28.14 -24.42 23.14
CA LEU B 516 -27.10 -24.30 22.12
C LEU B 516 -26.09 -23.21 22.48
N ALA B 517 -26.57 -21.97 22.58
CA ALA B 517 -25.66 -20.83 22.72
C ALA B 517 -24.89 -20.88 24.02
N THR B 518 -25.34 -21.68 24.99
CA THR B 518 -24.61 -21.78 26.24
C THR B 518 -23.65 -22.94 26.27
N GLN B 519 -23.95 -24.03 25.56
CA GLN B 519 -23.04 -25.16 25.50
C GLN B 519 -22.13 -25.10 24.28
N ASP B 520 -22.60 -24.56 23.18
CA ASP B 520 -21.74 -24.23 22.04
C ASP B 520 -21.05 -22.91 22.24
N SER B 521 -21.13 -22.33 23.43
CA SER B 521 -20.55 -21.02 23.67
C SER B 521 -19.03 -21.10 23.66
N ASP B 522 -18.42 -19.99 23.30
CA ASP B 522 -17.04 -19.68 23.67
C ASP B 522 -16.91 -18.37 24.42
N ASN B 523 -17.75 -17.38 24.13
CA ASN B 523 -17.73 -16.13 24.85
C ASN B 523 -18.39 -16.29 26.20
N PRO B 524 -17.68 -16.11 27.31
CA PRO B 524 -18.34 -16.19 28.62
C PRO B 524 -19.45 -15.16 28.78
N ASP B 525 -19.33 -14.00 28.14
CA ASP B 525 -20.43 -13.03 28.22
C ASP B 525 -21.67 -13.58 27.54
N LEU B 526 -21.52 -14.23 26.39
CA LEU B 526 -22.67 -14.88 25.76
C LEU B 526 -23.23 -15.99 26.63
N ARG B 527 -22.39 -16.89 27.13
CA ARG B 527 -22.88 -18.02 27.90
C ARG B 527 -23.58 -17.57 29.16
N ASP B 528 -22.94 -16.66 29.91
CA ASP B 528 -23.55 -16.16 31.13
C ASP B 528 -24.71 -15.22 30.82
N ARG B 529 -24.78 -14.71 29.58
CA ARG B 529 -25.95 -13.96 29.20
C ARG B 529 -27.14 -14.89 29.01
N GLY B 530 -26.90 -16.07 28.44
CA GLY B 530 -27.92 -17.10 28.44
C GLY B 530 -28.28 -17.48 29.85
N TYR B 531 -27.25 -17.54 30.70
CA TYR B 531 -27.48 -17.77 32.13
C TYR B 531 -28.50 -16.79 32.68
N ILE B 532 -28.22 -15.50 32.49
CA ILE B 532 -29.09 -14.43 32.99
C ILE B 532 -30.45 -14.52 32.35
N TYR B 533 -30.49 -14.76 31.04
CA TYR B 533 -31.73 -14.92 30.32
C TYR B 533 -32.64 -15.95 30.96
N TRP B 534 -32.12 -17.14 31.26
CA TRP B 534 -33.00 -18.11 31.92
C TRP B 534 -33.26 -17.75 33.37
N ARG B 535 -32.24 -17.32 34.12
CA ARG B 535 -32.45 -17.05 35.55
C ARG B 535 -33.12 -15.70 35.76
N LEU B 536 -33.66 -15.16 34.68
CA LEU B 536 -34.61 -14.07 34.74
C LEU B 536 -35.95 -14.55 34.23
N LEU B 537 -35.93 -15.32 33.14
CA LEU B 537 -37.16 -15.81 32.54
C LEU B 537 -37.67 -17.06 33.25
N SER B 538 -36.78 -17.94 33.69
CA SER B 538 -37.25 -18.95 34.64
C SER B 538 -37.61 -18.31 35.96
N THR B 539 -36.91 -17.23 36.31
CA THR B 539 -37.17 -16.55 37.57
C THR B 539 -38.47 -15.75 37.53
N ASP B 540 -38.51 -14.72 36.69
CA ASP B 540 -39.61 -13.75 36.71
C ASP B 540 -39.66 -12.97 35.40
N PRO B 541 -40.24 -13.55 34.36
CA PRO B 541 -40.56 -12.76 33.18
C PRO B 541 -41.54 -11.66 33.56
N VAL B 542 -42.42 -12.03 34.50
CA VAL B 542 -43.37 -11.11 35.11
C VAL B 542 -42.64 -9.88 35.62
N THR B 543 -41.37 -10.04 35.97
CA THR B 543 -40.52 -8.92 36.32
C THR B 543 -39.63 -8.48 35.17
N ALA B 544 -39.28 -9.40 34.27
CA ALA B 544 -38.41 -9.07 33.15
C ALA B 544 -39.03 -7.97 32.29
N LYS B 545 -40.32 -8.11 31.99
CA LYS B 545 -40.98 -7.20 31.06
C LYS B 545 -40.85 -5.75 31.51
N GLU B 546 -40.94 -5.51 32.82
CA GLU B 546 -40.89 -4.14 33.33
C GLU B 546 -39.60 -3.45 32.93
N VAL B 547 -38.49 -4.18 33.01
CA VAL B 547 -37.22 -3.61 32.58
C VAL B 547 -37.21 -3.58 31.07
N VAL B 548 -37.35 -4.75 30.44
CA VAL B 548 -37.14 -4.90 29.02
C VAL B 548 -38.28 -4.26 28.22
N LEU B 549 -39.50 -4.75 28.41
CA LEU B 549 -40.60 -4.33 27.55
C LEU B 549 -40.96 -2.87 27.70
N SER B 550 -40.45 -2.19 28.72
CA SER B 550 -40.61 -0.75 28.83
C SER B 550 -39.67 -0.09 27.83
N GLU B 551 -40.01 1.14 27.41
CA GLU B 551 -39.24 1.79 26.37
C GLU B 551 -37.82 2.08 26.85
N LYS B 552 -36.90 2.15 25.90
CA LYS B 552 -35.51 2.53 26.15
C LYS B 552 -35.28 3.84 25.41
N PRO B 553 -35.10 4.94 26.14
CA PRO B 553 -35.02 6.25 25.48
C PRO B 553 -33.95 6.35 24.40
N LEU B 554 -34.08 7.37 23.55
CA LEU B 554 -33.27 7.46 22.35
C LEU B 554 -31.88 7.99 22.68
N ILE B 555 -31.14 8.36 21.64
CA ILE B 555 -29.77 8.82 21.78
C ILE B 555 -29.67 10.27 21.32
N SER B 556 -30.74 10.78 20.70
CA SER B 556 -30.88 12.18 20.32
C SER B 556 -29.79 12.68 19.36
N GLU B 557 -29.80 12.17 18.12
CA GLU B 557 -29.05 12.77 17.02
C GLU B 557 -27.54 12.77 17.26
N GLU B 558 -26.94 11.60 17.29
CA GLU B 558 -25.48 11.52 17.33
C GLU B 558 -24.92 11.86 15.95
N THR B 559 -25.32 11.08 14.94
CA THR B 559 -24.87 11.27 13.56
C THR B 559 -23.37 11.47 13.49
N ASP B 560 -22.61 10.45 13.88
CA ASP B 560 -21.15 10.45 13.79
C ASP B 560 -20.54 11.54 14.66
N LEU B 561 -20.78 11.43 15.96
CA LEU B 561 -20.16 12.35 16.92
C LEU B 561 -18.67 12.08 17.05
N ILE B 562 -18.01 12.85 17.90
CA ILE B 562 -16.58 12.72 18.13
C ILE B 562 -16.32 12.52 19.61
N GLU B 563 -15.30 11.73 19.92
CA GLU B 563 -14.83 11.66 21.31
C GLU B 563 -14.20 13.01 21.64
N PRO B 564 -14.73 13.73 22.60
CA PRO B 564 -14.20 15.06 22.91
C PRO B 564 -12.74 15.02 23.28
N THR B 565 -12.41 14.27 24.34
CA THR B 565 -11.04 14.25 24.85
C THR B 565 -10.07 13.89 23.74
N LEU B 566 -10.37 12.84 22.98
CA LEU B 566 -9.61 12.52 21.79
C LEU B 566 -9.47 13.74 20.88
N LEU B 567 -10.60 14.32 20.52
CA LEU B 567 -10.59 15.60 19.81
C LEU B 567 -9.80 16.63 20.60
N ASP B 568 -10.11 16.77 21.90
CA ASP B 568 -9.43 17.76 22.73
C ASP B 568 -7.92 17.55 22.72
N GLU B 569 -7.48 16.29 22.70
CA GLU B 569 -6.05 16.02 22.65
C GLU B 569 -5.49 16.12 21.24
N LEU B 570 -6.28 15.78 20.22
CA LEU B 570 -5.81 15.98 18.85
C LEU B 570 -5.68 17.45 18.51
N ILE B 571 -6.19 18.33 19.36
CA ILE B 571 -5.94 19.77 19.20
C ILE B 571 -4.44 19.98 19.32
N CYS B 572 -3.80 19.21 20.21
CA CYS B 572 -2.35 19.22 20.28
C CYS B 572 -1.71 18.65 19.03
N HIS B 573 -2.50 18.25 18.03
CA HIS B 573 -1.99 17.68 16.80
C HIS B 573 -2.57 18.34 15.55
N ILE B 574 -3.48 19.30 15.70
CA ILE B 574 -4.10 19.90 14.52
C ILE B 574 -3.03 20.71 13.80
N GLY B 575 -2.58 20.15 12.68
CA GLY B 575 -1.38 20.61 12.01
C GLY B 575 -0.44 19.44 11.80
N SER B 576 -0.48 18.48 12.72
CA SER B 576 0.37 17.30 12.68
C SER B 576 -0.42 16.13 12.13
N LEU B 577 0.30 15.07 11.76
CA LEU B 577 -0.28 13.89 11.14
C LEU B 577 -1.44 13.30 11.94
N ALA B 578 -1.31 13.29 13.27
CA ALA B 578 -2.27 12.60 14.12
C ALA B 578 -3.69 13.13 13.93
N SER B 579 -3.86 14.44 14.09
CA SER B 579 -5.17 15.05 13.98
C SER B 579 -5.74 14.89 12.57
N VAL B 580 -4.99 15.39 11.58
CA VAL B 580 -5.43 15.33 10.19
C VAL B 580 -5.84 13.91 9.82
N TYR B 581 -5.13 12.93 10.37
CA TYR B 581 -5.41 11.55 10.08
C TYR B 581 -6.59 11.03 10.88
N HIS B 582 -7.04 11.80 11.87
CA HIS B 582 -8.18 11.47 12.72
C HIS B 582 -8.01 10.12 13.41
N LYS B 583 -6.76 9.75 13.67
CA LYS B 583 -6.45 8.56 14.44
C LYS B 583 -5.40 8.92 15.48
N PRO B 584 -5.49 8.36 16.69
CA PRO B 584 -4.70 8.85 17.81
C PRO B 584 -3.21 8.81 17.52
N PRO B 585 -2.46 9.82 17.94
CA PRO B 585 -1.00 9.76 17.80
C PRO B 585 -0.41 8.53 18.45
N ASN B 586 -1.00 8.09 19.57
CA ASN B 586 -0.58 6.84 20.18
C ASN B 586 -0.85 5.66 19.27
N ALA B 587 -1.95 5.71 18.52
CA ALA B 587 -2.35 4.59 17.70
C ALA B 587 -1.31 4.28 16.62
N PHE B 588 -0.38 5.20 16.39
CA PHE B 588 0.70 4.93 15.47
C PHE B 588 2.02 5.28 16.12
N VAL B 589 2.97 4.34 16.02
CA VAL B 589 4.30 4.54 16.57
C VAL B 589 5.31 3.93 15.63
N MET C 1 14.89 15.15 11.36
CA MET C 1 13.46 15.16 11.62
C MET C 1 12.75 14.12 10.78
N ILE C 2 13.32 13.83 9.61
CA ILE C 2 12.75 12.91 8.63
C ILE C 2 13.91 12.11 8.06
N GLY C 3 13.58 10.98 7.42
CA GLY C 3 14.62 10.13 6.88
C GLY C 3 14.74 10.11 5.37
N GLY C 4 14.32 9.01 4.75
CA GLY C 4 14.51 8.86 3.33
C GLY C 4 13.57 9.74 2.53
N LEU C 5 14.12 10.32 1.48
CA LEU C 5 13.33 11.10 0.52
C LEU C 5 13.75 10.66 -0.86
N PHE C 6 12.96 9.79 -1.49
CA PHE C 6 13.43 9.10 -2.67
C PHE C 6 12.55 9.47 -3.85
N ILE C 7 13.19 9.87 -4.94
CA ILE C 7 12.51 10.23 -6.17
C ILE C 7 12.42 8.96 -7.02
N TYR C 8 11.28 8.78 -7.67
CA TYR C 8 11.01 7.54 -8.39
C TYR C 8 10.51 7.82 -9.80
N ASN C 9 10.84 6.90 -10.68
CA ASN C 9 10.35 6.91 -12.05
C ASN C 9 9.07 6.09 -12.11
N HIS C 10 8.64 5.77 -13.33
CA HIS C 10 7.50 4.88 -13.47
C HIS C 10 7.88 3.43 -13.23
N LYS C 11 9.01 2.99 -13.78
CA LYS C 11 9.46 1.63 -13.57
C LYS C 11 9.77 1.34 -12.11
N GLY C 12 9.74 2.35 -11.24
CA GLY C 12 9.74 2.14 -9.82
C GLY C 12 11.07 2.20 -9.12
N GLU C 13 12.18 2.11 -9.84
CA GLU C 13 13.47 2.25 -9.19
C GLU C 13 13.70 3.70 -8.78
N VAL C 14 14.56 3.88 -7.78
CA VAL C 14 14.84 5.22 -7.31
C VAL C 14 15.39 6.07 -8.44
N LEU C 15 15.09 7.37 -8.37
CA LEU C 15 15.81 8.34 -9.18
C LEU C 15 16.75 9.08 -8.24
N ILE C 16 16.44 9.00 -6.95
CA ILE C 16 17.39 9.36 -5.90
C ILE C 16 17.06 8.51 -4.69
N SER C 17 18.08 8.31 -3.85
CA SER C 17 17.90 7.65 -2.57
C SER C 17 18.52 8.56 -1.52
N ARG C 18 17.72 9.49 -1.04
CA ARG C 18 18.21 10.59 -0.22
C ARG C 18 17.68 10.41 1.20
N VAL C 19 18.47 9.76 2.03
CA VAL C 19 18.07 9.34 3.38
C VAL C 19 18.47 10.43 4.36
N TYR C 20 17.72 10.54 5.45
CA TYR C 20 18.09 11.45 6.52
C TYR C 20 17.78 10.88 7.89
N ARG C 21 17.74 9.56 8.02
CA ARG C 21 17.52 8.95 9.32
C ARG C 21 18.05 7.52 9.33
N ASP C 22 18.50 7.11 10.50
CA ASP C 22 19.02 5.76 10.70
C ASP C 22 17.94 4.70 10.52
N ASP C 23 16.78 4.94 11.12
CA ASP C 23 15.65 4.01 11.11
C ASP C 23 15.36 3.47 9.71
N ILE C 24 15.63 4.28 8.69
CA ILE C 24 15.35 3.94 7.30
C ILE C 24 15.99 2.60 6.95
N GLY C 25 15.19 1.67 6.43
CA GLY C 25 15.72 0.38 6.05
C GLY C 25 15.50 0.10 4.57
N ARG C 26 16.44 -0.64 3.98
CA ARG C 26 16.28 -1.06 2.59
C ARG C 26 15.06 -1.95 2.44
N ASN C 27 14.92 -2.91 3.34
CA ASN C 27 13.72 -3.73 3.49
C ASN C 27 12.47 -2.86 3.52
N ALA C 28 12.57 -1.69 4.12
CA ALA C 28 11.45 -0.76 4.09
C ALA C 28 11.24 -0.21 2.69
N VAL C 29 12.30 0.32 2.09
CA VAL C 29 12.20 1.04 0.84
C VAL C 29 11.64 0.16 -0.27
N ASP C 30 12.18 -1.04 -0.42
CA ASP C 30 11.76 -1.89 -1.51
C ASP C 30 10.32 -2.32 -1.30
N ALA C 31 9.93 -2.52 -0.05
CA ALA C 31 8.55 -2.79 0.29
C ALA C 31 7.67 -1.64 -0.18
N PHE C 32 8.08 -0.41 0.15
CA PHE C 32 7.33 0.76 -0.28
C PHE C 32 7.15 0.74 -1.79
N ARG C 33 8.24 0.49 -2.51
CA ARG C 33 8.17 0.42 -3.96
C ARG C 33 7.15 -0.62 -4.41
N VAL C 34 7.35 -1.87 -4.00
CA VAL C 34 6.57 -2.97 -4.54
C VAL C 34 5.10 -2.85 -4.11
N ASN C 35 4.82 -2.06 -3.08
CA ASN C 35 3.45 -2.01 -2.58
C ASN C 35 2.70 -0.76 -2.98
N VAL C 36 3.37 0.38 -3.09
CA VAL C 36 2.70 1.61 -3.51
C VAL C 36 2.97 1.81 -4.98
N ILE C 37 4.26 1.85 -5.34
CA ILE C 37 4.66 1.88 -6.74
C ILE C 37 3.94 0.79 -7.52
N HIS C 38 3.74 -0.37 -6.90
CA HIS C 38 3.02 -1.47 -7.52
C HIS C 38 1.86 -1.88 -6.63
N ALA C 39 0.66 -1.81 -7.18
CA ALA C 39 -0.54 -2.22 -6.45
C ALA C 39 -1.66 -2.51 -7.43
N ARG C 40 -2.32 -3.66 -7.27
CA ARG C 40 -3.41 -4.02 -8.16
C ARG C 40 -4.48 -2.94 -8.19
N GLN C 41 -4.92 -2.47 -7.03
CA GLN C 41 -5.84 -1.36 -6.99
C GLN C 41 -5.12 -0.08 -7.38
N GLN C 42 -5.91 0.96 -7.68
CA GLN C 42 -5.33 2.19 -8.21
C GLN C 42 -5.89 3.45 -7.58
N VAL C 43 -6.57 3.35 -6.43
CA VAL C 43 -7.04 4.51 -5.69
C VAL C 43 -6.16 4.65 -4.46
N ARG C 44 -5.41 5.74 -4.38
CA ARG C 44 -4.44 5.92 -3.31
C ARG C 44 -4.48 7.38 -2.86
N SER C 45 -3.49 7.75 -2.05
CA SER C 45 -3.36 9.10 -1.53
C SER C 45 -1.89 9.48 -1.52
N PRO C 46 -1.57 10.74 -1.80
CA PRO C 46 -0.16 11.18 -1.74
C PRO C 46 0.49 10.90 -0.41
N VAL C 47 -0.27 10.88 0.68
CA VAL C 47 0.22 10.39 1.96
C VAL C 47 -0.21 8.94 2.07
N THR C 48 0.62 8.16 2.75
CA THR C 48 0.33 6.75 2.94
C THR C 48 0.87 6.32 4.30
N ASN C 49 0.09 5.49 4.99
CA ASN C 49 0.58 4.84 6.19
C ASN C 49 0.64 3.35 5.95
N ILE C 50 1.79 2.75 6.26
CA ILE C 50 1.98 1.31 6.19
C ILE C 50 2.63 0.89 7.49
N ALA C 51 1.88 0.18 8.32
CA ALA C 51 2.36 -0.26 9.63
C ALA C 51 2.83 0.93 10.46
N ARG C 52 1.92 1.87 10.71
CA ARG C 52 2.18 3.02 11.56
C ARG C 52 3.35 3.85 11.05
N THR C 53 3.55 3.83 9.73
CA THR C 53 4.63 4.58 9.12
C THR C 53 4.06 5.46 8.02
N SER C 54 4.36 6.76 8.09
CA SER C 54 3.83 7.71 7.15
C SER C 54 4.62 7.66 5.85
N PHE C 55 3.95 7.97 4.74
CA PHE C 55 4.57 7.94 3.43
C PHE C 55 3.94 9.02 2.57
N PHE C 56 4.57 10.18 2.53
CA PHE C 56 4.16 11.24 1.62
C PHE C 56 4.84 11.01 0.28
N HIS C 57 4.27 10.11 -0.50
CA HIS C 57 4.90 9.83 -1.78
C HIS C 57 4.02 10.38 -2.88
N VAL C 58 4.61 11.23 -3.71
CA VAL C 58 3.87 11.98 -4.70
C VAL C 58 4.51 11.80 -6.06
N LYS C 59 3.66 11.74 -7.09
CA LYS C 59 4.07 11.93 -8.46
C LYS C 59 3.73 13.35 -8.86
N ARG C 60 4.67 14.27 -8.64
CA ARG C 60 4.47 15.67 -9.00
C ARG C 60 4.50 15.76 -10.52
N SER C 61 4.75 14.63 -11.16
CA SER C 61 4.82 14.55 -12.62
C SER C 61 4.81 13.06 -12.98
N ASN C 62 5.08 12.76 -14.25
CA ASN C 62 5.50 11.42 -14.61
C ASN C 62 6.58 10.92 -13.66
N ILE C 63 7.45 11.83 -13.22
CA ILE C 63 8.42 11.49 -12.19
C ILE C 63 7.74 11.55 -10.84
N TRP C 64 8.14 10.67 -9.94
CA TRP C 64 7.52 10.54 -8.63
C TRP C 64 8.45 11.09 -7.58
N LEU C 65 7.98 11.08 -6.33
CA LEU C 65 8.79 11.55 -5.20
C LEU C 65 8.22 10.90 -3.95
N ALA C 66 9.07 10.18 -3.22
CA ALA C 66 8.65 9.49 -2.01
C ALA C 66 9.29 10.15 -0.79
N ALA C 67 8.44 10.62 0.12
CA ALA C 67 8.88 11.12 1.41
C ALA C 67 8.49 10.12 2.48
N VAL C 68 9.51 9.47 3.05
CA VAL C 68 9.32 8.42 4.04
C VAL C 68 9.59 9.01 5.42
N THR C 69 8.68 8.77 6.35
CA THR C 69 8.91 9.15 7.74
C THR C 69 8.07 8.26 8.65
N LYS C 70 8.56 8.08 9.86
CA LYS C 70 7.79 7.45 10.93
C LYS C 70 7.73 8.37 12.13
N GLN C 71 7.75 9.68 11.87
CA GLN C 71 7.72 10.69 12.91
C GLN C 71 6.56 11.63 12.63
N ASN C 72 5.71 11.82 13.64
CA ASN C 72 4.56 12.70 13.47
C ASN C 72 5.03 14.12 13.23
N VAL C 73 4.77 14.62 12.02
CA VAL C 73 5.19 15.95 11.62
C VAL C 73 3.96 16.70 11.14
N ASN C 74 4.17 17.94 10.74
CA ASN C 74 3.15 18.61 9.96
C ASN C 74 3.29 18.20 8.50
N ALA C 75 2.31 17.48 7.99
CA ALA C 75 2.36 17.02 6.61
C ALA C 75 2.44 18.21 5.66
N ALA C 76 1.77 19.30 6.02
CA ALA C 76 1.71 20.48 5.20
C ALA C 76 3.10 21.05 4.92
N MET C 77 3.93 21.19 5.96
CA MET C 77 5.27 21.71 5.72
C MET C 77 6.09 20.73 4.91
N VAL C 78 5.88 19.43 5.14
CA VAL C 78 6.52 18.42 4.30
C VAL C 78 6.23 18.72 2.84
N PHE C 79 4.96 18.94 2.51
CA PHE C 79 4.59 19.15 1.12
C PHE C 79 5.12 20.48 0.62
N GLU C 80 5.08 21.51 1.46
CA GLU C 80 5.69 22.78 1.12
C GLU C 80 7.14 22.59 0.71
N PHE C 81 7.86 21.77 1.47
CA PHE C 81 9.25 21.47 1.17
C PHE C 81 9.37 20.75 -0.18
N LEU C 82 8.51 19.75 -0.40
CA LEU C 82 8.54 19.03 -1.67
C LEU C 82 8.33 19.97 -2.83
N TYR C 83 7.36 20.87 -2.70
CA TYR C 83 7.12 21.88 -3.72
C TYR C 83 8.39 22.67 -3.95
N LYS C 84 8.81 23.43 -2.94
CA LYS C 84 10.01 24.25 -3.03
C LYS C 84 11.14 23.50 -3.71
N MET C 85 11.30 22.23 -3.38
CA MET C 85 12.33 21.38 -3.97
C MET C 85 12.17 21.26 -5.48
N CYS C 86 11.03 20.72 -5.93
CA CYS C 86 10.88 20.53 -7.37
C CYS C 86 10.84 21.87 -8.10
N ASP C 87 10.28 22.89 -7.44
CA ASP C 87 10.18 24.21 -8.05
C ASP C 87 11.56 24.82 -8.28
N VAL C 88 12.46 24.67 -7.30
CA VAL C 88 13.80 25.21 -7.50
C VAL C 88 14.58 24.33 -8.47
N MET C 89 14.26 23.03 -8.51
CA MET C 89 14.84 22.17 -9.54
C MET C 89 14.50 22.72 -10.93
N ALA C 90 13.23 23.07 -11.14
CA ALA C 90 12.85 23.70 -12.38
C ALA C 90 13.57 25.03 -12.57
N ALA C 91 13.51 25.90 -11.56
CA ALA C 91 14.10 27.23 -11.67
C ALA C 91 15.57 27.16 -12.06
N TYR C 92 16.27 26.12 -11.60
CA TYR C 92 17.68 26.00 -11.92
C TYR C 92 17.90 25.32 -13.26
N PHE C 93 17.06 24.35 -13.62
CA PHE C 93 17.27 23.72 -14.93
C PHE C 93 15.98 23.43 -15.70
N GLY C 94 14.88 24.16 -15.45
CA GLY C 94 13.70 23.98 -16.27
C GLY C 94 13.13 22.58 -16.12
N LYS C 95 13.13 21.84 -17.24
CA LYS C 95 12.61 20.49 -17.27
C LYS C 95 13.25 19.64 -16.19
N ILE C 96 12.48 18.71 -15.62
CA ILE C 96 12.97 17.80 -14.59
C ILE C 96 12.72 16.39 -15.08
N SER C 97 13.79 15.71 -15.45
CA SER C 97 13.69 14.36 -15.99
C SER C 97 14.96 13.62 -15.63
N GLU C 98 15.15 12.47 -16.28
CA GLU C 98 16.32 11.64 -16.01
C GLU C 98 17.60 12.46 -16.04
N GLU C 99 17.92 13.02 -17.21
CA GLU C 99 19.18 13.75 -17.35
C GLU C 99 19.19 14.99 -16.46
N ASN C 100 18.04 15.65 -16.33
CA ASN C 100 17.95 16.81 -15.44
C ASN C 100 18.40 16.44 -14.03
N ILE C 101 18.09 15.22 -13.60
CA ILE C 101 18.53 14.78 -12.28
C ILE C 101 19.99 14.36 -12.32
N LYS C 102 20.36 13.59 -13.34
CA LYS C 102 21.70 13.03 -13.44
C LYS C 102 22.75 14.12 -13.44
N ASN C 103 22.68 14.98 -14.45
CA ASN C 103 23.69 16.02 -14.64
C ASN C 103 23.57 17.10 -13.57
N ASN C 104 22.73 16.86 -12.57
CA ASN C 104 22.68 17.75 -11.42
C ASN C 104 22.95 17.01 -10.11
N PHE C 105 23.14 15.69 -10.15
CA PHE C 105 23.27 14.83 -8.99
C PHE C 105 23.97 15.46 -7.79
N VAL C 106 25.18 15.98 -7.98
CA VAL C 106 25.98 16.44 -6.84
C VAL C 106 25.34 17.65 -6.19
N LEU C 107 24.90 18.61 -7.00
CA LEU C 107 24.24 19.79 -6.47
C LEU C 107 22.97 19.38 -5.77
N ILE C 108 22.22 18.49 -6.39
CA ILE C 108 21.00 17.93 -5.82
C ILE C 108 21.29 17.44 -4.40
N TYR C 109 22.34 16.64 -4.27
CA TYR C 109 22.61 15.98 -3.00
C TYR C 109 23.04 16.99 -1.94
N GLU C 110 24.00 17.84 -2.28
CA GLU C 110 24.48 18.81 -1.30
C GLU C 110 23.36 19.76 -0.88
N LEU C 111 22.52 20.16 -1.84
CA LEU C 111 21.39 21.02 -1.52
C LEU C 111 20.44 20.31 -0.56
N LEU C 112 19.92 19.15 -0.99
CA LEU C 112 19.00 18.39 -0.17
C LEU C 112 19.53 18.23 1.25
N ASP C 113 20.78 17.78 1.38
CA ASP C 113 21.34 17.59 2.72
C ASP C 113 21.42 18.92 3.45
N GLU C 114 21.70 20.00 2.74
CA GLU C 114 21.72 21.32 3.38
C GLU C 114 20.29 21.76 3.70
N ILE C 115 19.47 21.91 2.67
CA ILE C 115 18.12 22.46 2.80
C ILE C 115 17.31 21.59 3.74
N LEU C 116 17.77 20.36 3.95
CA LEU C 116 17.15 19.49 4.93
C LEU C 116 18.19 18.51 5.47
N ASP C 117 18.57 18.68 6.73
CA ASP C 117 19.65 17.90 7.32
C ASP C 117 19.05 16.98 8.36
N PHE C 118 19.27 15.68 8.21
CA PHE C 118 18.64 14.64 9.00
C PHE C 118 17.13 14.80 9.05
N GLY C 119 16.52 15.38 8.03
CA GLY C 119 15.12 15.72 8.09
C GLY C 119 14.82 17.09 8.64
N TYR C 120 15.75 17.69 9.37
CA TYR C 120 15.58 19.08 9.77
C TYR C 120 15.65 19.96 8.53
N PRO C 121 14.56 20.57 8.12
CA PRO C 121 14.56 21.29 6.85
C PRO C 121 15.10 22.70 7.01
N GLN C 122 16.16 23.00 6.27
CA GLN C 122 16.74 24.32 6.26
C GLN C 122 16.07 25.14 5.16
N ASN C 123 16.43 26.41 5.10
CA ASN C 123 15.78 27.30 4.16
C ASN C 123 16.24 27.02 2.74
N SER C 124 15.53 27.62 1.78
CA SER C 124 15.90 27.55 0.37
C SER C 124 15.81 28.96 -0.21
N GLU C 125 16.14 29.95 0.61
CA GLU C 125 16.04 31.35 0.19
C GLU C 125 16.76 31.60 -1.12
N THR C 126 17.79 30.80 -1.41
CA THR C 126 18.67 30.95 -2.58
C THR C 126 18.92 32.42 -2.90
N GLY C 127 19.28 33.17 -1.88
CA GLY C 127 19.71 34.53 -2.10
C GLY C 127 21.00 34.65 -2.83
N ALA C 128 21.90 33.68 -2.67
CA ALA C 128 23.08 33.58 -3.52
C ALA C 128 23.43 32.12 -3.79
N LEU C 129 22.48 31.21 -3.55
CA LEU C 129 22.80 29.79 -3.64
C LEU C 129 23.37 29.43 -5.00
N LYS C 130 22.58 29.59 -6.06
CA LYS C 130 22.98 29.14 -7.40
C LYS C 130 24.34 29.66 -7.80
N THR C 131 24.77 30.80 -7.26
CA THR C 131 26.11 31.29 -7.51
C THR C 131 27.17 30.28 -7.11
N PHE C 132 27.28 29.96 -5.82
CA PHE C 132 28.16 28.90 -5.38
C PHE C 132 27.54 27.53 -5.51
N ILE C 133 26.21 27.43 -5.53
CA ILE C 133 25.57 26.18 -5.87
C ILE C 133 25.47 26.18 -7.39
N THR C 134 26.58 25.84 -8.04
CA THR C 134 26.64 25.99 -9.48
C THR C 134 26.88 24.64 -10.14
N GLN C 135 26.08 24.35 -11.16
CA GLN C 135 26.21 23.10 -11.88
C GLN C 135 27.46 23.13 -12.74
N HIS C 142 37.18 26.74 -2.77
CA HIS C 142 37.17 27.81 -3.74
C HIS C 142 36.50 29.07 -3.18
N GLN C 143 36.93 29.46 -1.99
CA GLN C 143 36.45 30.68 -1.36
C GLN C 143 37.62 31.61 -1.07
N THR C 144 37.31 32.88 -0.94
CA THR C 144 38.28 33.87 -0.51
C THR C 144 37.84 34.46 0.83
N LYS C 145 38.80 35.04 1.55
CA LYS C 145 38.48 35.67 2.82
C LYS C 145 37.29 36.59 2.69
N GLU C 146 37.30 37.45 1.68
CA GLU C 146 36.15 38.29 1.40
C GLU C 146 34.95 37.40 1.09
N GLU C 147 35.15 36.34 0.33
CA GLU C 147 34.04 35.47 -0.04
C GLU C 147 33.56 34.67 1.16
N GLN C 148 34.51 34.21 1.98
CA GLN C 148 34.15 33.51 3.22
C GLN C 148 33.25 34.38 4.07
N SER C 149 33.77 35.55 4.46
CA SER C 149 33.00 36.48 5.26
C SER C 149 31.71 36.88 4.57
N GLN C 150 31.73 36.98 3.25
CA GLN C 150 30.61 37.41 2.45
C GLN C 150 29.46 36.41 2.56
N ILE C 151 29.76 35.14 2.35
CA ILE C 151 28.75 34.11 2.45
C ILE C 151 28.26 33.99 3.89
N THR C 152 29.19 34.02 4.84
CA THR C 152 28.81 33.95 6.24
C THR C 152 27.82 35.07 6.59
N SER C 153 28.12 36.29 6.13
CA SER C 153 27.27 37.43 6.42
C SER C 153 25.94 37.34 5.71
N GLN C 154 25.94 37.02 4.41
CA GLN C 154 24.70 36.93 3.67
C GLN C 154 23.78 35.89 4.31
N VAL C 155 24.36 34.83 4.86
CA VAL C 155 23.57 33.93 5.70
C VAL C 155 23.05 34.68 6.91
N THR C 156 23.95 35.32 7.65
CA THR C 156 23.54 36.11 8.80
C THR C 156 22.70 37.30 8.39
N GLY C 157 22.92 37.82 7.19
CA GLY C 157 22.09 38.91 6.70
C GLY C 157 20.66 38.45 6.50
N GLN C 158 19.73 39.19 7.10
CA GLN C 158 18.32 38.83 7.08
C GLN C 158 17.62 39.45 5.87
N ILE C 159 18.23 39.24 4.71
CA ILE C 159 17.69 39.70 3.44
C ILE C 159 17.94 38.63 2.40
N GLY C 160 16.91 38.28 1.64
CA GLY C 160 16.99 37.23 0.65
C GLY C 160 16.56 37.72 -0.71
N TRP C 161 15.93 36.80 -1.45
CA TRP C 161 15.45 37.03 -2.82
C TRP C 161 16.45 37.84 -3.64
N ARG C 162 17.71 37.39 -3.64
CA ARG C 162 18.74 37.95 -4.52
C ARG C 162 18.86 39.46 -4.34
N ARG C 163 19.26 39.87 -3.14
CA ARG C 163 19.47 41.27 -2.82
C ARG C 163 20.87 41.46 -2.25
N GLU C 164 21.76 42.06 -3.04
CA GLU C 164 23.08 42.44 -2.56
C GLU C 164 23.41 43.84 -3.06
N GLY C 165 22.53 44.38 -3.88
CA GLY C 165 22.76 45.66 -4.52
C GLY C 165 23.21 45.40 -5.94
N ILE C 166 22.29 45.48 -6.88
CA ILE C 166 22.58 45.08 -8.26
C ILE C 166 22.59 46.31 -9.14
N LYS C 167 23.01 46.15 -10.38
CA LYS C 167 22.98 47.27 -11.31
C LYS C 167 22.32 46.82 -12.60
N TYR C 168 21.33 47.60 -13.02
CA TYR C 168 20.66 47.40 -14.29
C TYR C 168 20.78 48.69 -15.08
N ARG C 169 21.24 48.57 -16.33
CA ARG C 169 21.43 49.76 -17.16
C ARG C 169 20.15 50.56 -17.32
N ARG C 170 19.01 49.97 -16.99
CA ARG C 170 17.77 50.71 -16.87
C ARG C 170 17.01 50.15 -15.68
N ASN C 171 16.00 50.88 -15.20
CA ASN C 171 15.21 50.40 -14.08
C ASN C 171 13.75 50.38 -14.49
N GLU C 172 13.27 49.23 -14.93
CA GLU C 172 11.93 49.12 -15.48
C GLU C 172 11.28 47.82 -15.02
N LEU C 173 9.96 47.86 -14.91
CA LEU C 173 9.20 46.72 -14.47
C LEU C 173 7.95 46.60 -15.31
N PHE C 174 7.64 45.37 -15.72
CA PHE C 174 6.44 45.08 -16.49
C PHE C 174 5.56 44.15 -15.67
N LEU C 175 4.37 44.62 -15.35
CA LEU C 175 3.41 43.85 -14.58
C LEU C 175 2.39 43.23 -15.51
N ASP C 176 1.70 42.20 -15.03
CA ASP C 176 0.64 41.55 -15.78
C ASP C 176 -0.41 41.05 -14.79
N VAL C 177 -1.53 41.75 -14.72
CA VAL C 177 -2.63 41.34 -13.85
C VAL C 177 -3.46 40.31 -14.59
N LEU C 178 -3.37 39.06 -14.15
CA LEU C 178 -4.21 38.00 -14.67
C LEU C 178 -5.42 37.85 -13.77
N GLU C 179 -6.59 37.80 -14.38
CA GLU C 179 -7.84 37.60 -13.66
C GLU C 179 -8.52 36.37 -14.24
N SER C 180 -8.50 35.28 -13.49
CA SER C 180 -9.14 34.04 -13.92
C SER C 180 -10.62 34.08 -13.54
N VAL C 181 -11.47 33.91 -14.54
CA VAL C 181 -12.91 34.02 -14.37
C VAL C 181 -13.37 32.70 -13.75
N ASN C 182 -13.71 32.74 -12.47
CA ASN C 182 -14.22 31.59 -11.75
C ASN C 182 -15.74 31.67 -11.78
N LEU C 183 -16.34 31.23 -12.88
CA LEU C 183 -17.76 31.51 -13.10
C LEU C 183 -18.54 30.23 -13.36
N LEU C 184 -19.61 30.05 -12.59
CA LEU C 184 -20.66 29.11 -12.90
C LEU C 184 -21.98 29.87 -12.86
N MET C 185 -22.81 29.66 -13.87
CA MET C 185 -24.11 30.31 -13.98
C MET C 185 -25.15 29.22 -14.18
N SER C 186 -26.37 29.46 -13.73
CA SER C 186 -27.40 28.45 -13.91
C SER C 186 -27.70 28.30 -15.40
N PRO C 187 -27.93 27.07 -15.89
CA PRO C 187 -28.18 26.91 -17.33
C PRO C 187 -29.40 27.65 -17.83
N GLN C 188 -30.32 27.98 -16.93
CA GLN C 188 -31.44 28.86 -17.23
C GLN C 188 -31.06 30.33 -17.11
N GLY C 189 -29.94 30.62 -16.45
CA GLY C 189 -29.42 31.96 -16.30
C GLY C 189 -29.55 32.45 -14.87
N GLN C 190 -28.49 32.23 -14.11
CA GLN C 190 -28.27 32.82 -12.80
C GLN C 190 -26.84 32.49 -12.41
N VAL C 191 -26.03 33.49 -12.10
CA VAL C 191 -24.61 33.23 -11.88
C VAL C 191 -24.45 32.52 -10.55
N LEU C 192 -24.32 31.20 -10.60
CA LEU C 192 -24.16 30.42 -9.38
C LEU C 192 -22.81 30.69 -8.74
N SER C 193 -21.78 30.87 -9.55
CA SER C 193 -20.43 31.16 -9.08
C SER C 193 -19.94 32.42 -9.75
N ALA C 194 -19.68 33.45 -8.95
CA ALA C 194 -19.16 34.73 -9.44
C ALA C 194 -17.92 35.06 -8.62
N HIS C 195 -16.79 34.50 -9.02
CA HIS C 195 -15.55 34.68 -8.27
C HIS C 195 -14.41 34.88 -9.26
N VAL C 196 -13.30 35.40 -8.75
CA VAL C 196 -12.12 35.64 -9.58
C VAL C 196 -10.88 35.22 -8.78
N SER C 197 -9.93 34.61 -9.48
CA SER C 197 -8.66 34.20 -8.91
C SER C 197 -7.57 34.92 -9.69
N GLY C 198 -6.87 35.84 -9.02
CA GLY C 198 -5.84 36.59 -9.69
C GLY C 198 -4.57 36.76 -8.90
N ARG C 199 -3.47 37.01 -9.58
CA ARG C 199 -2.17 37.16 -8.95
C ARG C 199 -1.42 38.31 -9.60
N VAL C 200 -0.54 38.93 -8.82
CA VAL C 200 0.30 40.01 -9.30
C VAL C 200 1.67 39.43 -9.60
N VAL C 201 1.87 39.01 -10.85
CA VAL C 201 3.18 38.57 -11.30
C VAL C 201 3.96 39.82 -11.71
N MET C 202 5.17 39.95 -11.20
CA MET C 202 5.97 41.15 -11.38
C MET C 202 7.29 40.80 -12.06
N LYS C 203 7.45 41.27 -13.29
CA LYS C 203 8.72 41.17 -14.01
C LYS C 203 9.41 42.52 -13.89
N SER C 204 10.63 42.53 -13.37
CA SER C 204 11.33 43.75 -13.03
C SER C 204 12.74 43.71 -13.59
N TYR C 205 13.22 44.86 -14.05
CA TYR C 205 14.60 45.04 -14.47
C TYR C 205 15.12 46.29 -13.78
N LEU C 206 15.62 46.15 -12.57
CA LEU C 206 16.04 47.33 -11.81
C LEU C 206 17.36 47.04 -11.12
N SER C 207 18.10 48.13 -10.86
CA SER C 207 19.35 48.05 -10.12
C SER C 207 19.08 48.00 -8.63
N GLY C 208 20.14 47.79 -7.86
CA GLY C 208 20.09 47.89 -6.41
C GLY C 208 19.11 46.94 -5.78
N MET C 209 18.71 47.26 -4.55
CA MET C 209 17.76 46.45 -3.80
C MET C 209 16.65 47.35 -3.27
N PRO C 210 15.75 47.82 -4.10
CA PRO C 210 14.75 48.77 -3.62
C PRO C 210 13.56 48.07 -2.98
N GLU C 211 13.12 48.59 -1.84
CA GLU C 211 11.79 48.29 -1.36
C GLU C 211 10.80 49.08 -2.20
N CYS C 212 9.70 48.43 -2.54
CA CYS C 212 8.70 49.14 -3.32
C CYS C 212 7.37 49.05 -2.60
N LYS C 213 6.53 50.07 -2.81
CA LYS C 213 5.15 50.01 -2.39
C LYS C 213 4.26 50.09 -3.61
N PHE C 214 2.95 50.05 -3.40
CA PHE C 214 2.02 50.01 -4.51
C PHE C 214 0.62 50.30 -4.00
N GLY C 215 -0.24 50.85 -4.87
CA GLY C 215 -1.59 51.16 -4.49
C GLY C 215 -2.58 50.45 -5.40
N MET C 216 -3.57 49.83 -4.75
CA MET C 216 -4.68 49.22 -5.46
C MET C 216 -5.96 49.46 -4.66
N ASN C 217 -6.90 50.18 -5.27
CA ASN C 217 -8.07 50.75 -4.63
C ASN C 217 -8.71 49.85 -3.59
N ASP C 218 -8.95 50.38 -2.40
CA ASP C 218 -9.43 49.60 -1.27
C ASP C 218 -10.64 50.30 -0.65
N LYS C 219 -11.57 49.49 -0.15
CA LYS C 219 -12.73 49.97 0.61
C LYS C 219 -13.61 50.90 -0.23
N ILE C 220 -13.35 50.88 -1.54
CA ILE C 220 -14.13 51.67 -2.49
C ILE C 220 -13.86 51.15 -3.90
N VAL C 221 -14.90 51.10 -4.73
CA VAL C 221 -14.72 50.87 -6.16
C VAL C 221 -13.76 51.94 -6.66
N ILE C 222 -12.92 51.57 -7.63
CA ILE C 222 -11.66 52.27 -7.89
C ILE C 222 -11.87 53.77 -7.97
N GLU C 223 -10.93 54.51 -7.39
CA GLU C 223 -10.98 55.97 -7.40
C GLU C 223 -9.56 56.52 -7.51
N SER C 236 5.07 58.06 -13.93
CA SER C 236 6.14 58.98 -14.31
C SER C 236 5.89 59.54 -15.70
N MET C 237 5.52 58.67 -16.63
CA MET C 237 5.21 59.09 -17.99
C MET C 237 3.76 58.88 -18.38
N GLU C 238 3.11 57.81 -17.94
CA GLU C 238 1.69 57.61 -18.18
C GLU C 238 1.05 57.26 -16.85
N GLN C 239 0.21 58.16 -16.34
CA GLN C 239 -0.58 57.84 -15.17
C GLN C 239 -1.41 56.60 -15.40
N LYS C 240 -2.36 56.66 -16.33
CA LYS C 240 -3.20 55.52 -16.67
C LYS C 240 -4.03 55.87 -17.90
N LEU C 241 -4.22 54.90 -18.80
CA LEU C 241 -5.10 55.14 -19.93
C LEU C 241 -6.56 54.96 -19.53
N ILE C 242 -6.81 54.21 -18.46
CA ILE C 242 -8.14 53.96 -17.95
C ILE C 242 -8.33 54.52 -16.55
N SER C 243 -7.77 55.70 -16.26
CA SER C 243 -7.61 56.26 -14.92
C SER C 243 -8.83 56.05 -14.02
N GLU C 244 -8.58 55.86 -12.73
CA GLU C 244 -9.58 55.37 -11.80
C GLU C 244 -10.66 56.38 -11.46
N GLU C 245 -11.61 56.60 -12.36
CA GLU C 245 -12.74 57.48 -12.10
C GLU C 245 -13.36 57.18 -10.74
N ASP C 246 -13.86 58.21 -10.06
CA ASP C 246 -14.46 58.06 -8.74
C ASP C 246 -15.63 57.09 -8.85
N LEU C 247 -15.78 56.23 -7.84
CA LEU C 247 -16.74 55.13 -7.87
C LEU C 247 -16.55 54.28 -9.12
N GLY C 248 -15.30 54.07 -9.51
CA GLY C 248 -15.01 53.42 -10.76
C GLY C 248 -15.25 51.93 -10.74
N LYS C 249 -14.43 51.23 -11.51
CA LYS C 249 -14.53 49.78 -11.67
C LYS C 249 -14.53 49.05 -10.34
N GLN C 250 -15.04 47.82 -10.36
CA GLN C 250 -15.26 47.06 -9.14
C GLN C 250 -13.99 46.94 -8.32
N SER C 251 -13.99 47.58 -7.16
CA SER C 251 -12.92 47.44 -6.20
C SER C 251 -13.56 47.22 -4.84
N ILE C 252 -13.10 46.17 -4.17
CA ILE C 252 -13.77 45.69 -2.96
C ILE C 252 -12.70 45.38 -1.92
N ALA C 253 -13.12 45.24 -0.68
CA ALA C 253 -12.27 44.60 0.33
C ALA C 253 -11.95 43.22 -0.23
N ILE C 254 -10.67 43.01 -0.55
CA ILE C 254 -10.23 41.78 -1.19
C ILE C 254 -10.74 40.59 -0.39
N ASP C 255 -11.50 39.72 -1.05
CA ASP C 255 -12.10 38.60 -0.33
C ASP C 255 -11.02 37.73 0.28
N ASP C 256 -9.93 37.52 -0.44
CA ASP C 256 -8.73 36.94 0.12
C ASP C 256 -7.53 37.45 -0.66
N CYS C 257 -6.59 38.05 0.05
CA CYS C 257 -5.35 38.55 -0.51
C CYS C 257 -4.20 37.73 0.04
N THR C 258 -3.50 37.02 -0.85
CA THR C 258 -2.42 36.14 -0.46
C THR C 258 -1.09 36.79 -0.79
N PHE C 259 -0.10 36.53 0.05
CA PHE C 259 1.15 37.25 -0.01
C PHE C 259 2.32 36.29 -0.22
N HIS C 260 3.51 36.85 -0.23
CA HIS C 260 4.74 36.07 -0.45
C HIS C 260 5.83 36.71 0.40
N GLN C 261 6.83 35.91 0.74
CA GLN C 261 7.78 36.29 1.76
C GLN C 261 8.71 37.38 1.25
N CYS C 262 8.12 38.53 0.92
CA CYS C 262 8.85 39.78 0.76
C CYS C 262 8.06 40.85 1.50
N VAL C 263 6.79 40.52 1.77
CA VAL C 263 5.82 41.43 2.38
C VAL C 263 6.06 41.51 3.88
N ARG C 264 5.40 42.45 4.54
CA ARG C 264 5.45 42.59 5.99
C ARG C 264 4.03 42.66 6.52
N LEU C 265 3.45 41.50 6.82
CA LEU C 265 2.05 41.48 7.28
C LEU C 265 1.88 42.15 8.63
N SER C 266 2.95 42.24 9.42
CA SER C 266 2.91 43.13 10.57
C SER C 266 2.57 44.54 10.14
N LYS C 267 3.31 45.04 9.15
CA LYS C 267 3.01 46.35 8.60
C LYS C 267 1.57 46.41 8.09
N PHE C 268 1.10 45.34 7.45
CA PHE C 268 -0.28 45.37 6.98
C PHE C 268 -1.26 45.48 8.14
N ASP C 269 -1.35 44.44 8.95
CA ASP C 269 -2.41 44.41 9.96
C ASP C 269 -2.27 45.58 10.92
N SER C 270 -1.12 46.24 10.93
CA SER C 270 -1.06 47.52 11.61
C SER C 270 -1.78 48.58 10.79
N GLU C 271 -1.36 48.77 9.53
CA GLU C 271 -1.93 49.83 8.71
C GLU C 271 -2.42 49.37 7.35
N ARG C 272 -2.74 48.08 7.19
CA ARG C 272 -3.32 47.57 5.95
C ARG C 272 -2.35 47.78 4.78
N SER C 273 -1.06 47.72 5.07
CA SER C 273 -0.04 47.83 4.03
C SER C 273 1.24 47.14 4.45
N ILE C 274 1.59 46.06 3.76
CA ILE C 274 2.86 45.36 3.96
C ILE C 274 3.99 46.21 3.40
N SER C 275 5.22 45.81 3.69
CA SER C 275 6.36 46.32 2.94
C SER C 275 7.03 45.19 2.17
N PHE C 276 7.20 45.35 0.88
CA PHE C 276 7.84 44.32 0.06
C PHE C 276 9.11 44.86 -0.56
N ILE C 277 10.23 44.21 -0.25
CA ILE C 277 11.47 44.39 -1.00
C ILE C 277 11.48 43.33 -2.10
N PRO C 278 11.08 43.67 -3.32
CA PRO C 278 10.98 42.65 -4.36
C PRO C 278 12.36 42.20 -4.82
N PRO C 279 12.47 40.96 -5.26
CA PRO C 279 13.67 40.56 -6.01
C PRO C 279 13.62 41.15 -7.41
N ASP C 280 14.65 40.91 -8.22
CA ASP C 280 14.60 41.34 -9.59
C ASP C 280 13.99 40.25 -10.45
N GLY C 281 13.81 40.53 -11.73
CA GLY C 281 13.25 39.56 -12.64
C GLY C 281 11.78 39.31 -12.40
N GLU C 282 11.26 38.22 -12.94
CA GLU C 282 9.86 37.91 -12.80
C GLU C 282 9.60 37.17 -11.50
N PHE C 283 8.45 37.45 -10.91
CA PHE C 283 7.98 36.76 -9.72
C PHE C 283 6.53 37.17 -9.50
N GLU C 284 5.88 36.48 -8.58
CA GLU C 284 4.49 36.76 -8.22
C GLU C 284 4.47 37.56 -6.93
N LEU C 285 4.13 38.84 -7.03
CA LEU C 285 4.19 39.71 -5.87
C LEU C 285 3.13 39.36 -4.83
N MET C 286 1.88 39.18 -5.25
CA MET C 286 0.84 38.75 -4.35
C MET C 286 -0.34 38.23 -5.16
N ARG C 287 -0.85 37.08 -4.76
CA ARG C 287 -2.05 36.53 -5.36
C ARG C 287 -3.25 36.90 -4.52
N TYR C 288 -4.42 36.92 -5.14
CA TYR C 288 -5.60 37.46 -4.50
C TYR C 288 -6.84 36.79 -5.06
N ARG C 289 -7.91 36.80 -4.29
CA ARG C 289 -9.19 36.31 -4.76
C ARG C 289 -10.30 37.24 -4.30
N THR C 290 -11.28 37.40 -5.18
CA THR C 290 -12.54 38.04 -4.81
C THR C 290 -13.67 37.18 -5.34
N THR C 291 -14.59 36.88 -4.45
CA THR C 291 -15.69 36.01 -4.80
C THR C 291 -16.98 36.78 -5.07
N LYS C 292 -16.90 37.98 -5.62
CA LYS C 292 -18.06 38.85 -5.76
C LYS C 292 -17.72 39.94 -6.77
N ASP C 293 -18.74 40.68 -7.22
CA ASP C 293 -18.53 41.91 -7.96
C ASP C 293 -17.74 41.69 -9.24
N ILE C 294 -18.33 40.97 -10.20
CA ILE C 294 -17.64 40.70 -11.46
C ILE C 294 -18.47 41.25 -12.63
N ILE C 295 -17.97 41.07 -13.85
CA ILE C 295 -18.61 41.59 -15.05
C ILE C 295 -18.84 40.42 -16.00
N LEU C 296 -20.08 40.26 -16.48
CA LEU C 296 -20.40 39.12 -17.32
C LEU C 296 -20.12 39.44 -18.78
N PRO C 297 -19.48 38.51 -19.50
CA PRO C 297 -19.14 38.77 -20.90
C PRO C 297 -20.21 38.32 -21.87
N PHE C 298 -21.12 37.47 -21.41
CA PHE C 298 -22.18 36.97 -22.26
C PHE C 298 -23.43 36.75 -21.45
N ARG C 299 -24.54 36.55 -22.15
CA ARG C 299 -25.82 36.16 -21.53
C ARG C 299 -26.30 34.93 -22.28
N VAL C 300 -25.83 33.76 -21.87
CA VAL C 300 -26.16 32.50 -22.51
C VAL C 300 -27.11 31.74 -21.60
N ILE C 301 -28.15 31.17 -22.19
CA ILE C 301 -29.03 30.26 -21.46
C ILE C 301 -28.93 28.90 -22.15
N PRO C 302 -27.91 28.11 -21.84
CA PRO C 302 -27.77 26.80 -22.46
C PRO C 302 -28.58 25.75 -21.71
N LEU C 303 -29.55 25.16 -22.39
CA LEU C 303 -30.43 24.21 -21.73
C LEU C 303 -30.82 23.11 -22.70
N VAL C 304 -31.13 21.94 -22.17
CA VAL C 304 -31.47 20.77 -22.95
C VAL C 304 -32.89 20.36 -22.59
N ARG C 305 -33.60 19.81 -23.57
CA ARG C 305 -34.90 19.20 -23.32
C ARG C 305 -34.94 17.84 -24.00
N GLU C 306 -35.89 17.02 -23.55
CA GLU C 306 -35.98 15.62 -23.93
C GLU C 306 -37.35 15.37 -24.54
N VAL C 307 -37.37 14.60 -25.62
CA VAL C 307 -38.61 14.31 -26.35
C VAL C 307 -38.97 12.86 -26.11
N GLY C 308 -39.89 12.63 -25.16
CA GLY C 308 -40.18 11.29 -24.69
C GLY C 308 -38.87 10.61 -24.35
N ARG C 309 -38.64 9.42 -24.89
CA ARG C 309 -37.28 8.94 -24.99
C ARG C 309 -37.00 8.45 -26.41
N THR C 310 -36.81 9.37 -27.34
CA THR C 310 -36.27 9.03 -28.65
C THR C 310 -35.45 10.20 -29.18
N LYS C 311 -35.33 11.27 -28.41
CA LYS C 311 -34.75 12.52 -28.88
C LYS C 311 -34.43 13.42 -27.72
N LEU C 312 -33.19 13.91 -27.67
CA LEU C 312 -32.77 14.93 -26.73
C LEU C 312 -32.47 16.18 -27.52
N GLU C 313 -33.04 17.30 -27.09
CA GLU C 313 -32.91 18.57 -27.80
C GLU C 313 -32.26 19.60 -26.90
N VAL C 314 -31.28 20.32 -27.44
CA VAL C 314 -30.51 21.31 -26.69
C VAL C 314 -30.78 22.67 -27.29
N LYS C 315 -31.05 23.66 -26.45
CA LYS C 315 -31.29 25.02 -26.89
C LYS C 315 -30.20 25.91 -26.32
N VAL C 316 -29.40 26.50 -27.20
CA VAL C 316 -28.24 27.29 -26.81
C VAL C 316 -28.38 28.67 -27.45
N VAL C 317 -28.76 29.66 -26.65
CA VAL C 317 -28.88 31.03 -27.10
C VAL C 317 -27.75 31.83 -26.48
N ILE C 318 -26.70 32.08 -27.25
CA ILE C 318 -25.48 32.66 -26.74
C ILE C 318 -25.49 34.15 -27.04
N LYS C 319 -26.04 34.93 -26.10
CA LYS C 319 -25.93 36.37 -26.15
C LYS C 319 -24.59 36.78 -25.56
N SER C 320 -23.77 37.38 -26.41
CA SER C 320 -22.47 37.89 -25.98
C SER C 320 -22.68 39.31 -25.50
N ASN C 321 -21.98 39.70 -24.44
CA ASN C 321 -22.26 41.00 -23.84
C ASN C 321 -20.95 41.61 -23.31
N PHE C 322 -20.32 42.39 -24.17
CA PHE C 322 -19.20 43.26 -23.84
C PHE C 322 -19.29 44.49 -24.74
N LYS C 323 -18.33 45.37 -24.60
CA LYS C 323 -18.29 46.47 -25.54
C LYS C 323 -17.99 45.91 -26.93
N PRO C 324 -18.82 46.20 -27.93
CA PRO C 324 -18.50 45.77 -29.30
C PRO C 324 -17.11 46.14 -29.74
N SER C 325 -16.54 47.22 -29.19
CA SER C 325 -15.13 47.50 -29.40
C SER C 325 -14.25 46.36 -28.91
N LEU C 326 -14.62 45.71 -27.82
CA LEU C 326 -13.91 44.54 -27.34
C LEU C 326 -14.13 43.41 -28.32
N LEU C 327 -13.05 42.72 -28.66
CA LEU C 327 -13.07 41.70 -29.70
C LEU C 327 -12.46 40.42 -29.17
N ALA C 328 -13.29 39.45 -28.85
CA ALA C 328 -12.81 38.13 -28.48
C ALA C 328 -12.70 37.28 -29.73
N GLN C 329 -11.63 36.49 -29.81
CA GLN C 329 -11.30 35.77 -31.02
C GLN C 329 -11.24 34.28 -30.76
N LYS C 330 -11.25 33.51 -31.84
CA LYS C 330 -11.19 32.05 -31.78
C LYS C 330 -12.26 31.51 -30.84
N ILE C 331 -13.47 31.98 -31.06
CA ILE C 331 -14.59 31.74 -30.15
C ILE C 331 -15.05 30.31 -30.32
N GLU C 332 -14.70 29.45 -29.38
CA GLU C 332 -15.08 28.04 -29.43
C GLU C 332 -15.90 27.68 -28.21
N VAL C 333 -17.19 27.47 -28.41
CA VAL C 333 -18.11 27.13 -27.34
C VAL C 333 -18.38 25.64 -27.40
N ARG C 334 -18.39 25.00 -26.24
CA ARG C 334 -18.60 23.57 -26.14
C ARG C 334 -20.08 23.29 -25.92
N ILE C 335 -20.72 22.71 -26.93
CA ILE C 335 -22.14 22.35 -26.87
C ILE C 335 -22.24 20.85 -27.09
N PRO C 336 -22.25 20.03 -26.04
CA PRO C 336 -22.32 18.59 -26.22
C PRO C 336 -23.59 18.15 -26.96
N THR C 337 -23.40 17.36 -28.01
CA THR C 337 -24.55 16.75 -28.66
C THR C 337 -25.00 15.53 -27.86
N PRO C 338 -26.29 15.25 -27.83
CA PRO C 338 -26.77 13.98 -27.26
C PRO C 338 -26.08 12.79 -27.89
N LEU C 339 -25.77 11.79 -27.06
CA LEU C 339 -24.98 10.64 -27.50
C LEU C 339 -25.65 9.92 -28.67
N ASN C 340 -26.80 9.30 -28.41
CA ASN C 340 -27.56 8.68 -29.48
C ASN C 340 -27.94 9.74 -30.50
N THR C 341 -27.56 9.53 -31.74
CA THR C 341 -27.77 10.54 -32.76
C THR C 341 -28.41 9.93 -33.97
N SER C 342 -29.69 10.25 -34.18
CA SER C 342 -30.42 9.70 -35.31
C SER C 342 -30.82 10.83 -36.24
N GLY C 343 -31.41 11.89 -35.69
CA GLY C 343 -31.80 13.04 -36.47
C GLY C 343 -31.26 14.32 -35.88
N VAL C 344 -30.41 15.01 -36.64
CA VAL C 344 -29.81 16.24 -36.15
C VAL C 344 -30.67 17.42 -36.61
N GLN C 345 -30.67 18.48 -35.80
CA GLN C 345 -31.39 19.70 -36.13
C GLN C 345 -30.46 20.87 -35.78
N VAL C 346 -29.92 21.52 -36.81
CA VAL C 346 -28.85 22.49 -36.67
C VAL C 346 -29.39 23.89 -36.85
N ILE C 347 -28.87 24.82 -36.05
CA ILE C 347 -29.17 26.25 -36.18
C ILE C 347 -27.84 27.00 -36.26
N CYS C 348 -27.77 27.94 -37.19
CA CYS C 348 -26.56 28.74 -37.38
C CYS C 348 -26.92 30.21 -37.42
N MET C 349 -26.15 31.01 -36.71
CA MET C 349 -26.28 32.46 -36.77
C MET C 349 -25.04 33.15 -37.31
N LYS C 350 -23.88 32.90 -36.70
CA LYS C 350 -22.66 33.61 -37.07
C LYS C 350 -21.44 32.89 -36.50
N GLY C 351 -20.46 32.62 -37.37
CA GLY C 351 -19.25 31.96 -36.93
C GLY C 351 -18.91 30.80 -37.83
N LYS C 352 -18.71 29.63 -37.24
CA LYS C 352 -18.49 28.44 -38.05
C LYS C 352 -19.10 27.24 -37.35
N ALA C 353 -19.82 26.44 -38.12
CA ALA C 353 -20.39 25.20 -37.63
C ALA C 353 -19.32 24.13 -37.60
N LYS C 354 -18.99 23.66 -36.39
CA LYS C 354 -18.06 22.56 -36.21
C LYS C 354 -18.69 21.56 -35.25
N TYR C 355 -18.60 20.29 -35.60
CA TYR C 355 -19.14 19.24 -34.75
C TYR C 355 -17.99 18.45 -34.14
N LYS C 356 -18.24 17.91 -32.95
CA LYS C 356 -17.25 17.12 -32.23
C LYS C 356 -17.79 15.72 -32.02
N ALA C 357 -17.16 14.75 -32.68
CA ALA C 357 -17.45 13.34 -32.46
C ALA C 357 -16.44 12.78 -31.47
N SER C 358 -16.78 11.62 -30.89
CA SER C 358 -15.98 10.97 -29.85
C SER C 358 -16.03 11.80 -28.58
N GLU C 359 -16.66 12.96 -28.65
CA GLU C 359 -17.02 13.75 -27.49
C GLU C 359 -18.45 14.25 -27.63
N ASN C 360 -19.04 14.04 -28.80
CA ASN C 360 -20.47 14.23 -29.03
C ASN C 360 -20.86 15.67 -28.70
N ALA C 361 -20.33 16.59 -29.49
CA ALA C 361 -20.43 17.99 -29.11
C ALA C 361 -20.56 18.87 -30.34
N ILE C 362 -21.42 19.86 -30.24
CA ILE C 362 -21.48 20.96 -31.19
C ILE C 362 -20.39 21.93 -30.81
N VAL C 363 -19.43 22.11 -31.69
CA VAL C 363 -18.38 23.11 -31.51
C VAL C 363 -18.80 24.31 -32.33
N TRP C 364 -19.58 25.20 -31.72
CA TRP C 364 -19.98 26.43 -32.39
C TRP C 364 -18.76 27.34 -32.42
N LYS C 365 -17.77 26.96 -33.22
CA LYS C 365 -16.47 27.61 -33.23
C LYS C 365 -16.57 28.85 -34.09
N ILE C 366 -16.37 30.01 -33.47
CA ILE C 366 -16.49 31.28 -34.16
C ILE C 366 -15.11 31.90 -34.22
N LYS C 367 -14.75 32.39 -35.40
CA LYS C 367 -13.45 33.00 -35.64
C LYS C 367 -13.14 34.12 -34.66
N ARG C 368 -14.12 34.98 -34.42
CA ARG C 368 -13.97 36.11 -33.53
C ARG C 368 -15.36 36.63 -33.16
N MET C 369 -15.46 37.31 -32.02
CA MET C 369 -16.71 37.92 -31.60
C MET C 369 -16.42 39.28 -31.02
N ALA C 370 -17.22 40.28 -31.40
CA ALA C 370 -17.19 41.56 -30.71
C ALA C 370 -18.05 41.50 -29.46
N GLY C 371 -18.07 42.60 -28.73
CA GLY C 371 -18.89 42.67 -27.54
C GLY C 371 -20.35 42.91 -27.87
N MET C 372 -21.22 42.62 -26.90
CA MET C 372 -22.66 42.75 -27.04
C MET C 372 -23.19 42.06 -28.30
N LYS C 373 -22.98 40.76 -28.41
CA LYS C 373 -23.41 40.00 -29.58
C LYS C 373 -24.34 38.87 -29.16
N GLU C 374 -24.80 38.11 -30.14
CA GLU C 374 -25.70 36.99 -29.87
C GLU C 374 -25.66 36.03 -31.04
N SER C 375 -25.20 34.80 -30.81
CA SER C 375 -25.27 33.75 -31.81
C SER C 375 -25.98 32.54 -31.20
N GLN C 376 -27.10 32.17 -31.78
CA GLN C 376 -27.95 31.13 -31.24
C GLN C 376 -27.81 29.85 -32.05
N ILE C 377 -27.66 28.74 -31.36
CA ILE C 377 -27.70 27.43 -31.97
C ILE C 377 -28.70 26.57 -31.21
N SER C 378 -29.74 26.12 -31.88
CA SER C 378 -30.72 25.22 -31.31
C SER C 378 -30.53 23.84 -31.91
N ALA C 379 -30.56 22.83 -31.04
CA ALA C 379 -30.17 21.50 -31.46
C ALA C 379 -31.22 20.49 -31.03
N GLU C 380 -31.50 19.55 -31.93
CA GLU C 380 -32.28 18.36 -31.61
C GLU C 380 -31.50 17.16 -32.12
N ILE C 381 -31.39 16.13 -31.28
CA ILE C 381 -30.63 14.93 -31.61
C ILE C 381 -31.45 13.72 -31.17
N GLU C 382 -31.89 12.92 -32.13
CA GLU C 382 -32.78 11.82 -31.83
C GLU C 382 -32.02 10.67 -31.18
N LEU C 383 -32.72 9.94 -30.32
CA LEU C 383 -32.08 9.10 -29.33
C LEU C 383 -32.71 7.72 -29.32
N LEU C 384 -32.34 6.95 -28.30
CA LEU C 384 -32.95 5.69 -27.90
C LEU C 384 -32.91 5.64 -26.38
N PRO C 385 -33.99 5.21 -25.74
CA PRO C 385 -34.10 5.37 -24.27
C PRO C 385 -32.93 4.76 -23.51
N THR C 386 -32.21 5.63 -22.81
CA THR C 386 -31.16 5.19 -21.90
C THR C 386 -31.24 6.00 -20.61
N ASN C 387 -32.13 7.00 -20.58
CA ASN C 387 -32.30 7.83 -19.40
C ASN C 387 -33.13 7.04 -18.40
N ASP C 388 -32.43 6.40 -17.47
CA ASP C 388 -33.01 5.44 -16.54
C ASP C 388 -32.64 5.89 -15.11
N LYS C 389 -32.85 5.07 -14.09
CA LYS C 389 -32.29 5.37 -12.78
C LYS C 389 -30.83 5.81 -12.89
N LYS C 390 -30.10 5.27 -13.87
CA LYS C 390 -28.87 5.84 -14.36
C LYS C 390 -29.14 6.36 -15.77
N LYS C 391 -28.68 7.57 -16.06
CA LYS C 391 -29.18 8.30 -17.21
C LYS C 391 -28.05 9.09 -17.86
N TRP C 392 -28.43 9.93 -18.82
CA TRP C 392 -27.51 10.82 -19.51
C TRP C 392 -26.85 11.81 -18.57
N ALA C 393 -25.53 11.94 -18.68
CA ALA C 393 -24.79 12.93 -17.91
C ALA C 393 -24.83 14.24 -18.67
N ARG C 394 -25.40 15.27 -18.06
CA ARG C 394 -25.53 16.57 -18.68
C ARG C 394 -24.21 17.34 -18.58
N PRO C 395 -23.44 17.41 -19.65
CA PRO C 395 -22.12 18.03 -19.58
C PRO C 395 -22.22 19.54 -19.76
N PRO C 396 -21.82 20.31 -18.76
CA PRO C 396 -21.95 21.77 -18.83
C PRO C 396 -21.41 22.41 -20.10
N ILE C 397 -22.28 23.11 -20.82
CA ILE C 397 -21.90 23.87 -22.00
C ILE C 397 -21.01 25.03 -21.57
N SER C 398 -19.84 25.13 -22.18
CA SER C 398 -18.84 26.12 -21.81
C SER C 398 -18.39 26.92 -23.01
N MET C 399 -18.09 28.18 -22.77
CA MET C 399 -17.51 29.07 -23.77
C MET C 399 -16.03 29.21 -23.50
N ASN C 400 -15.21 28.92 -24.50
CA ASN C 400 -13.77 28.97 -24.37
C ASN C 400 -13.19 29.78 -25.52
N PHE C 401 -12.32 30.71 -25.19
CA PHE C 401 -12.00 31.81 -26.09
C PHE C 401 -10.82 32.58 -25.51
N GLU C 402 -10.50 33.69 -26.18
CA GLU C 402 -9.39 34.55 -25.77
C GLU C 402 -9.94 35.89 -25.32
N VAL C 403 -9.45 36.38 -24.19
CA VAL C 403 -9.82 37.72 -23.72
C VAL C 403 -8.79 38.25 -22.73
N PRO C 404 -8.21 39.40 -23.00
CA PRO C 404 -7.55 40.15 -21.92
C PRO C 404 -8.54 41.10 -21.30
N PHE C 405 -8.46 41.32 -20.00
CA PHE C 405 -9.54 42.04 -19.33
C PHE C 405 -9.18 42.41 -17.90
N ALA C 406 -9.72 43.53 -17.44
CA ALA C 406 -9.72 43.89 -16.03
C ALA C 406 -11.16 43.77 -15.54
N PRO C 407 -11.63 42.55 -15.27
CA PRO C 407 -13.06 42.37 -14.97
C PRO C 407 -13.53 43.19 -13.80
N SER C 408 -12.91 43.04 -12.63
CA SER C 408 -13.19 43.96 -11.54
C SER C 408 -12.72 45.36 -11.90
N GLY C 409 -11.68 45.46 -12.71
CA GLY C 409 -11.07 46.74 -12.96
C GLY C 409 -10.49 47.37 -11.71
N LEU C 410 -10.39 46.61 -10.62
CA LEU C 410 -9.60 47.04 -9.48
C LEU C 410 -8.15 47.10 -9.92
N LYS C 411 -7.59 48.29 -9.96
CA LYS C 411 -6.34 48.52 -10.66
C LYS C 411 -5.43 49.36 -9.79
N VAL C 412 -4.39 49.87 -10.41
CA VAL C 412 -3.31 50.55 -9.69
C VAL C 412 -3.85 51.84 -9.09
N ARG C 413 -4.07 51.82 -7.78
CA ARG C 413 -4.37 53.07 -7.08
C ARG C 413 -3.13 53.95 -7.04
N TYR C 414 -1.97 53.33 -6.89
CA TYR C 414 -0.68 53.99 -7.07
C TYR C 414 0.39 52.91 -7.10
N LEU C 415 1.65 53.30 -7.22
CA LEU C 415 2.74 52.33 -7.22
C LEU C 415 4.00 53.06 -6.81
N LYS C 416 4.54 52.69 -5.65
CA LYS C 416 5.65 53.41 -5.07
C LYS C 416 6.94 52.58 -5.17
N VAL C 417 7.81 52.99 -6.07
CA VAL C 417 9.08 52.32 -6.30
C VAL C 417 10.17 53.37 -6.28
N PHE C 418 11.40 52.97 -5.94
CA PHE C 418 12.50 53.90 -5.81
C PHE C 418 13.84 53.18 -5.91
N GLU C 419 14.89 53.87 -5.50
CA GLU C 419 16.10 53.24 -5.00
C GLU C 419 16.70 54.18 -3.97
N PRO C 420 16.27 54.11 -2.73
CA PRO C 420 16.67 55.13 -1.76
C PRO C 420 18.05 54.86 -1.21
N LYS C 421 18.99 54.51 -2.09
CA LYS C 421 20.35 54.31 -1.65
C LYS C 421 21.32 55.22 -2.39
N LEU C 422 21.30 55.18 -3.73
CA LEU C 422 22.29 56.00 -4.42
C LEU C 422 21.69 57.06 -5.34
N ASN C 423 21.07 56.64 -6.44
CA ASN C 423 20.61 57.62 -7.41
C ASN C 423 19.18 57.47 -7.89
N TYR C 424 18.81 56.28 -8.36
CA TYR C 424 17.65 56.23 -9.25
C TYR C 424 16.35 56.26 -8.46
N SER C 425 15.56 57.30 -8.71
CA SER C 425 14.35 57.55 -7.97
C SER C 425 13.16 56.84 -8.60
N ASP C 426 11.98 57.18 -8.09
CA ASP C 426 10.71 56.74 -8.65
C ASP C 426 10.66 57.02 -10.14
N HIS C 427 10.83 58.29 -10.50
CA HIS C 427 10.84 58.71 -11.89
C HIS C 427 11.89 57.97 -12.69
N ASP C 428 12.97 57.55 -12.05
CA ASP C 428 14.03 56.78 -12.68
C ASP C 428 13.63 55.33 -12.85
N VAL C 429 12.35 55.01 -12.66
CA VAL C 429 11.80 53.69 -12.93
C VAL C 429 10.62 53.84 -13.86
N ILE C 430 10.54 52.96 -14.86
CA ILE C 430 9.46 52.97 -15.84
C ILE C 430 8.65 51.70 -15.67
N LYS C 431 7.34 51.86 -15.56
CA LYS C 431 6.46 50.82 -15.04
C LYS C 431 5.53 50.34 -16.13
N TRP C 432 4.85 49.22 -15.85
CA TRP C 432 3.94 48.62 -16.81
C TRP C 432 2.91 47.79 -16.06
N VAL C 433 1.88 47.37 -16.79
CA VAL C 433 0.97 46.32 -16.33
C VAL C 433 0.17 45.81 -17.51
N ARG C 434 -0.32 44.59 -17.37
CA ARG C 434 -1.29 44.02 -18.30
C ARG C 434 -2.49 43.58 -17.49
N TYR C 435 -3.64 43.49 -18.16
CA TYR C 435 -4.85 43.03 -17.49
C TYR C 435 -5.51 41.95 -18.32
N ILE C 436 -5.13 40.70 -18.06
CA ILE C 436 -5.51 39.56 -18.87
C ILE C 436 -6.58 38.78 -18.13
N GLY C 437 -7.83 39.03 -18.49
CA GLY C 437 -8.90 38.16 -18.05
C GLY C 437 -8.67 36.72 -18.50
N ARG C 438 -9.39 35.81 -17.87
CA ARG C 438 -9.20 34.40 -18.16
C ARG C 438 -10.51 33.67 -17.91
N SER C 439 -11.25 33.41 -18.98
CA SER C 439 -12.56 32.77 -18.85
C SER C 439 -12.59 31.50 -19.69
N GLY C 440 -12.12 30.41 -19.10
CA GLY C 440 -12.36 29.09 -19.63
C GLY C 440 -13.39 28.43 -18.75
N ILE C 441 -13.57 29.00 -17.56
CA ILE C 441 -14.61 28.56 -16.64
C ILE C 441 -15.86 29.35 -17.02
N TYR C 442 -16.56 28.87 -18.03
CA TYR C 442 -17.81 29.47 -18.47
C TYR C 442 -18.80 28.36 -18.77
N GLU C 443 -18.85 27.36 -17.89
CA GLU C 443 -19.51 26.10 -18.17
C GLU C 443 -20.84 26.02 -17.46
N THR C 444 -21.88 25.66 -18.23
CA THR C 444 -23.16 25.28 -17.66
C THR C 444 -24.04 24.62 -18.70
N ARG C 445 -24.55 23.43 -18.40
CA ARG C 445 -25.65 22.84 -19.14
C ARG C 445 -26.63 22.28 -18.12
N CYS C 446 -26.08 21.76 -17.03
CA CYS C 446 -26.86 21.28 -15.90
C CYS C 446 -26.65 22.20 -14.72
N ASP D 11 -3.72 42.56 -25.92
CA ASP D 11 -3.27 42.84 -24.57
C ASP D 11 -1.94 43.57 -24.53
N TYR D 12 -1.11 43.33 -25.55
CA TYR D 12 0.24 43.87 -25.54
C TYR D 12 0.14 45.39 -25.64
N GLN D 13 0.28 46.06 -24.51
CA GLN D 13 0.06 47.50 -24.45
C GLN D 13 1.10 48.11 -23.53
N ARG D 14 1.50 49.33 -23.86
CA ARG D 14 2.38 50.09 -22.98
C ARG D 14 1.60 50.63 -21.80
N LEU D 15 2.22 50.60 -20.64
CA LEU D 15 1.71 51.31 -19.47
C LEU D 15 2.87 51.98 -18.76
N ASN D 16 2.54 52.73 -17.71
CA ASN D 16 3.49 53.34 -16.81
C ASN D 16 2.86 53.44 -15.43
N MET E 1 3.78 -30.97 -11.18
CA MET E 1 4.54 -31.10 -12.41
C MET E 1 5.13 -29.76 -12.79
N ILE E 2 5.79 -29.70 -13.95
CA ILE E 2 6.29 -28.44 -14.45
C ILE E 2 5.10 -27.53 -14.73
N ARG E 3 4.93 -26.51 -13.89
CA ARG E 3 3.88 -25.53 -14.15
C ARG E 3 4.12 -24.84 -15.48
N PHE E 4 5.31 -24.28 -15.65
CA PHE E 4 5.69 -23.64 -16.90
C PHE E 4 7.20 -23.50 -16.91
N ILE E 5 7.72 -22.91 -17.99
CA ILE E 5 9.14 -22.74 -18.21
C ILE E 5 9.38 -21.36 -18.79
N LEU E 6 9.95 -20.48 -17.99
CA LEU E 6 10.22 -19.13 -18.43
C LEU E 6 11.72 -18.88 -18.48
N ILE E 7 12.15 -18.20 -19.54
CA ILE E 7 13.54 -17.82 -19.72
C ILE E 7 13.58 -16.36 -20.12
N GLN E 8 14.30 -15.56 -19.36
CA GLN E 8 14.45 -14.14 -19.61
C GLN E 8 15.91 -13.78 -19.82
N ASN E 9 16.11 -12.66 -20.50
CA ASN E 9 17.45 -12.16 -20.74
C ASN E 9 17.85 -11.21 -19.62
N ARG E 10 19.15 -10.92 -19.56
CA ARG E 10 19.64 -9.82 -18.73
C ARG E 10 19.02 -8.50 -19.12
N ALA E 11 18.47 -8.40 -20.33
CA ALA E 11 17.72 -7.26 -20.77
C ALA E 11 16.27 -7.28 -20.29
N GLY E 12 15.98 -8.06 -19.25
CA GLY E 12 14.63 -8.07 -18.72
C GLY E 12 13.76 -9.13 -19.35
N LYS E 13 13.06 -8.73 -20.40
CA LYS E 13 12.00 -9.48 -21.08
C LYS E 13 12.23 -10.99 -21.15
N THR E 14 11.19 -11.75 -20.80
CA THR E 14 11.24 -13.20 -20.82
C THR E 14 11.45 -13.65 -22.25
N ARG E 15 12.65 -14.15 -22.54
CA ARG E 15 12.97 -14.55 -23.89
C ARG E 15 12.43 -15.91 -24.25
N LEU E 16 11.99 -16.69 -23.27
CA LEU E 16 11.21 -17.88 -23.58
C LEU E 16 10.12 -18.05 -22.54
N ALA E 17 8.88 -17.97 -23.00
CA ALA E 17 7.73 -18.28 -22.18
C ALA E 17 7.17 -19.63 -22.63
N LYS E 18 7.29 -20.61 -21.75
CA LYS E 18 6.83 -21.95 -22.06
C LYS E 18 5.96 -22.46 -20.92
N TRP E 19 4.73 -22.84 -21.22
CA TRP E 19 3.75 -23.09 -20.17
C TRP E 19 3.19 -24.50 -20.27
N TYR E 20 2.52 -24.94 -19.20
CA TYR E 20 1.93 -26.28 -19.22
C TYR E 20 0.48 -26.26 -18.77
N MET E 21 0.02 -25.12 -18.25
CA MET E 21 -1.40 -24.96 -17.95
C MET E 21 -1.93 -23.72 -18.66
N GLN E 22 -3.21 -23.46 -18.42
CA GLN E 22 -3.93 -22.38 -19.10
C GLN E 22 -3.73 -21.11 -18.31
N PHE E 23 -2.47 -20.70 -18.13
CA PHE E 23 -2.17 -19.40 -17.58
C PHE E 23 -2.69 -18.33 -18.53
N ASP E 24 -2.76 -17.10 -18.05
CA ASP E 24 -3.36 -16.04 -18.84
C ASP E 24 -2.50 -14.79 -18.79
N ASP E 25 -2.74 -13.91 -19.76
CA ASP E 25 -2.04 -12.65 -19.95
C ASP E 25 -1.76 -11.94 -18.64
N ASP E 26 -2.81 -11.71 -17.86
CA ASP E 26 -2.64 -11.16 -16.52
C ASP E 26 -1.74 -12.06 -15.68
N GLU E 27 -2.06 -13.35 -15.63
CA GLU E 27 -1.34 -14.28 -14.79
C GLU E 27 0.10 -14.44 -15.26
N LYS E 28 0.28 -14.75 -16.55
CA LYS E 28 1.62 -14.90 -17.11
C LYS E 28 2.43 -13.63 -16.90
N GLN E 29 1.82 -12.47 -17.10
CA GLN E 29 2.53 -11.21 -16.97
C GLN E 29 2.95 -10.97 -15.53
N LYS E 30 2.05 -11.21 -14.58
CA LYS E 30 2.40 -11.10 -13.18
C LYS E 30 3.55 -12.03 -12.83
N LEU E 31 3.48 -13.26 -13.32
CA LEU E 31 4.53 -14.23 -13.09
C LEU E 31 5.86 -13.68 -13.57
N ILE E 32 5.87 -13.23 -14.83
CA ILE E 32 7.08 -12.64 -15.40
C ILE E 32 7.62 -11.55 -14.50
N GLU E 33 6.80 -10.55 -14.21
CA GLU E 33 7.31 -9.36 -13.50
C GLU E 33 7.78 -9.71 -12.10
N GLU E 34 6.97 -10.44 -11.34
CA GLU E 34 7.33 -10.82 -9.98
C GLU E 34 8.60 -11.66 -9.97
N VAL E 35 8.63 -12.73 -10.77
CA VAL E 35 9.82 -13.59 -10.82
C VAL E 35 11.04 -12.77 -11.19
N HIS E 36 10.88 -11.84 -12.12
CA HIS E 36 12.00 -11.03 -12.58
C HIS E 36 12.53 -10.17 -11.44
N ALA E 37 11.63 -9.47 -10.76
CA ALA E 37 12.04 -8.67 -9.60
C ALA E 37 12.76 -9.52 -8.57
N VAL E 38 12.22 -10.72 -8.30
CA VAL E 38 12.85 -11.61 -7.34
C VAL E 38 14.26 -11.95 -7.77
N VAL E 39 14.41 -12.38 -9.02
CA VAL E 39 15.73 -12.72 -9.55
C VAL E 39 16.70 -11.55 -9.37
N THR E 40 16.24 -10.34 -9.66
CA THR E 40 17.08 -9.18 -9.44
C THR E 40 17.50 -9.05 -7.99
N VAL E 41 16.54 -9.03 -7.07
CA VAL E 41 16.88 -8.83 -5.67
C VAL E 41 17.58 -10.06 -5.09
N ARG E 42 17.38 -11.23 -5.67
CA ARG E 42 18.05 -12.43 -5.17
C ARG E 42 19.54 -12.34 -5.45
N ASP E 43 20.34 -12.35 -4.39
CA ASP E 43 21.79 -12.33 -4.57
C ASP E 43 22.34 -13.75 -4.60
N ALA E 44 23.66 -13.88 -4.48
CA ALA E 44 24.36 -15.09 -4.92
C ALA E 44 24.28 -16.27 -3.97
N LYS E 45 24.13 -16.07 -2.66
CA LYS E 45 24.08 -17.19 -1.73
C LYS E 45 22.81 -18.03 -1.89
N HIS E 46 21.95 -17.65 -2.83
CA HIS E 46 20.63 -18.24 -2.92
C HIS E 46 20.63 -19.65 -3.51
N THR E 47 19.44 -20.20 -3.66
CA THR E 47 19.22 -21.52 -4.23
C THR E 47 18.91 -21.39 -5.71
N ASN E 48 18.41 -22.47 -6.30
CA ASN E 48 17.82 -22.39 -7.63
C ASN E 48 16.32 -22.60 -7.59
N PHE E 49 15.70 -22.54 -6.42
CA PHE E 49 14.30 -22.91 -6.25
C PHE E 49 13.66 -21.99 -5.22
N VAL E 50 12.98 -20.95 -5.69
CA VAL E 50 12.36 -19.97 -4.81
C VAL E 50 10.86 -20.21 -4.80
N GLU E 51 10.29 -20.28 -3.62
CA GLU E 51 8.84 -20.32 -3.46
C GLU E 51 8.28 -18.92 -3.68
N PHE E 52 7.17 -18.81 -4.39
CA PHE E 52 6.53 -17.51 -4.57
C PHE E 52 5.12 -17.59 -3.98
N ARG E 53 5.04 -17.44 -2.66
CA ARG E 53 3.84 -17.14 -1.88
C ARG E 53 2.80 -18.25 -1.91
N ASN E 54 2.93 -19.21 -2.82
CA ASN E 54 2.17 -20.45 -2.62
C ASN E 54 2.94 -21.69 -3.09
N PHE E 55 4.02 -21.54 -3.84
CA PHE E 55 4.81 -22.66 -4.32
C PHE E 55 6.03 -22.11 -5.03
N LYS E 56 6.84 -23.01 -5.59
CA LYS E 56 8.21 -22.71 -5.97
C LYS E 56 8.36 -22.59 -7.48
N ILE E 57 9.52 -22.09 -7.91
CA ILE E 57 10.01 -22.25 -9.27
C ILE E 57 11.42 -22.79 -9.20
N ILE E 58 11.75 -23.72 -10.08
CA ILE E 58 13.14 -24.10 -10.33
C ILE E 58 13.71 -23.08 -11.30
N TYR E 59 14.40 -22.09 -10.75
CA TYR E 59 14.95 -21.03 -11.58
C TYR E 59 16.44 -21.27 -11.76
N ARG E 60 16.99 -20.81 -12.87
CA ARG E 60 18.41 -20.92 -13.12
C ARG E 60 18.92 -19.63 -13.73
N ARG E 61 19.77 -18.94 -12.98
CA ARG E 61 20.32 -17.66 -13.39
C ARG E 61 21.61 -17.87 -14.18
N TYR E 62 21.82 -16.98 -15.15
CA TYR E 62 23.06 -16.95 -15.92
C TYR E 62 23.35 -15.47 -16.18
N ALA E 63 24.62 -15.15 -16.43
CA ALA E 63 25.08 -13.78 -16.66
C ALA E 63 24.06 -13.06 -17.53
N GLY E 64 23.63 -13.64 -18.64
CA GLY E 64 22.59 -13.01 -19.44
C GLY E 64 21.23 -13.66 -19.31
N LEU E 65 21.17 -14.96 -19.02
CA LEU E 65 19.95 -15.74 -19.15
C LEU E 65 19.46 -16.16 -17.78
N TYR E 66 18.16 -16.38 -17.65
CA TYR E 66 17.54 -16.75 -16.40
C TYR E 66 16.47 -17.80 -16.70
N PHE E 67 16.82 -19.06 -16.51
CA PHE E 67 15.94 -20.17 -16.86
C PHE E 67 15.07 -20.47 -15.65
N CYS E 68 13.79 -20.16 -15.75
CA CYS E 68 12.86 -20.32 -14.65
C CYS E 68 11.81 -21.35 -15.03
N ILE E 69 11.75 -22.43 -14.25
CA ILE E 69 10.82 -23.52 -14.47
C ILE E 69 10.02 -23.71 -13.20
N CYS E 70 8.70 -23.72 -13.32
CA CYS E 70 7.85 -23.65 -12.16
C CYS E 70 7.28 -25.03 -11.81
N VAL E 71 7.41 -25.39 -10.54
CA VAL E 71 6.86 -26.62 -9.97
C VAL E 71 6.18 -26.19 -8.67
N ASP E 72 5.71 -27.13 -7.86
CA ASP E 72 4.95 -26.60 -6.74
C ASP E 72 5.52 -26.83 -5.33
N VAL E 73 5.51 -28.05 -4.83
CA VAL E 73 5.86 -28.22 -3.42
C VAL E 73 6.75 -29.42 -3.15
N ASN E 74 6.70 -30.41 -4.03
CA ASN E 74 7.17 -31.75 -3.67
C ASN E 74 8.34 -32.22 -4.51
N ASP E 75 8.45 -31.73 -5.73
CA ASP E 75 9.42 -32.22 -6.70
C ASP E 75 10.83 -32.00 -6.20
N ASN E 76 11.66 -33.03 -6.29
CA ASN E 76 13.01 -33.02 -5.72
C ASN E 76 13.83 -32.06 -6.58
N ASN E 77 13.90 -30.82 -6.13
CA ASN E 77 14.57 -29.71 -6.79
C ASN E 77 15.89 -30.09 -7.44
N LEU E 78 16.71 -30.88 -6.74
CA LEU E 78 18.05 -31.18 -7.22
C LEU E 78 18.03 -31.86 -8.58
N ALA E 79 17.20 -32.88 -8.73
CA ALA E 79 17.10 -33.64 -9.97
C ALA E 79 16.78 -32.70 -11.12
N TYR E 80 15.81 -31.82 -10.90
CA TYR E 80 15.38 -30.91 -11.96
C TYR E 80 16.43 -29.87 -12.24
N LEU E 81 17.15 -29.43 -11.21
CA LEU E 81 18.28 -28.54 -11.41
C LEU E 81 19.31 -29.16 -12.33
N GLU E 82 19.65 -30.42 -12.07
CA GLU E 82 20.60 -31.12 -12.93
C GLU E 82 20.03 -31.30 -14.33
N ALA E 83 18.72 -31.51 -14.42
CA ALA E 83 18.07 -31.60 -15.73
C ALA E 83 18.22 -30.30 -16.50
N ILE E 84 18.03 -29.17 -15.82
CA ILE E 84 18.14 -27.87 -16.46
C ILE E 84 19.58 -27.66 -16.90
N HIS E 85 20.53 -27.95 -16.01
CA HIS E 85 21.93 -27.85 -16.35
C HIS E 85 22.24 -28.67 -17.60
N ASN E 86 21.73 -29.90 -17.65
CA ASN E 86 21.87 -30.78 -18.80
C ASN E 86 21.34 -30.10 -20.05
N PHE E 87 20.14 -29.54 -19.95
CA PHE E 87 19.50 -28.92 -21.10
C PHE E 87 20.33 -27.74 -21.61
N VAL E 88 20.86 -26.94 -20.67
CA VAL E 88 21.75 -25.84 -21.05
C VAL E 88 22.95 -26.37 -21.80
N GLU E 89 23.58 -27.41 -21.26
CA GLU E 89 24.69 -28.06 -21.96
C GLU E 89 24.29 -28.38 -23.38
N VAL E 90 23.15 -29.06 -23.55
CA VAL E 90 22.67 -29.46 -24.86
C VAL E 90 22.55 -28.26 -25.79
N LEU E 91 21.97 -27.18 -25.27
CA LEU E 91 21.73 -26.01 -26.11
C LEU E 91 23.02 -25.43 -26.64
N ASN E 92 23.88 -24.93 -25.75
CA ASN E 92 25.11 -24.29 -26.20
C ASN E 92 26.02 -25.28 -26.93
N GLU E 93 25.85 -26.58 -26.67
CA GLU E 93 26.54 -27.58 -27.47
C GLU E 93 26.08 -27.47 -28.91
N TYR E 94 24.78 -27.74 -29.13
CA TYR E 94 24.23 -27.66 -30.47
C TYR E 94 24.28 -26.25 -31.01
N PHE E 95 23.96 -25.27 -30.17
CA PHE E 95 23.96 -23.89 -30.61
C PHE E 95 25.33 -23.27 -30.56
N HIS E 96 26.36 -24.05 -30.22
CA HIS E 96 27.74 -23.71 -30.49
C HIS E 96 28.08 -22.30 -30.01
N ASN E 97 28.05 -22.13 -28.69
CA ASN E 97 28.23 -20.83 -28.07
C ASN E 97 27.14 -19.89 -28.60
N VAL E 98 25.89 -20.19 -28.25
CA VAL E 98 24.76 -19.42 -28.72
C VAL E 98 24.87 -17.97 -28.25
N CYS E 99 24.70 -17.04 -29.18
CA CYS E 99 24.35 -15.68 -28.84
C CYS E 99 22.85 -15.54 -28.99
N GLU E 100 22.26 -14.64 -28.20
CA GLU E 100 20.80 -14.52 -28.20
C GLU E 100 20.24 -14.37 -29.60
N LEU E 101 20.96 -13.66 -30.48
CA LEU E 101 20.50 -13.46 -31.85
C LEU E 101 20.25 -14.80 -32.54
N ASP E 102 21.02 -15.83 -32.20
CA ASP E 102 20.77 -17.15 -32.78
C ASP E 102 19.34 -17.59 -32.53
N LEU E 103 18.93 -17.61 -31.27
CA LEU E 103 17.57 -18.04 -30.96
C LEU E 103 16.55 -17.03 -31.44
N VAL E 104 16.91 -15.75 -31.51
CA VAL E 104 16.06 -14.74 -32.14
C VAL E 104 15.67 -15.23 -33.53
N PHE E 105 16.58 -15.93 -34.19
CA PHE E 105 16.22 -16.60 -35.42
C PHE E 105 15.88 -18.07 -35.22
N ASN E 106 16.08 -18.62 -34.02
CA ASN E 106 15.90 -20.05 -33.82
C ASN E 106 15.27 -20.35 -32.46
N PHE E 107 14.41 -19.46 -31.97
CA PHE E 107 13.70 -19.76 -30.72
C PHE E 107 12.85 -21.01 -30.85
N TYR E 108 12.23 -21.19 -32.03
CA TYR E 108 11.37 -22.34 -32.26
C TYR E 108 12.12 -23.65 -32.11
N LYS E 109 13.41 -23.66 -32.47
CA LYS E 109 14.21 -24.87 -32.33
C LYS E 109 14.33 -25.27 -30.87
N VAL E 110 14.73 -24.32 -30.03
CA VAL E 110 14.83 -24.53 -28.59
C VAL E 110 13.48 -25.01 -28.09
N TYR E 111 12.41 -24.36 -28.57
CA TYR E 111 11.08 -24.69 -28.07
C TYR E 111 10.71 -26.13 -28.39
N THR E 112 10.88 -26.52 -29.65
CA THR E 112 10.51 -27.87 -30.04
C THR E 112 11.40 -28.92 -29.41
N VAL E 113 12.67 -28.62 -29.15
CA VAL E 113 13.47 -29.62 -28.46
C VAL E 113 13.04 -29.74 -27.00
N VAL E 114 12.71 -28.62 -26.35
CA VAL E 114 12.08 -28.68 -25.03
C VAL E 114 10.88 -29.62 -25.09
N ASP E 115 9.98 -29.35 -26.02
CA ASP E 115 8.82 -30.20 -26.24
C ASP E 115 9.24 -31.66 -26.39
N GLU E 116 10.37 -31.87 -27.07
CA GLU E 116 10.87 -33.22 -27.26
C GLU E 116 11.18 -33.88 -25.93
N MET E 117 12.17 -33.37 -25.18
CA MET E 117 12.65 -34.11 -24.01
C MET E 117 11.82 -33.80 -22.78
N PHE E 118 10.93 -32.81 -22.85
CA PHE E 118 10.04 -32.49 -21.74
C PHE E 118 8.63 -32.39 -22.28
N LEU E 119 7.68 -33.02 -21.61
CA LEU E 119 6.30 -33.06 -22.11
C LEU E 119 5.32 -33.05 -20.95
N ALA E 120 4.13 -32.51 -21.22
CA ALA E 120 2.96 -32.57 -20.36
C ALA E 120 3.22 -32.08 -18.95
N GLY E 121 4.23 -31.23 -18.75
CA GLY E 121 4.59 -30.79 -17.42
C GLY E 121 5.63 -31.66 -16.76
N GLU E 122 6.23 -32.58 -17.50
CA GLU E 122 7.22 -33.49 -16.95
C GLU E 122 8.34 -33.68 -17.96
N ILE E 123 9.41 -34.31 -17.52
CA ILE E 123 10.51 -34.69 -18.40
C ILE E 123 10.03 -35.81 -19.31
N ARG E 124 10.02 -35.57 -20.61
CA ARG E 124 9.73 -36.65 -21.52
C ARG E 124 10.97 -37.50 -21.79
N GLU E 125 12.14 -36.87 -21.85
CA GLU E 125 13.39 -37.59 -22.05
C GLU E 125 14.55 -36.87 -21.36
N THR E 126 15.55 -37.66 -21.00
CA THR E 126 16.87 -37.18 -20.58
C THR E 126 17.95 -38.16 -21.02
N SER E 127 18.54 -37.95 -22.20
CA SER E 127 19.60 -38.84 -22.65
C SER E 127 20.56 -38.11 -23.58
N GLN E 128 21.66 -37.62 -23.02
CA GLN E 128 22.43 -36.56 -23.66
C GLN E 128 22.85 -36.93 -25.08
N THR E 129 23.53 -38.06 -25.23
CA THR E 129 23.99 -38.48 -26.55
C THR E 129 22.79 -38.69 -27.46
N LYS E 130 21.77 -39.40 -26.98
CA LYS E 130 20.58 -39.65 -27.78
C LYS E 130 19.84 -38.36 -28.07
N VAL E 131 19.79 -37.45 -27.10
CA VAL E 131 19.16 -36.15 -27.32
C VAL E 131 19.84 -35.45 -28.48
N LEU E 132 21.17 -35.32 -28.41
CA LEU E 132 21.90 -34.66 -29.48
C LEU E 132 21.70 -35.36 -30.81
N LYS E 133 21.78 -36.69 -30.81
CA LYS E 133 21.59 -37.50 -32.01
C LYS E 133 20.26 -37.18 -32.68
N GLN E 134 19.17 -37.36 -31.92
CA GLN E 134 17.84 -37.20 -32.47
C GLN E 134 17.60 -35.76 -32.87
N LEU E 135 18.08 -34.81 -32.07
CA LEU E 135 18.04 -33.40 -32.42
C LEU E 135 18.64 -33.17 -33.80
N LEU E 136 19.91 -33.49 -33.95
CA LEU E 136 20.62 -33.23 -35.20
C LEU E 136 19.95 -33.93 -36.37
N MET E 137 19.65 -35.22 -36.23
CA MET E 137 18.98 -35.95 -37.29
C MET E 137 17.62 -35.37 -37.61
N LEU E 138 16.99 -34.69 -36.66
CA LEU E 138 15.71 -34.05 -36.88
C LEU E 138 15.84 -32.53 -36.91
N GLN E 139 17.06 -32.01 -36.83
CA GLN E 139 17.34 -30.60 -37.10
C GLN E 139 17.54 -30.45 -38.61
N SER E 140 17.00 -31.43 -39.33
CA SER E 140 17.09 -31.51 -40.78
C SER E 140 15.71 -31.83 -41.35
N LEU E 141 14.67 -31.53 -40.58
CA LEU E 141 13.30 -31.93 -40.93
C LEU E 141 12.56 -30.73 -41.50
N GLU E 142 12.35 -30.74 -42.81
CA GLU E 142 11.53 -29.72 -43.44
C GLU E 142 10.10 -30.22 -43.61
#